data_5ZNE
# 
_entry.id   5ZNE 
# 
_audit_conform.dict_name       mmcif_pdbx.dic 
_audit_conform.dict_version    5.380 
_audit_conform.dict_location   http://mmcif.pdb.org/dictionaries/ascii/mmcif_pdbx.dic 
# 
loop_
_database_2.database_id 
_database_2.database_code 
_database_2.pdbx_database_accession 
_database_2.pdbx_DOI 
PDB   5ZNE         pdb_00005zne 10.2210/pdb5zne/pdb 
WWPDB D_1300007383 ?            ?                   
# 
_pdbx_database_status.status_code                     REL 
_pdbx_database_status.status_code_sf                  REL 
_pdbx_database_status.status_code_mr                  ? 
_pdbx_database_status.entry_id                        5ZNE 
_pdbx_database_status.recvd_initial_deposition_date   2018-04-09 
_pdbx_database_status.SG_entry                        N 
_pdbx_database_status.deposit_site                    PDBJ 
_pdbx_database_status.process_site                    PDBJ 
_pdbx_database_status.status_code_cs                  ? 
_pdbx_database_status.methods_development_category    ? 
_pdbx_database_status.pdb_format_compatible           Y 
_pdbx_database_status.status_code_nmr_data            ? 
# 
loop_
_audit_author.name 
_audit_author.pdbx_ordinal 
_audit_author.identifier_ORCID 
'Guo, L.W.'  1 ? 
'Huang, D.'  2 ? 
'Liu, J.F.'  3 ? 
'Peng, Y.L.' 4 ? 
# 
_citation.abstract                  ? 
_citation.abstract_id_CAS           ? 
_citation.book_id_ISBN              ? 
_citation.book_publisher            ? 
_citation.book_publisher_city       ? 
_citation.book_title                ? 
_citation.coordinate_linkage        ? 
_citation.country                   US 
_citation.database_id_Medline       ? 
_citation.details                   ? 
_citation.id                        primary 
_citation.journal_abbrev            'Proc. Natl. Acad. Sci. U.S.A.' 
_citation.journal_id_ASTM           PNASA6 
_citation.journal_id_CSD            0040 
_citation.journal_id_ISSN           1091-6490 
_citation.journal_full              ? 
_citation.journal_issue             ? 
_citation.journal_volume            115 
_citation.language                  ? 
_citation.page_first                11637 
_citation.page_last                 11642 
_citation.title                     
'Specific recognition of two MAX effectors by integrated HMA domains in plant immune receptors involves distinct binding surfaces' 
_citation.year                      2018 
_citation.database_id_CSD           ? 
_citation.pdbx_database_id_DOI      10.1073/pnas.1810705115 
_citation.pdbx_database_id_PubMed   30355769 
_citation.unpublished_flag          ? 
# 
loop_
_citation_author.citation_id 
_citation_author.name 
_citation_author.ordinal 
_citation_author.identifier_ORCID 
primary 'Guo, L.'        1  ?                   
primary 'Cesari, S.'     2  ?                   
primary 'de Guillen, K.' 3  ?                   
primary 'Chalvon, V.'    4  ?                   
primary 'Mammri, L.'     5  ?                   
primary 'Ma, M.'         6  ?                   
primary 'Meusnier, I.'   7  ?                   
primary 'Bonnot, F.'     8  ?                   
primary 'Padilla, A.'    9  ?                   
primary 'Peng, Y.L.'     10 ?                   
primary 'Liu, J.'        11 ?                   
primary 'Kroj, T.'       12 0000-0002-3752-1788 
# 
_cell.angle_alpha                  90.00 
_cell.angle_alpha_esd              ? 
_cell.angle_beta                   90.00 
_cell.angle_beta_esd               ? 
_cell.angle_gamma                  90.00 
_cell.angle_gamma_esd              ? 
_cell.entry_id                     5ZNE 
_cell.details                      ? 
_cell.formula_units_Z              ? 
_cell.length_a                     55.619 
_cell.length_a_esd                 ? 
_cell.length_b                     55.619 
_cell.length_b_esd                 ? 
_cell.length_c                     78.335 
_cell.length_c_esd                 ? 
_cell.volume                       ? 
_cell.volume_esd                   ? 
_cell.Z_PDB                        8 
_cell.reciprocal_angle_alpha       ? 
_cell.reciprocal_angle_beta        ? 
_cell.reciprocal_angle_gamma       ? 
_cell.reciprocal_angle_alpha_esd   ? 
_cell.reciprocal_angle_beta_esd    ? 
_cell.reciprocal_angle_gamma_esd   ? 
_cell.reciprocal_length_a          ? 
_cell.reciprocal_length_b          ? 
_cell.reciprocal_length_c          ? 
_cell.reciprocal_length_a_esd      ? 
_cell.reciprocal_length_b_esd      ? 
_cell.reciprocal_length_c_esd      ? 
_cell.pdbx_unique_axis             ? 
# 
_symmetry.entry_id                         5ZNE 
_symmetry.cell_setting                     ? 
_symmetry.Int_Tables_number                95 
_symmetry.space_group_name_Hall            ? 
_symmetry.space_group_name_H-M             'P 43 2 2' 
_symmetry.pdbx_full_space_group_name_H-M   ? 
# 
loop_
_entity.id 
_entity.type 
_entity.src_method 
_entity.pdbx_description 
_entity.formula_weight 
_entity.pdbx_number_of_molecules 
_entity.pdbx_ec 
_entity.pdbx_mutation 
_entity.pdbx_fragment 
_entity.details 
1 polymer man 'NBS-LRR type protein' 14895.397 1  ? ? 'S domain' 'SF file contains Friedel pairs.' 
2 water   nat water                  18.015    41 ? ? ?          ?                                 
# 
_entity_name_com.entity_id   1 
_entity_name_com.name        RGA5A 
# 
_entity_poly.entity_id                      1 
_entity_poly.type                           'polypeptide(L)' 
_entity_poly.nstd_linkage                   no 
_entity_poly.nstd_monomer                   no 
_entity_poly.pdbx_seq_one_letter_code       
;MDLSNMESVVESALTGQRTKIVVKVHMPCGKSRAKAMALAASVNGVDSVEITGEDKDRLVVVGRGIDPVRLVALLREKCG
LAELLMVELVEKEKTQLAGGKKGAYKKHPTYNLSPFDYVEYPPSAPIMQDINPCSTM
;
_entity_poly.pdbx_seq_one_letter_code_can   
;MDLSNMESVVESALTGQRTKIVVKVHMPCGKSRAKAMALAASVNGVDSVEITGEDKDRLVVVGRGIDPVRLVALLREKCG
LAELLMVELVEKEKTQLAGGKKGAYKKHPTYNLSPFDYVEYPPSAPIMQDINPCSTM
;
_entity_poly.pdbx_strand_id                 A 
_entity_poly.pdbx_target_identifier         ? 
# 
loop_
_entity_poly_seq.entity_id 
_entity_poly_seq.num 
_entity_poly_seq.mon_id 
_entity_poly_seq.hetero 
1 1   MET n 
1 2   ASP n 
1 3   LEU n 
1 4   SER n 
1 5   ASN n 
1 6   MET n 
1 7   GLU n 
1 8   SER n 
1 9   VAL n 
1 10  VAL n 
1 11  GLU n 
1 12  SER n 
1 13  ALA n 
1 14  LEU n 
1 15  THR n 
1 16  GLY n 
1 17  GLN n 
1 18  ARG n 
1 19  THR n 
1 20  LYS n 
1 21  ILE n 
1 22  VAL n 
1 23  VAL n 
1 24  LYS n 
1 25  VAL n 
1 26  HIS n 
1 27  MET n 
1 28  PRO n 
1 29  CYS n 
1 30  GLY n 
1 31  LYS n 
1 32  SER n 
1 33  ARG n 
1 34  ALA n 
1 35  LYS n 
1 36  ALA n 
1 37  MET n 
1 38  ALA n 
1 39  LEU n 
1 40  ALA n 
1 41  ALA n 
1 42  SER n 
1 43  VAL n 
1 44  ASN n 
1 45  GLY n 
1 46  VAL n 
1 47  ASP n 
1 48  SER n 
1 49  VAL n 
1 50  GLU n 
1 51  ILE n 
1 52  THR n 
1 53  GLY n 
1 54  GLU n 
1 55  ASP n 
1 56  LYS n 
1 57  ASP n 
1 58  ARG n 
1 59  LEU n 
1 60  VAL n 
1 61  VAL n 
1 62  VAL n 
1 63  GLY n 
1 64  ARG n 
1 65  GLY n 
1 66  ILE n 
1 67  ASP n 
1 68  PRO n 
1 69  VAL n 
1 70  ARG n 
1 71  LEU n 
1 72  VAL n 
1 73  ALA n 
1 74  LEU n 
1 75  LEU n 
1 76  ARG n 
1 77  GLU n 
1 78  LYS n 
1 79  CYS n 
1 80  GLY n 
1 81  LEU n 
1 82  ALA n 
1 83  GLU n 
1 84  LEU n 
1 85  LEU n 
1 86  MET n 
1 87  VAL n 
1 88  GLU n 
1 89  LEU n 
1 90  VAL n 
1 91  GLU n 
1 92  LYS n 
1 93  GLU n 
1 94  LYS n 
1 95  THR n 
1 96  GLN n 
1 97  LEU n 
1 98  ALA n 
1 99  GLY n 
1 100 GLY n 
1 101 LYS n 
1 102 LYS n 
1 103 GLY n 
1 104 ALA n 
1 105 TYR n 
1 106 LYS n 
1 107 LYS n 
1 108 HIS n 
1 109 PRO n 
1 110 THR n 
1 111 TYR n 
1 112 ASN n 
1 113 LEU n 
1 114 SER n 
1 115 PRO n 
1 116 PHE n 
1 117 ASP n 
1 118 TYR n 
1 119 VAL n 
1 120 GLU n 
1 121 TYR n 
1 122 PRO n 
1 123 PRO n 
1 124 SER n 
1 125 ALA n 
1 126 PRO n 
1 127 ILE n 
1 128 MET n 
1 129 GLN n 
1 130 ASP n 
1 131 ILE n 
1 132 ASN n 
1 133 PRO n 
1 134 CYS n 
1 135 SER n 
1 136 THR n 
1 137 MET n 
# 
_entity_src_gen.entity_id                          1 
_entity_src_gen.pdbx_src_id                        1 
_entity_src_gen.pdbx_alt_source_flag               sample 
_entity_src_gen.pdbx_seq_type                      'Biological sequence' 
_entity_src_gen.pdbx_beg_seq_num                   1 
_entity_src_gen.pdbx_end_seq_num                   137 
_entity_src_gen.gene_src_common_name               Rice 
_entity_src_gen.gene_src_genus                     ? 
_entity_src_gen.pdbx_gene_src_gene                 Os11gRGA5 
_entity_src_gen.gene_src_species                   ? 
_entity_src_gen.gene_src_strain                    ? 
_entity_src_gen.gene_src_tissue                    ? 
_entity_src_gen.gene_src_tissue_fraction           ? 
_entity_src_gen.gene_src_details                   ? 
_entity_src_gen.pdbx_gene_src_fragment             ? 
_entity_src_gen.pdbx_gene_src_scientific_name      'Oryza sativa subsp. japonica' 
_entity_src_gen.pdbx_gene_src_ncbi_taxonomy_id     39947 
_entity_src_gen.pdbx_gene_src_variant              ? 
_entity_src_gen.pdbx_gene_src_cell_line            ? 
_entity_src_gen.pdbx_gene_src_atcc                 ? 
_entity_src_gen.pdbx_gene_src_organ                ? 
_entity_src_gen.pdbx_gene_src_organelle            ? 
_entity_src_gen.pdbx_gene_src_cell                 ? 
_entity_src_gen.pdbx_gene_src_cellular_location    ? 
_entity_src_gen.host_org_common_name               ? 
_entity_src_gen.pdbx_host_org_scientific_name      'Escherichia coli' 
_entity_src_gen.pdbx_host_org_ncbi_taxonomy_id     562 
_entity_src_gen.host_org_genus                     ? 
_entity_src_gen.pdbx_host_org_gene                 ? 
_entity_src_gen.pdbx_host_org_organ                ? 
_entity_src_gen.host_org_species                   ? 
_entity_src_gen.pdbx_host_org_tissue               ? 
_entity_src_gen.pdbx_host_org_tissue_fraction      ? 
_entity_src_gen.pdbx_host_org_strain               ? 
_entity_src_gen.pdbx_host_org_variant              ? 
_entity_src_gen.pdbx_host_org_cell_line            ? 
_entity_src_gen.pdbx_host_org_atcc                 ? 
_entity_src_gen.pdbx_host_org_culture_collection   ? 
_entity_src_gen.pdbx_host_org_cell                 ? 
_entity_src_gen.pdbx_host_org_organelle            ? 
_entity_src_gen.pdbx_host_org_cellular_location    ? 
_entity_src_gen.pdbx_host_org_vector_type          ? 
_entity_src_gen.pdbx_host_org_vector               ? 
_entity_src_gen.host_org_details                   ? 
_entity_src_gen.expression_system_id               ? 
_entity_src_gen.plasmid_name                       ? 
_entity_src_gen.plasmid_details                    ? 
_entity_src_gen.pdbx_description                   ? 
# 
_struct_ref.id                         1 
_struct_ref.db_name                    UNP 
_struct_ref.db_code                    F7J0N2_ORYSJ 
_struct_ref.pdbx_db_accession          F7J0N2 
_struct_ref.pdbx_db_isoform            ? 
_struct_ref.entity_id                  1 
_struct_ref.pdbx_seq_one_letter_code   
;LSNMESVVESALTGQRTKIVVKVHMPCGKSRAKAMALAASVNGVDSVEITGEDKDRLVVVGRGIDPVRLVALLREKCGLA
ELLMVELVEKEKTQLAGGKKGAYKKHPTYNLSPFDYVEYPPSAPIMQDINPCSTM
;
_struct_ref.pdbx_align_begin           982 
# 
_struct_ref_seq.align_id                      1 
_struct_ref_seq.ref_id                        1 
_struct_ref_seq.pdbx_PDB_id_code              5ZNE 
_struct_ref_seq.pdbx_strand_id                A 
_struct_ref_seq.seq_align_beg                 3 
_struct_ref_seq.pdbx_seq_align_beg_ins_code   ? 
_struct_ref_seq.seq_align_end                 137 
_struct_ref_seq.pdbx_seq_align_end_ins_code   ? 
_struct_ref_seq.pdbx_db_accession             F7J0N2 
_struct_ref_seq.db_align_beg                  982 
_struct_ref_seq.pdbx_db_align_beg_ins_code    ? 
_struct_ref_seq.db_align_end                  1116 
_struct_ref_seq.pdbx_db_align_end_ins_code    ? 
_struct_ref_seq.pdbx_auth_seq_align_beg       982 
_struct_ref_seq.pdbx_auth_seq_align_end       1116 
# 
loop_
_struct_ref_seq_dif.align_id 
_struct_ref_seq_dif.pdbx_pdb_id_code 
_struct_ref_seq_dif.mon_id 
_struct_ref_seq_dif.pdbx_pdb_strand_id 
_struct_ref_seq_dif.seq_num 
_struct_ref_seq_dif.pdbx_pdb_ins_code 
_struct_ref_seq_dif.pdbx_seq_db_name 
_struct_ref_seq_dif.pdbx_seq_db_accession_code 
_struct_ref_seq_dif.db_mon_id 
_struct_ref_seq_dif.pdbx_seq_db_seq_num 
_struct_ref_seq_dif.details 
_struct_ref_seq_dif.pdbx_auth_seq_num 
_struct_ref_seq_dif.pdbx_ordinal 
1 5ZNE MET A 1 ? UNP F7J0N2 ? ? 'initiating methionine' 980 1 
1 5ZNE ASP A 2 ? UNP F7J0N2 ? ? 'expression tag'        981 2 
# 
loop_
_chem_comp.id 
_chem_comp.type 
_chem_comp.mon_nstd_flag 
_chem_comp.name 
_chem_comp.pdbx_synonyms 
_chem_comp.formula 
_chem_comp.formula_weight 
ALA 'L-peptide linking' y ALANINE         ? 'C3 H7 N O2'     89.093  
ARG 'L-peptide linking' y ARGININE        ? 'C6 H15 N4 O2 1' 175.209 
ASN 'L-peptide linking' y ASPARAGINE      ? 'C4 H8 N2 O3'    132.118 
ASP 'L-peptide linking' y 'ASPARTIC ACID' ? 'C4 H7 N O4'     133.103 
CYS 'L-peptide linking' y CYSTEINE        ? 'C3 H7 N O2 S'   121.158 
GLN 'L-peptide linking' y GLUTAMINE       ? 'C5 H10 N2 O3'   146.144 
GLU 'L-peptide linking' y 'GLUTAMIC ACID' ? 'C5 H9 N O4'     147.129 
GLY 'peptide linking'   y GLYCINE         ? 'C2 H5 N O2'     75.067  
HIS 'L-peptide linking' y HISTIDINE       ? 'C6 H10 N3 O2 1' 156.162 
HOH non-polymer         . WATER           ? 'H2 O'           18.015  
ILE 'L-peptide linking' y ISOLEUCINE      ? 'C6 H13 N O2'    131.173 
LEU 'L-peptide linking' y LEUCINE         ? 'C6 H13 N O2'    131.173 
LYS 'L-peptide linking' y LYSINE          ? 'C6 H15 N2 O2 1' 147.195 
MET 'L-peptide linking' y METHIONINE      ? 'C5 H11 N O2 S'  149.211 
PHE 'L-peptide linking' y PHENYLALANINE   ? 'C9 H11 N O2'    165.189 
PRO 'L-peptide linking' y PROLINE         ? 'C5 H9 N O2'     115.130 
SER 'L-peptide linking' y SERINE          ? 'C3 H7 N O3'     105.093 
THR 'L-peptide linking' y THREONINE       ? 'C4 H9 N O3'     119.119 
TYR 'L-peptide linking' y TYROSINE        ? 'C9 H11 N O3'    181.189 
VAL 'L-peptide linking' y VALINE          ? 'C5 H11 N O2'    117.146 
# 
_exptl.absorpt_coefficient_mu     ? 
_exptl.absorpt_correction_T_max   ? 
_exptl.absorpt_correction_T_min   ? 
_exptl.absorpt_correction_type    ? 
_exptl.absorpt_process_details    ? 
_exptl.entry_id                   5ZNE 
_exptl.crystals_number            1 
_exptl.details                    ? 
_exptl.method                     'X-RAY DIFFRACTION' 
_exptl.method_details             ? 
# 
_exptl_crystal.colour                      ? 
_exptl_crystal.density_diffrn              ? 
_exptl_crystal.density_Matthews            2.03 
_exptl_crystal.density_method              ? 
_exptl_crystal.density_percent_sol         39.52 
_exptl_crystal.description                 ? 
_exptl_crystal.F_000                       ? 
_exptl_crystal.id                          1 
_exptl_crystal.preparation                 ? 
_exptl_crystal.size_max                    ? 
_exptl_crystal.size_mid                    ? 
_exptl_crystal.size_min                    ? 
_exptl_crystal.size_rad                    ? 
_exptl_crystal.colour_lustre               ? 
_exptl_crystal.colour_modifier             ? 
_exptl_crystal.colour_primary              ? 
_exptl_crystal.density_meas                ? 
_exptl_crystal.density_meas_esd            ? 
_exptl_crystal.density_meas_gt             ? 
_exptl_crystal.density_meas_lt             ? 
_exptl_crystal.density_meas_temp           ? 
_exptl_crystal.density_meas_temp_esd       ? 
_exptl_crystal.density_meas_temp_gt        ? 
_exptl_crystal.density_meas_temp_lt        ? 
_exptl_crystal.pdbx_crystal_image_url      ? 
_exptl_crystal.pdbx_crystal_image_format   ? 
_exptl_crystal.pdbx_mosaicity              ? 
_exptl_crystal.pdbx_mosaicity_esd          ? 
# 
_exptl_crystal_grow.apparatus       ? 
_exptl_crystal_grow.atmosphere      ? 
_exptl_crystal_grow.crystal_id      1 
_exptl_crystal_grow.details         ? 
_exptl_crystal_grow.method          'VAPOR DIFFUSION, SITTING DROP' 
_exptl_crystal_grow.method_ref      ? 
_exptl_crystal_grow.pH              ? 
_exptl_crystal_grow.pressure        ? 
_exptl_crystal_grow.pressure_esd    ? 
_exptl_crystal_grow.seeding         ? 
_exptl_crystal_grow.seeding_ref     ? 
_exptl_crystal_grow.temp            289 
_exptl_crystal_grow.temp_details    ? 
_exptl_crystal_grow.temp_esd        ? 
_exptl_crystal_grow.time            ? 
_exptl_crystal_grow.pdbx_details    
;0.18 M ammonium nitrate
20% PEG3350
;
_exptl_crystal_grow.pdbx_pH_range   ? 
# 
_diffrn.ambient_environment    ? 
_diffrn.ambient_temp           100 
_diffrn.ambient_temp_details   ? 
_diffrn.ambient_temp_esd       ? 
_diffrn.crystal_id             1 
_diffrn.crystal_support        ? 
_diffrn.crystal_treatment      ? 
_diffrn.details                ? 
_diffrn.id                     1 
_diffrn.ambient_pressure       ? 
_diffrn.ambient_pressure_esd   ? 
_diffrn.ambient_pressure_gt    ? 
_diffrn.ambient_pressure_lt    ? 
_diffrn.ambient_temp_gt        ? 
_diffrn.ambient_temp_lt        ? 
# 
_diffrn_detector.details                      ? 
_diffrn_detector.detector                     'IMAGE PLATE' 
_diffrn_detector.diffrn_id                    1 
_diffrn_detector.type                         'MAC Science DIP-320' 
_diffrn_detector.area_resol_mean              ? 
_diffrn_detector.dtime                        ? 
_diffrn_detector.pdbx_frames_total            ? 
_diffrn_detector.pdbx_collection_time_total   ? 
_diffrn_detector.pdbx_collection_date         2015-09-10 
# 
_diffrn_radiation.collimation                      ? 
_diffrn_radiation.diffrn_id                        1 
_diffrn_radiation.filter_edge                      ? 
_diffrn_radiation.inhomogeneity                    ? 
_diffrn_radiation.monochromator                    ? 
_diffrn_radiation.polarisn_norm                    ? 
_diffrn_radiation.polarisn_ratio                   ? 
_diffrn_radiation.probe                            ? 
_diffrn_radiation.type                             ? 
_diffrn_radiation.xray_symbol                      ? 
_diffrn_radiation.wavelength_id                    1 
_diffrn_radiation.pdbx_monochromatic_or_laue_m_l   M 
_diffrn_radiation.pdbx_wavelength_list             ? 
_diffrn_radiation.pdbx_wavelength                  ? 
_diffrn_radiation.pdbx_diffrn_protocol             'SINGLE WAVELENGTH' 
_diffrn_radiation.pdbx_analyzer                    ? 
_diffrn_radiation.pdbx_scattering_type             x-ray 
# 
_diffrn_radiation_wavelength.id           1 
_diffrn_radiation_wavelength.wavelength   0.9795 
_diffrn_radiation_wavelength.wt           1.0 
# 
_diffrn_source.current                     ? 
_diffrn_source.details                     ? 
_diffrn_source.diffrn_id                   1 
_diffrn_source.power                       ? 
_diffrn_source.size                        ? 
_diffrn_source.source                      SYNCHROTRON 
_diffrn_source.target                      ? 
_diffrn_source.type                        'SSRF BEAMLINE BL17U1' 
_diffrn_source.voltage                     ? 
_diffrn_source.take-off_angle              ? 
_diffrn_source.pdbx_wavelength_list        0.9795 
_diffrn_source.pdbx_wavelength             ? 
_diffrn_source.pdbx_synchrotron_beamline   BL17U1 
_diffrn_source.pdbx_synchrotron_site       SSRF 
# 
_reflns.B_iso_Wilson_estimate            ? 
_reflns.entry_id                         5ZNE 
_reflns.data_reduction_details           ? 
_reflns.data_reduction_method            ? 
_reflns.d_resolution_high                1.78 
_reflns.d_resolution_low                 55.08 
_reflns.details                          ? 
_reflns.limit_h_max                      ? 
_reflns.limit_h_min                      ? 
_reflns.limit_k_max                      ? 
_reflns.limit_k_min                      ? 
_reflns.limit_l_max                      ? 
_reflns.limit_l_min                      ? 
_reflns.number_all                       ? 
_reflns.number_obs                       21743 
_reflns.observed_criterion               ? 
_reflns.observed_criterion_F_max         ? 
_reflns.observed_criterion_F_min         ? 
_reflns.observed_criterion_I_max         ? 
_reflns.observed_criterion_I_min         ? 
_reflns.observed_criterion_sigma_F       ? 
_reflns.observed_criterion_sigma_I       ? 
_reflns.percent_possible_obs             99.84 
_reflns.R_free_details                   ? 
_reflns.Rmerge_F_all                     ? 
_reflns.Rmerge_F_obs                     ? 
_reflns.Friedel_coverage                 ? 
_reflns.number_gt                        ? 
_reflns.threshold_expression             ? 
_reflns.pdbx_redundancy                  2.0 
_reflns.pdbx_Rmerge_I_obs                ? 
_reflns.pdbx_Rmerge_I_all                ? 
_reflns.pdbx_Rsym_value                  ? 
_reflns.pdbx_netI_over_av_sigmaI         ? 
_reflns.pdbx_netI_over_sigmaI            20.05 
_reflns.pdbx_res_netI_over_av_sigmaI_2   ? 
_reflns.pdbx_res_netI_over_sigmaI_2      ? 
_reflns.pdbx_chi_squared                 ? 
_reflns.pdbx_scaling_rejects             ? 
_reflns.pdbx_d_res_high_opt              ? 
_reflns.pdbx_d_res_low_opt               ? 
_reflns.pdbx_d_res_opt_method            ? 
_reflns.phase_calculation_details        ? 
_reflns.pdbx_Rrim_I_all                  ? 
_reflns.pdbx_Rpim_I_all                  ? 
_reflns.pdbx_d_opt                       ? 
_reflns.pdbx_number_measured_all         ? 
_reflns.pdbx_diffrn_id                   1 
_reflns.pdbx_ordinal                     1 
_reflns.pdbx_CC_half                     ? 
_reflns.pdbx_R_split                     ? 
# 
_reflns_shell.d_res_high                  2.234 
_reflns_shell.d_res_low                   2.314 
_reflns_shell.meanI_over_sigI_all         ? 
_reflns_shell.meanI_over_sigI_obs         ? 
_reflns_shell.number_measured_all         ? 
_reflns_shell.number_measured_obs         ? 
_reflns_shell.number_possible             ? 
_reflns_shell.number_unique_all           ? 
_reflns_shell.number_unique_obs           6259 
_reflns_shell.percent_possible_all        99.84 
_reflns_shell.percent_possible_obs        ? 
_reflns_shell.Rmerge_F_all                ? 
_reflns_shell.Rmerge_F_obs                ? 
_reflns_shell.Rmerge_I_all                ? 
_reflns_shell.Rmerge_I_obs                0.01194 
_reflns_shell.meanI_over_sigI_gt          ? 
_reflns_shell.meanI_over_uI_all           ? 
_reflns_shell.meanI_over_uI_gt            ? 
_reflns_shell.number_measured_gt          ? 
_reflns_shell.number_unique_gt            ? 
_reflns_shell.percent_possible_gt         ? 
_reflns_shell.Rmerge_F_gt                 ? 
_reflns_shell.Rmerge_I_gt                 ? 
_reflns_shell.pdbx_redundancy             2.0 
_reflns_shell.pdbx_Rsym_value             ? 
_reflns_shell.pdbx_chi_squared            ? 
_reflns_shell.pdbx_netI_over_sigmaI_all   ? 
_reflns_shell.pdbx_netI_over_sigmaI_obs   ? 
_reflns_shell.pdbx_Rrim_I_all             0.01688 
_reflns_shell.pdbx_Rpim_I_all             ? 
_reflns_shell.pdbx_rejects                ? 
_reflns_shell.pdbx_ordinal                1 
_reflns_shell.pdbx_diffrn_id              1 
_reflns_shell.pdbx_CC_half                1 
_reflns_shell.pdbx_R_split                ? 
# 
_refine.aniso_B[1][1]                            ? 
_refine.aniso_B[1][2]                            ? 
_refine.aniso_B[1][3]                            ? 
_refine.aniso_B[2][2]                            ? 
_refine.aniso_B[2][3]                            ? 
_refine.aniso_B[3][3]                            ? 
_refine.B_iso_max                                ? 
_refine.B_iso_mean                               ? 
_refine.B_iso_min                                ? 
_refine.correlation_coeff_Fo_to_Fc               ? 
_refine.correlation_coeff_Fo_to_Fc_free          ? 
_refine.details                                  ? 
_refine.diff_density_max                         ? 
_refine.diff_density_max_esd                     ? 
_refine.diff_density_min                         ? 
_refine.diff_density_min_esd                     ? 
_refine.diff_density_rms                         ? 
_refine.diff_density_rms_esd                     ? 
_refine.entry_id                                 5ZNE 
_refine.pdbx_refine_id                           'X-RAY DIFFRACTION' 
_refine.ls_abs_structure_details                 ? 
_refine.ls_abs_structure_Flack                   ? 
_refine.ls_abs_structure_Flack_esd               ? 
_refine.ls_abs_structure_Rogers                  ? 
_refine.ls_abs_structure_Rogers_esd              ? 
_refine.ls_d_res_high                            1.78 
_refine.ls_d_res_low                             45.350 
_refine.ls_extinction_coef                       ? 
_refine.ls_extinction_coef_esd                   ? 
_refine.ls_extinction_expression                 ? 
_refine.ls_extinction_method                     ? 
_refine.ls_goodness_of_fit_all                   ? 
_refine.ls_goodness_of_fit_all_esd               ? 
_refine.ls_goodness_of_fit_obs                   ? 
_refine.ls_goodness_of_fit_obs_esd               ? 
_refine.ls_hydrogen_treatment                    ? 
_refine.ls_matrix_type                           ? 
_refine.ls_number_constraints                    ? 
_refine.ls_number_parameters                     ? 
_refine.ls_number_reflns_all                     ? 
_refine.ls_number_reflns_obs                     21743 
_refine.ls_number_reflns_R_free                  616 
_refine.ls_number_reflns_R_work                  ? 
_refine.ls_number_restraints                     ? 
_refine.ls_percent_reflns_obs                    96.55 
_refine.ls_percent_reflns_R_free                 5.16 
_refine.ls_R_factor_all                          ? 
_refine.ls_R_factor_obs                          0.2189 
_refine.ls_R_factor_R_free                       0.2376 
_refine.ls_R_factor_R_free_error                 ? 
_refine.ls_R_factor_R_free_error_details         ? 
_refine.ls_R_factor_R_work                       0.2179 
_refine.ls_R_Fsqd_factor_obs                     ? 
_refine.ls_R_I_factor_obs                        ? 
_refine.ls_redundancy_reflns_all                 ? 
_refine.ls_redundancy_reflns_obs                 ? 
_refine.ls_restrained_S_all                      ? 
_refine.ls_restrained_S_obs                      ? 
_refine.ls_shift_over_esd_max                    ? 
_refine.ls_shift_over_esd_mean                   ? 
_refine.ls_structure_factor_coef                 ? 
_refine.ls_weighting_details                     ? 
_refine.ls_weighting_scheme                      ? 
_refine.ls_wR_factor_all                         ? 
_refine.ls_wR_factor_obs                         ? 
_refine.ls_wR_factor_R_free                      ? 
_refine.ls_wR_factor_R_work                      ? 
_refine.occupancy_max                            ? 
_refine.occupancy_min                            ? 
_refine.solvent_model_details                    ? 
_refine.solvent_model_param_bsol                 ? 
_refine.solvent_model_param_ksol                 ? 
_refine.ls_R_factor_gt                           ? 
_refine.ls_goodness_of_fit_gt                    ? 
_refine.ls_goodness_of_fit_ref                   ? 
_refine.ls_shift_over_su_max                     ? 
_refine.ls_shift_over_su_max_lt                  ? 
_refine.ls_shift_over_su_mean                    ? 
_refine.ls_shift_over_su_mean_lt                 ? 
_refine.pdbx_ls_sigma_I                          ? 
_refine.pdbx_ls_sigma_F                          0.38 
_refine.pdbx_ls_sigma_Fsqd                       ? 
_refine.pdbx_data_cutoff_high_absF               ? 
_refine.pdbx_data_cutoff_high_rms_absF           ? 
_refine.pdbx_data_cutoff_low_absF                ? 
_refine.pdbx_isotropic_thermal_model             ? 
_refine.pdbx_ls_cross_valid_method               'FREE R-VALUE' 
_refine.pdbx_method_to_determine_struct          'MOLECULAR REPLACEMENT' 
_refine.pdbx_starting_model                      3DXS 
_refine.pdbx_stereochemistry_target_values       ? 
_refine.pdbx_R_Free_selection_details            ? 
_refine.pdbx_stereochem_target_val_spec_case     ? 
_refine.pdbx_overall_ESU_R                       ? 
_refine.pdbx_overall_ESU_R_Free                  ? 
_refine.pdbx_solvent_vdw_probe_radii             1.11 
_refine.pdbx_solvent_ion_probe_radii             ? 
_refine.pdbx_solvent_shrinkage_radii             0.90 
_refine.pdbx_real_space_R                        ? 
_refine.pdbx_density_correlation                 ? 
_refine.pdbx_pd_number_of_powder_patterns        ? 
_refine.pdbx_pd_number_of_points                 ? 
_refine.pdbx_pd_meas_number_of_points            ? 
_refine.pdbx_pd_proc_ls_prof_R_factor            ? 
_refine.pdbx_pd_proc_ls_prof_wR_factor           ? 
_refine.pdbx_pd_Marquardt_correlation_coeff      ? 
_refine.pdbx_pd_Fsqrd_R_factor                   ? 
_refine.pdbx_pd_ls_matrix_band_width             ? 
_refine.pdbx_overall_phase_error                 27.88 
_refine.pdbx_overall_SU_R_free_Cruickshank_DPI   ? 
_refine.pdbx_overall_SU_R_free_Blow_DPI          ? 
_refine.pdbx_overall_SU_R_Blow_DPI               ? 
_refine.pdbx_TLS_residual_ADP_flag               ? 
_refine.pdbx_diffrn_id                           1 
_refine.overall_SU_B                             ? 
_refine.overall_SU_ML                            0.20 
_refine.overall_SU_R_Cruickshank_DPI             ? 
_refine.overall_SU_R_free                        ? 
_refine.overall_FOM_free_R_set                   ? 
_refine.overall_FOM_work_R_set                   ? 
_refine.pdbx_average_fsc_overall                 ? 
_refine.pdbx_average_fsc_work                    ? 
_refine.pdbx_average_fsc_free                    ? 
# 
_refine_hist.pdbx_refine_id                   'X-RAY DIFFRACTION' 
_refine_hist.cycle_id                         LAST 
_refine_hist.pdbx_number_atoms_protein        543 
_refine_hist.pdbx_number_atoms_nucleic_acid   0 
_refine_hist.pdbx_number_atoms_ligand         0 
_refine_hist.number_atoms_solvent             41 
_refine_hist.number_atoms_total               584 
_refine_hist.d_res_high                       1.78 
_refine_hist.d_res_low                        45.350 
# 
loop_
_refine_ls_restr.pdbx_refine_id 
_refine_ls_restr.criterion 
_refine_ls_restr.dev_ideal 
_refine_ls_restr.dev_ideal_target 
_refine_ls_restr.number 
_refine_ls_restr.rejects 
_refine_ls_restr.type 
_refine_ls_restr.weight 
_refine_ls_restr.pdbx_restraint_function 
'X-RAY DIFFRACTION' ? 0.006 ? 557 ? f_bond_d           ? ? 
'X-RAY DIFFRACTION' ? 0.805 ? 751 ? f_angle_d          ? ? 
'X-RAY DIFFRACTION' ? 8.439 ? 488 ? f_dihedral_angle_d ? ? 
'X-RAY DIFFRACTION' ? 0.062 ? 96  ? f_chiral_restr     ? ? 
'X-RAY DIFFRACTION' ? 0.005 ? 94  ? f_plane_restr      ? ? 
# 
loop_
_refine_ls_shell.pdbx_refine_id 
_refine_ls_shell.d_res_high 
_refine_ls_shell.d_res_low 
_refine_ls_shell.number_reflns_all 
_refine_ls_shell.number_reflns_obs 
_refine_ls_shell.number_reflns_R_free 
_refine_ls_shell.number_reflns_R_work 
_refine_ls_shell.percent_reflns_obs 
_refine_ls_shell.percent_reflns_R_free 
_refine_ls_shell.R_factor_all 
_refine_ls_shell.R_factor_obs 
_refine_ls_shell.R_factor_R_free 
_refine_ls_shell.R_factor_R_free_error 
_refine_ls_shell.R_factor_R_work 
_refine_ls_shell.redundancy_reflns_all 
_refine_ls_shell.redundancy_reflns_obs 
_refine_ls_shell.wR_factor_all 
_refine_ls_shell.wR_factor_obs 
_refine_ls_shell.wR_factor_R_free 
_refine_ls_shell.wR_factor_R_work 
_refine_ls_shell.pdbx_total_number_of_bins_used 
_refine_ls_shell.pdbx_phase_error 
_refine_ls_shell.pdbx_fsc_work 
_refine_ls_shell.pdbx_fsc_free 
'X-RAY DIFFRACTION' 1.7800 1.8610  . . 154 2638 99.00  . . . 0.3286 . 0.3196 . . . . . . . . . . 
'X-RAY DIFFRACTION' 1.8610 1.9592  . . 119 2295 86.00  . . . 0.4557 . 0.3955 . . . . . . . . . . 
'X-RAY DIFFRACTION' 1.9592 2.0819  . . 150 2621 99.00  . . . 0.2637 . 0.2435 . . . . . . . . . . 
'X-RAY DIFFRACTION' 2.0819 2.2427  . . 146 2498 94.00  . . . 0.2616 . 0.2321 . . . . . . . . . . 
'X-RAY DIFFRACTION' 2.2427 2.4683  . . 131 2550 95.00  . . . 0.2214 . 0.2506 . . . . . . . . . . 
'X-RAY DIFFRACTION' 2.4683 2.8255  . . 145 2677 100.00 . . . 0.2524 . 0.2281 . . . . . . . . . . 
'X-RAY DIFFRACTION' 2.8255 3.5596  . . 138 2668 100.00 . . . 0.2016 . 0.2074 . . . . . . . . . . 
'X-RAY DIFFRACTION' 3.5596 45.3652 . . 140 2673 100.00 . . . 0.2224 . 0.1856 . . . . . . . . . . 
# 
_struct.entry_id                     5ZNE 
_struct.title                        
'The crystal structure of immune receptor RGA5A_S of resistance protein Pia from rice (Oryza sativa)' 
_struct.pdbx_model_details           ? 
_struct.pdbx_formula_weight          ? 
_struct.pdbx_formula_weight_method   ? 
_struct.pdbx_model_type_details      ? 
_struct.pdbx_CASP_flag               N 
# 
_struct_keywords.entry_id        5ZNE 
_struct_keywords.text            'RGA5A_S, Resistance Protein, Rice, PLANT PROTEIN' 
_struct_keywords.pdbx_keywords   'PLANT PROTEIN' 
# 
loop_
_struct_asym.id 
_struct_asym.pdbx_blank_PDB_chainid_flag 
_struct_asym.pdbx_modified 
_struct_asym.entity_id 
_struct_asym.details 
A N N 1 ? 
B N N 2 ? 
# 
loop_
_struct_conf.conf_type_id 
_struct_conf.id 
_struct_conf.pdbx_PDB_helix_id 
_struct_conf.beg_label_comp_id 
_struct_conf.beg_label_asym_id 
_struct_conf.beg_label_seq_id 
_struct_conf.pdbx_beg_PDB_ins_code 
_struct_conf.end_label_comp_id 
_struct_conf.end_label_asym_id 
_struct_conf.end_label_seq_id 
_struct_conf.pdbx_end_PDB_ins_code 
_struct_conf.beg_auth_comp_id 
_struct_conf.beg_auth_asym_id 
_struct_conf.beg_auth_seq_id 
_struct_conf.end_auth_comp_id 
_struct_conf.end_auth_asym_id 
_struct_conf.end_auth_seq_id 
_struct_conf.pdbx_PDB_helix_class 
_struct_conf.details 
_struct_conf.pdbx_PDB_helix_length 
HELX_P HELX_P1 AA1 CYS A 29 ? SER A 42 ? CYS A 1008 SER A 1021 1 ? 14 
HELX_P HELX_P2 AA2 ASP A 67 ? GLY A 80 ? ASP A 1046 GLY A 1059 1 ? 14 
# 
_struct_conf_type.id          HELX_P 
_struct_conf_type.criteria    ? 
_struct_conf_type.reference   ? 
# 
_struct_sheet.id               AA1 
_struct_sheet.type             ? 
_struct_sheet.number_strands   4 
_struct_sheet.details          ? 
# 
loop_
_struct_sheet_order.sheet_id 
_struct_sheet_order.range_id_1 
_struct_sheet_order.range_id_2 
_struct_sheet_order.offset 
_struct_sheet_order.sense 
AA1 1 2 ? anti-parallel 
AA1 2 3 ? anti-parallel 
AA1 3 4 ? anti-parallel 
# 
loop_
_struct_sheet_range.sheet_id 
_struct_sheet_range.id 
_struct_sheet_range.beg_label_comp_id 
_struct_sheet_range.beg_label_asym_id 
_struct_sheet_range.beg_label_seq_id 
_struct_sheet_range.pdbx_beg_PDB_ins_code 
_struct_sheet_range.end_label_comp_id 
_struct_sheet_range.end_label_asym_id 
_struct_sheet_range.end_label_seq_id 
_struct_sheet_range.pdbx_end_PDB_ins_code 
_struct_sheet_range.beg_auth_comp_id 
_struct_sheet_range.beg_auth_asym_id 
_struct_sheet_range.beg_auth_seq_id 
_struct_sheet_range.end_auth_comp_id 
_struct_sheet_range.end_auth_asym_id 
_struct_sheet_range.end_auth_seq_id 
AA1 1 VAL A 46 ? THR A 52 ? VAL A 1025 THR A 1031 
AA1 2 ARG A 58 ? GLY A 63 ? ARG A 1037 GLY A 1042 
AA1 3 THR A 19 ? VAL A 25 ? THR A 998  VAL A 1004 
AA1 4 ALA A 82 ? LEU A 89 ? ALA A 1061 LEU A 1068 
# 
loop_
_pdbx_struct_sheet_hbond.sheet_id 
_pdbx_struct_sheet_hbond.range_id_1 
_pdbx_struct_sheet_hbond.range_id_2 
_pdbx_struct_sheet_hbond.range_1_label_atom_id 
_pdbx_struct_sheet_hbond.range_1_label_comp_id 
_pdbx_struct_sheet_hbond.range_1_label_asym_id 
_pdbx_struct_sheet_hbond.range_1_label_seq_id 
_pdbx_struct_sheet_hbond.range_1_PDB_ins_code 
_pdbx_struct_sheet_hbond.range_1_auth_atom_id 
_pdbx_struct_sheet_hbond.range_1_auth_comp_id 
_pdbx_struct_sheet_hbond.range_1_auth_asym_id 
_pdbx_struct_sheet_hbond.range_1_auth_seq_id 
_pdbx_struct_sheet_hbond.range_2_label_atom_id 
_pdbx_struct_sheet_hbond.range_2_label_comp_id 
_pdbx_struct_sheet_hbond.range_2_label_asym_id 
_pdbx_struct_sheet_hbond.range_2_label_seq_id 
_pdbx_struct_sheet_hbond.range_2_PDB_ins_code 
_pdbx_struct_sheet_hbond.range_2_auth_atom_id 
_pdbx_struct_sheet_hbond.range_2_auth_comp_id 
_pdbx_struct_sheet_hbond.range_2_auth_asym_id 
_pdbx_struct_sheet_hbond.range_2_auth_seq_id 
AA1 1 2 N GLU A 50 ? N GLU A 1029 O VAL A 60 ? O VAL A 1039 
AA1 2 3 O LEU A 59 ? O LEU A 1038 N VAL A 23 ? N VAL A 1002 
AA1 3 4 N LYS A 20 ? N LYS A 999  O GLU A 88 ? O GLU A 1067 
# 
_atom_sites.entry_id                    5ZNE 
_atom_sites.fract_transf_matrix[1][1]   -0.00474837 
_atom_sites.fract_transf_matrix[1][2]   -0.01632784 
_atom_sites.fract_transf_matrix[1][3]   0.00583945 
_atom_sites.fract_transf_matrix[2][1]   0.01708121 
_atom_sites.fract_transf_matrix[2][2]   -0.00336082 
_atom_sites.fract_transf_matrix[2][3]   0.00449238 
_atom_sites.fract_transf_matrix[3][1]   -0.00212180 
_atom_sites.fract_transf_matrix[3][2]   0.00478171 
_atom_sites.fract_transf_matrix[3][3]   0.01164491 
_atom_sites.fract_transf_vector[1]      -0.097116 
_atom_sites.fract_transf_vector[2]      0.437543 
_atom_sites.fract_transf_vector[3]      -0.092325 
# 
loop_
_atom_type.symbol 
C 
N 
O 
S 
# 
loop_
_atom_site.group_PDB 
_atom_site.id 
_atom_site.type_symbol 
_atom_site.label_atom_id 
_atom_site.label_alt_id 
_atom_site.label_comp_id 
_atom_site.label_asym_id 
_atom_site.label_entity_id 
_atom_site.label_seq_id 
_atom_site.pdbx_PDB_ins_code 
_atom_site.Cartn_x 
_atom_site.Cartn_y 
_atom_site.Cartn_z 
_atom_site.occupancy 
_atom_site.B_iso_or_equiv 
_atom_site.pdbx_formal_charge 
_atom_site.auth_seq_id 
_atom_site.auth_comp_id 
_atom_site.auth_asym_id 
_atom_site.auth_atom_id 
_atom_site.pdbx_PDB_model_num 
ATOM   1   N N   . ARG A 1 18 ? -7.639  14.075  4.411   1.00 52.23 ? 997  ARG A N   1 
ATOM   2   C CA  . ARG A 1 18 ? -7.654  12.617  4.262   1.00 52.01 ? 997  ARG A CA  1 
ATOM   3   C C   . ARG A 1 18 ? -7.377  12.170  2.826   1.00 42.19 ? 997  ARG A C   1 
ATOM   4   O O   . ARG A 1 18 ? -8.033  12.639  1.900   1.00 51.52 ? 997  ARG A O   1 
ATOM   5   C CB  . ARG A 1 18 ? -9.002  12.063  4.717   1.00 59.01 ? 997  ARG A CB  1 
ATOM   6   C CG  . ARG A 1 18 ? -8.948  10.612  5.149   1.00 55.36 ? 997  ARG A CG  1 
ATOM   7   C CD  . ARG A 1 18 ? -9.019  10.509  6.675   1.00 61.44 ? 997  ARG A CD  1 
ATOM   8   N NE  . ARG A 1 18 ? -9.062  9.119   7.116   1.00 68.35 ? 997  ARG A NE  1 
ATOM   9   C CZ  . ARG A 1 18 ? -10.151 8.355   7.078   1.00 73.83 ? 997  ARG A CZ  1 
ATOM   10  N NH1 . ARG A 1 18 ? -11.294 8.850   6.619   1.00 76.63 ? 997  ARG A NH1 1 
ATOM   11  N NH2 . ARG A 1 18 ? -10.099 7.097   7.500   1.00 72.29 ? 997  ARG A NH2 1 
ATOM   12  N N   . THR A 1 19 ? -6.418  11.255  2.649   1.00 38.43 ? 998  THR A N   1 
ATOM   13  C CA  . THR A 1 19 ? -5.996  10.778  1.330   1.00 44.96 ? 998  THR A CA  1 
ATOM   14  C C   . THR A 1 19 ? -6.092  9.258   1.239   1.00 40.71 ? 998  THR A C   1 
ATOM   15  O O   . THR A 1 19 ? -5.650  8.545   2.141   1.00 38.44 ? 998  THR A O   1 
ATOM   16  C CB  . THR A 1 19 ? -4.547  11.197  1.043   1.00 50.60 ? 998  THR A CB  1 
ATOM   17  O OG1 . THR A 1 19 ? -4.432  12.623  1.100   1.00 53.31 ? 998  THR A OG1 1 
ATOM   18  C CG2 . THR A 1 19 ? -4.086  10.703  -0.310  1.00 50.54 ? 998  THR A CG2 1 
ATOM   19  N N   . LYS A 1 20 ? -6.625  8.752   0.129   1.00 32.54 ? 999  LYS A N   1 
ATOM   20  C CA  . LYS A 1 20 ? -6.652  7.320   -0.125  1.00 26.49 ? 999  LYS A CA  1 
ATOM   21  C C   . LYS A 1 20 ? -5.735  7.010   -1.297  1.00 27.88 ? 999  LYS A C   1 
ATOM   22  O O   . LYS A 1 20 ? -5.807  7.674   -2.337  1.00 27.45 ? 999  LYS A O   1 
ATOM   23  C CB  . LYS A 1 20 ? -8.066  6.821   -0.432  1.00 36.22 ? 999  LYS A CB  1 
ATOM   24  C CG  . LYS A 1 20 ? -8.090  5.362   -0.885  1.00 34.02 ? 999  LYS A CG  1 
ATOM   25  C CD  . LYS A 1 20 ? -9.490  4.912   -1.271  1.00 44.43 ? 999  LYS A CD  1 
ATOM   26  C CE  . LYS A 1 20 ? -10.349 4.659   -0.046  1.00 54.88 ? 999  LYS A CE  1 
ATOM   27  N NZ  . LYS A 1 20 ? -11.717 4.194   -0.409  1.00 60.69 ? 999  LYS A NZ  1 
ATOM   28  N N   . ILE A 1 21 ? -4.875  6.010   -1.119  1.00 32.78 ? 1000 ILE A N   1 
ATOM   29  C CA  . ILE A 1 21 ? -3.896  5.600   -2.120  1.00 33.59 ? 1000 ILE A CA  1 
ATOM   30  C C   . ILE A 1 21 ? -4.105  4.121   -2.408  1.00 24.50 ? 1000 ILE A C   1 
ATOM   31  O O   . ILE A 1 21 ? -4.227  3.313   -1.481  1.00 28.02 ? 1000 ILE A O   1 
ATOM   32  C CB  . ILE A 1 21 ? -2.461  5.866   -1.628  1.00 40.60 ? 1000 ILE A CB  1 
ATOM   33  C CG1 . ILE A 1 21 ? -2.308  7.340   -1.267  1.00 37.23 ? 1000 ILE A CG1 1 
ATOM   34  C CG2 . ILE A 1 21 ? -1.437  5.446   -2.692  1.00 38.28 ? 1000 ILE A CG2 1 
ATOM   35  C CD1 . ILE A 1 21 ? -1.056  7.675   -0.496  1.00 39.06 ? 1000 ILE A CD1 1 
ATOM   36  N N   . VAL A 1 22 ? -4.124  3.751   -3.689  1.00 29.78 ? 1001 VAL A N   1 
ATOM   37  C CA  . VAL A 1 22 ? -4.229  2.349   -4.087  1.00 31.53 ? 1001 VAL A CA  1 
ATOM   38  C C   . VAL A 1 22 ? -2.957  1.990   -4.842  1.00 26.63 ? 1001 VAL A C   1 
ATOM   39  O O   . VAL A 1 22 ? -2.571  2.692   -5.780  1.00 24.16 ? 1001 VAL A O   1 
ATOM   40  C CB  . VAL A 1 22 ? -5.477  2.077   -4.940  1.00 30.60 ? 1001 VAL A CB  1 
ATOM   41  C CG1 . VAL A 1 22 ? -5.610  0.592   -5.236  1.00 29.28 ? 1001 VAL A CG1 1 
ATOM   42  C CG2 . VAL A 1 22 ? -6.733  2.585   -4.225  1.00 30.89 ? 1001 VAL A CG2 1 
ATOM   43  N N   . VAL A 1 23 ? -2.269  0.944   -4.387  1.00 28.13 ? 1002 VAL A N   1 
ATOM   44  C CA  . VAL A 1 23 ? -1.015  0.501   -4.996  1.00 28.50 ? 1002 VAL A CA  1 
ATOM   45  C C   . VAL A 1 23 ? -1.198  -0.951  -5.410  1.00 25.74 ? 1002 VAL A C   1 
ATOM   46  O O   . VAL A 1 23 ? -1.650  -1.771  -4.612  1.00 27.10 ? 1002 VAL A O   1 
ATOM   47  C CB  . VAL A 1 23 ? 0.176   0.634   -4.025  1.00 33.96 ? 1002 VAL A CB  1 
ATOM   48  C CG1 . VAL A 1 23 ? 1.510   0.437   -4.774  1.00 28.05 ? 1002 VAL A CG1 1 
ATOM   49  C CG2 . VAL A 1 23 ? 0.150   1.967   -3.303  1.00 35.10 ? 1002 VAL A CG2 1 
ATOM   50  N N   . LYS A 1 24 ? -0.850  -1.276  -6.649  1.00 24.42 ? 1003 LYS A N   1 
ATOM   51  C CA  . LYS A 1 24 ? -0.797  -2.670  -7.062  1.00 25.36 ? 1003 LYS A CA  1 
ATOM   52  C C   . LYS A 1 24 ? 0.579   -3.212  -6.683  1.00 23.85 ? 1003 LYS A C   1 
ATOM   53  O O   . LYS A 1 24 ? 1.598   -2.599  -7.005  1.00 27.13 ? 1003 LYS A O   1 
ATOM   54  C CB  . LYS A 1 24 ? -1.054  -2.794  -8.571  1.00 23.62 ? 1003 LYS A CB  1 
ATOM   55  C CG  . LYS A 1 24 ? -1.134  -4.252  -9.069  1.00 25.85 ? 1003 LYS A CG  1 
ATOM   56  C CD  . LYS A 1 24 ? -1.854  -4.378  -10.400 1.00 43.38 ? 1003 LYS A CD  1 
ATOM   57  C CE  . LYS A 1 24 ? -1.272  -3.457  -11.440 1.00 45.50 ? 1003 LYS A CE  1 
ATOM   58  N NZ  . LYS A 1 24 ? -1.606  -3.933  -12.825 1.00 53.25 ? 1003 LYS A NZ  1 
ATOM   59  N N   . VAL A 1 25 ? 0.613   -4.321  -5.949  1.00 24.03 ? 1004 VAL A N   1 
ATOM   60  C CA  . VAL A 1 25 ? 1.857   -4.821  -5.381  1.00 24.71 ? 1004 VAL A CA  1 
ATOM   61  C C   . VAL A 1 25 ? 2.009   -6.299  -5.708  1.00 28.11 ? 1004 VAL A C   1 
ATOM   62  O O   . VAL A 1 25 ? 1.030   -7.056  -5.716  1.00 29.99 ? 1004 VAL A O   1 
ATOM   63  C CB  . VAL A 1 25 ? 1.909   -4.585  -3.852  1.00 29.36 ? 1004 VAL A CB  1 
ATOM   64  C CG1 . VAL A 1 25 ? 3.284   -4.932  -3.299  1.00 30.65 ? 1004 VAL A CG1 1 
ATOM   65  C CG2 . VAL A 1 25 ? 1.582   -3.128  -3.525  1.00 25.53 ? 1004 VAL A CG2 1 
ATOM   66  N N   . HIS A 1 26 ? 3.238   -6.705  -6.000  1.00 30.29 ? 1005 HIS A N   1 
ATOM   67  C CA  . HIS A 1 26 ? 3.573   -8.123  -6.083  1.00 30.69 ? 1005 HIS A CA  1 
ATOM   68  C C   . HIS A 1 26 ? 3.542   -8.725  -4.679  1.00 30.82 ? 1005 HIS A C   1 
ATOM   69  O O   . HIS A 1 26 ? 4.439   -8.468  -3.866  1.00 35.79 ? 1005 HIS A O   1 
ATOM   70  C CB  . HIS A 1 26 ? 4.945   -8.288  -6.726  1.00 32.82 ? 1005 HIS A CB  1 
ATOM   71  C CG  . HIS A 1 26 ? 5.393   -9.709  -6.804  1.00 32.08 ? 1005 HIS A CG  1 
ATOM   72  N ND1 . HIS A 1 26 ? 6.312   -10.248 -5.930  1.00 42.12 ? 1005 HIS A ND1 1 
ATOM   73  C CD2 . HIS A 1 26 ? 5.026   -10.712 -7.631  1.00 34.49 ? 1005 HIS A CD2 1 
ATOM   74  C CE1 . HIS A 1 26 ? 6.504   -11.520 -6.227  1.00 45.03 ? 1005 HIS A CE1 1 
ATOM   75  N NE2 . HIS A 1 26 ? 5.732   -11.829 -7.252  1.00 42.59 ? 1005 HIS A NE2 1 
ATOM   76  N N   . MET A 1 27 ? 2.513   -9.527  -4.380  1.00 34.37 ? 1006 MET A N   1 
ATOM   77  C CA  A MET A 1 27 ? 2.303   -10.097 -3.052  0.59 36.66 ? 1006 MET A CA  1 
ATOM   78  C CA  B MET A 1 27 ? 2.357   -10.117 -3.047  0.41 36.36 ? 1006 MET A CA  1 
ATOM   79  C C   . MET A 1 27 ? 1.625   -11.455 -3.145  1.00 42.08 ? 1006 MET A C   1 
ATOM   80  O O   . MET A 1 27 ? 0.506   -11.613 -2.640  1.00 47.81 ? 1006 MET A O   1 
ATOM   81  C CB  A MET A 1 27 ? 1.402   -9.228  -2.179  0.59 33.56 ? 1006 MET A CB  1 
ATOM   82  C CB  B MET A 1 27 ? 1.620   -9.145  -2.123  0.41 32.74 ? 1006 MET A CB  1 
ATOM   83  C CG  A MET A 1 27 ? 1.672   -7.782  -2.167  0.59 32.53 ? 1006 MET A CG  1 
ATOM   84  C CG  B MET A 1 27 ? 0.278   -8.637  -2.680  0.41 29.37 ? 1006 MET A CG  1 
ATOM   85  S SD  A MET A 1 27 ? 0.458   -6.991  -1.105  0.59 28.03 ? 1006 MET A SD  1 
ATOM   86  S SD  B MET A 1 27 ? -0.577  -7.440  -1.639  0.41 42.89 ? 1006 MET A SD  1 
ATOM   87  C CE  A MET A 1 27 ? -0.877  -6.532  -2.214  0.59 34.34 ? 1006 MET A CE  1 
ATOM   88  C CE  B MET A 1 27 ? 0.771   -6.396  -1.187  0.41 33.19 ? 1006 MET A CE  1 
ATOM   89  N N   . PRO A 1 28 ? 2.258   -12.461 -3.749  1.00 40.22 ? 1007 PRO A N   1 
ATOM   90  C CA  . PRO A 1 28 ? 1.541   -13.701 -4.075  1.00 44.26 ? 1007 PRO A CA  1 
ATOM   91  C C   . PRO A 1 28 ? 1.380   -14.705 -2.942  1.00 46.60 ? 1007 PRO A C   1 
ATOM   92  O O   . PRO A 1 28 ? 0.986   -15.840 -3.218  1.00 48.00 ? 1007 PRO A O   1 
ATOM   93  C CB  . PRO A 1 28 ? 2.404   -14.296 -5.198  1.00 43.95 ? 1007 PRO A CB  1 
ATOM   94  C CG  . PRO A 1 28 ? 3.774   -13.808 -4.918  1.00 45.75 ? 1007 PRO A CG  1 
ATOM   95  C CD  . PRO A 1 28 ? 3.630   -12.454 -4.299  1.00 38.13 ? 1007 PRO A CD  1 
ATOM   96  N N   . CYS A 1 29 ? 1.654   -14.376 -1.681  1.00 45.74 ? 1008 CYS A N   1 
ATOM   97  C CA  . CYS A 1 29 ? 1.335   -15.291 -0.589  1.00 44.87 ? 1008 CYS A CA  1 
ATOM   98  C C   . CYS A 1 29 ? 0.938   -14.476 0.631   1.00 43.32 ? 1008 CYS A C   1 
ATOM   99  O O   . CYS A 1 29 ? 1.027   -13.249 0.640   1.00 39.49 ? 1008 CYS A O   1 
ATOM   100 C CB  . CYS A 1 29 ? 2.498   -16.241 -0.247  1.00 48.74 ? 1008 CYS A CB  1 
ATOM   101 S SG  . CYS A 1 29 ? 4.080   -15.487 0.229   1.00 57.57 ? 1008 CYS A SG  1 
ATOM   102 N N   . GLY A 1 30 ? 0.476   -15.180 1.667   1.00 38.14 ? 1009 GLY A N   1 
ATOM   103 C CA  . GLY A 1 30 ? 0.061   -14.493 2.882   1.00 40.72 ? 1009 GLY A CA  1 
ATOM   104 C C   . GLY A 1 30 ? 1.210   -13.785 3.572   1.00 45.15 ? 1009 GLY A C   1 
ATOM   105 O O   . GLY A 1 30 ? 1.045   -12.677 4.098   1.00 36.98 ? 1009 GLY A O   1 
ATOM   106 N N   . LYS A 1 31 ? 2.388   -14.412 3.579   1.00 43.86 ? 1010 LYS A N   1 
ATOM   107 C CA  . LYS A 1 31 ? 3.559   -13.794 4.189   1.00 41.89 ? 1010 LYS A CA  1 
ATOM   108 C C   . LYS A 1 31 ? 3.939   -12.500 3.483   1.00 36.19 ? 1010 LYS A C   1 
ATOM   109 O O   . LYS A 1 31 ? 4.290   -11.512 4.137   1.00 40.62 ? 1010 LYS A O   1 
ATOM   110 C CB  . LYS A 1 31 ? 4.736   -14.771 4.175   1.00 52.97 ? 1010 LYS A CB  1 
ATOM   111 C CG  . LYS A 1 31 ? 5.977   -14.243 4.880   1.00 59.29 ? 1010 LYS A CG  1 
ATOM   112 C CD  . LYS A 1 31 ? 7.253   -14.674 4.178   1.00 64.04 ? 1010 LYS A CD  1 
ATOM   113 C CE  . LYS A 1 31 ? 7.810   -15.951 4.781   1.00 67.66 ? 1010 LYS A CE  1 
ATOM   114 N NZ  . LYS A 1 31 ? 8.850   -16.564 3.907   1.00 71.12 ? 1010 LYS A NZ  1 
ATOM   115 N N   . SER A 1 32 ? 3.890   -12.487 2.142   1.00 35.87 ? 1011 SER A N   1 
ATOM   116 C CA  . SER A 1 32 ? 4.267   -11.279 1.408   1.00 35.75 ? 1011 SER A CA  1 
ATOM   117 C C   . SER A 1 32 ? 3.172   -10.217 1.485   1.00 34.32 ? 1011 SER A C   1 
ATOM   118 O O   . SER A 1 32 ? 3.467   -9.013  1.434   1.00 35.94 ? 1011 SER A O   1 
ATOM   119 C CB  . SER A 1 32 ? 4.638   -11.630 -0.044  1.00 47.71 ? 1011 SER A CB  1 
ATOM   120 O OG  . SER A 1 32 ? 3.541   -12.124 -0.795  1.00 51.62 ? 1011 SER A OG  1 
ATOM   121 N N   . ARG A 1 33 ? 1.916   -10.631 1.652   1.00 34.67 ? 1012 ARG A N   1 
ATOM   122 C CA  . ARG A 1 33 ? 0.858   -9.660  1.907   1.00 36.28 ? 1012 ARG A CA  1 
ATOM   123 C C   . ARG A 1 33 ? 1.058   -8.989  3.259   1.00 39.67 ? 1012 ARG A C   1 
ATOM   124 O O   . ARG A 1 33 ? 0.842   -7.778  3.402   1.00 33.79 ? 1012 ARG A O   1 
ATOM   125 C CB  . ARG A 1 33 ? -0.506  -10.352 1.835   1.00 38.16 ? 1012 ARG A CB  1 
ATOM   126 C CG  . ARG A 1 33 ? -0.967  -10.596 0.385   1.00 38.40 ? 1012 ARG A CG  1 
ATOM   127 C CD  . ARG A 1 33 ? -2.448  -10.958 0.299   1.00 45.55 ? 1012 ARG A CD  1 
ATOM   128 N NE  . ARG A 1 33 ? -2.760  -12.204 0.999   1.00 46.41 ? 1012 ARG A NE  1 
ATOM   129 C CZ  . ARG A 1 33 ? -2.775  -13.409 0.438   1.00 51.52 ? 1012 ARG A CZ  1 
ATOM   130 N NH1 . ARG A 1 33 ? -2.492  -13.564 -0.855  1.00 47.71 ? 1012 ARG A NH1 1 
ATOM   131 N NH2 . ARG A 1 33 ? -3.077  -14.470 1.175   1.00 55.19 ? 1012 ARG A NH2 1 
ATOM   132 N N   . ALA A 1 34 ? 1.470   -9.765  4.259   1.00 35.82 ? 1013 ALA A N   1 
ATOM   133 C CA  . ALA A 1 34 ? 1.687   -9.224  5.594   1.00 36.31 ? 1013 ALA A CA  1 
ATOM   134 C C   . ALA A 1 34 ? 2.871   -8.268  5.612   1.00 38.14 ? 1013 ALA A C   1 
ATOM   135 O O   . ALA A 1 34 ? 2.823   -7.226  6.273   1.00 35.87 ? 1013 ALA A O   1 
ATOM   136 C CB  . ALA A 1 34 ? 1.890   -10.371 6.587   1.00 37.39 ? 1013 ALA A CB  1 
ATOM   137 N N   . LYS A 1 35 ? 3.931   -8.588  4.869   1.00 34.37 ? 1014 LYS A N   1 
ATOM   138 C CA  . LYS A 1 35 ? 5.085   -7.696  4.798   1.00 37.59 ? 1014 LYS A CA  1 
ATOM   139 C C   . LYS A 1 35 ? 4.712   -6.354  4.180   1.00 37.11 ? 1014 LYS A C   1 
ATOM   140 O O   . LYS A 1 35 ? 5.129   -5.295  4.666   1.00 37.80 ? 1014 LYS A O   1 
ATOM   141 C CB  . LYS A 1 35 ? 6.212   -8.360  4.001   1.00 39.64 ? 1014 LYS A CB  1 
ATOM   142 C CG  . LYS A 1 35 ? 7.375   -7.432  3.695   1.00 46.50 ? 1014 LYS A CG  1 
ATOM   143 C CD  . LYS A 1 35 ? 8.493   -8.136  2.926   1.00 56.80 ? 1014 LYS A CD  1 
ATOM   144 C CE  . LYS A 1 35 ? 7.955   -9.130  1.903   1.00 60.05 ? 1014 LYS A CE  1 
ATOM   145 N NZ  . LYS A 1 35 ? 9.011   -9.560  0.940   1.00 62.80 ? 1014 LYS A NZ  1 
ATOM   146 N N   . ALA A 1 36 ? 3.915   -6.375  3.115   1.00 31.53 ? 1015 ALA A N   1 
ATOM   147 C CA  . ALA A 1 36 ? 3.530   -5.132  2.463   1.00 30.35 ? 1015 ALA A CA  1 
ATOM   148 C C   . ALA A 1 36 ? 2.576   -4.323  3.323   1.00 29.16 ? 1015 ALA A C   1 
ATOM   149 O O   . ALA A 1 36 ? 2.657   -3.088  3.351   1.00 32.37 ? 1015 ALA A O   1 
ATOM   150 C CB  . ALA A 1 36 ? 2.873   -5.423  1.134   1.00 33.66 ? 1015 ALA A CB  1 
ATOM   151 N N   . MET A 1 37 ? 1.602   -5.001  3.942   1.00 28.48 ? 1016 MET A N   1 
ATOM   152 C CA  . MET A 1 37 ? 0.652   -4.326  4.820   1.00 32.51 ? 1016 MET A CA  1 
ATOM   153 C C   . MET A 1 37 ? 1.375   -3.642  5.967   1.00 33.59 ? 1016 MET A C   1 
ATOM   154 O O   . MET A 1 37 ? 1.073   -2.495  6.315   1.00 31.51 ? 1016 MET A O   1 
ATOM   155 C CB  . MET A 1 37 ? -0.357  -5.323  5.395   1.00 36.55 ? 1016 MET A CB  1 
ATOM   156 C CG  . MET A 1 37 ? -1.425  -5.827  4.452   1.00 47.24 ? 1016 MET A CG  1 
ATOM   157 S SD  . MET A 1 37 ? -2.990  -4.970  4.676   1.00 53.64 ? 1016 MET A SD  1 
ATOM   158 C CE  . MET A 1 37 ? -3.372  -5.398  6.368   1.00 39.89 ? 1016 MET A CE  1 
ATOM   159 N N   . ALA A 1 38 ? 2.317   -4.351  6.583   1.00 30.39 ? 1017 ALA A N   1 
ATOM   160 C CA  . ALA A 1 38 ? 3.022   -3.811  7.744   1.00 29.91 ? 1017 ALA A CA  1 
ATOM   161 C C   . ALA A 1 38 ? 3.932   -2.657  7.354   1.00 37.79 ? 1017 ALA A C   1 
ATOM   162 O O   . ALA A 1 38 ? 4.166   -1.746  8.157   1.00 35.68 ? 1017 ALA A O   1 
ATOM   163 C CB  . ALA A 1 38 ? 3.837   -4.912  8.414   1.00 33.09 ? 1017 ALA A CB  1 
ATOM   164 N N   . LEU A 1 39 ? 4.463   -2.690  6.135   1.00 35.33 ? 1018 LEU A N   1 
ATOM   165 C CA  . LEU A 1 39 ? 5.268   -1.582  5.643   1.00 32.73 ? 1018 LEU A CA  1 
ATOM   166 C C   . LEU A 1 39 ? 4.420   -0.329  5.478   1.00 37.56 ? 1018 LEU A C   1 
ATOM   167 O O   . LEU A 1 39 ? 4.813   0.758   5.918   1.00 36.31 ? 1018 LEU A O   1 
ATOM   168 C CB  . LEU A 1 39 ? 5.928   -1.970  4.321   1.00 32.54 ? 1018 LEU A CB  1 
ATOM   169 C CG  . LEU A 1 39 ? 7.103   -1.103  3.870   1.00 40.58 ? 1018 LEU A CG  1 
ATOM   170 C CD1 . LEU A 1 39 ? 8.252   -1.243  4.857   1.00 47.87 ? 1018 LEU A CD1 1 
ATOM   171 C CD2 . LEU A 1 39 ? 7.546   -1.488  2.471   1.00 45.30 ? 1018 LEU A CD2 1 
ATOM   172 N N   . ALA A 1 40 ? 3.246   -0.466  4.854   1.00 27.66 ? 1019 ALA A N   1 
ATOM   173 C CA  . ALA A 1 40 ? 2.357   0.682   4.691   1.00 25.85 ? 1019 ALA A CA  1 
ATOM   174 C C   . ALA A 1 40 ? 1.859   1.183   6.041   1.00 31.80 ? 1019 ALA A C   1 
ATOM   175 O O   . ALA A 1 40 ? 1.780   2.398   6.267   1.00 31.45 ? 1019 ALA A O   1 
ATOM   176 C CB  . ALA A 1 40 ? 1.178   0.320   3.796   1.00 28.00 ? 1019 ALA A CB  1 
ATOM   177 N N   . ALA A 1 41 ? 1.521   0.257   6.947   1.00 31.02 ? 1020 ALA A N   1 
ATOM   178 C CA  . ALA A 1 41 ? 0.997   0.636   8.260   1.00 32.87 ? 1020 ALA A CA  1 
ATOM   179 C C   . ALA A 1 41 ? 2.013   1.409   9.083   1.00 36.00 ? 1020 ALA A C   1 
ATOM   180 O O   . ALA A 1 41 ? 1.626   2.180   9.976   1.00 35.47 ? 1020 ALA A O   1 
ATOM   181 C CB  . ALA A 1 41 ? 0.552   -0.604  9.039   1.00 30.85 ? 1020 ALA A CB  1 
ATOM   182 N N   . SER A 1 42 ? 3.306   1.198   8.830   1.00 31.25 ? 1021 SER A N   1 
ATOM   183 C CA  . SER A 1 42 ? 4.355   1.828   9.620   1.00 35.84 ? 1021 SER A CA  1 
ATOM   184 C C   . SER A 1 42 ? 4.619   3.276   9.226   1.00 34.95 ? 1021 SER A C   1 
ATOM   185 O O   . SER A 1 42 ? 5.346   3.969   9.947   1.00 41.98 ? 1021 SER A O   1 
ATOM   186 C CB  . SER A 1 42 ? 5.652   1.022   9.502   1.00 40.76 ? 1021 SER A CB  1 
ATOM   187 O OG  . SER A 1 42 ? 6.178   1.129   8.192   1.00 51.93 ? 1021 SER A OG  1 
ATOM   188 N N   . VAL A 1 43 ? 4.060   3.747   8.111   1.00 39.92 ? 1022 VAL A N   1 
ATOM   189 C CA  . VAL A 1 43 ? 4.243   5.136   7.710   1.00 39.42 ? 1022 VAL A CA  1 
ATOM   190 C C   . VAL A 1 43 ? 3.409   6.040   8.612   1.00 38.21 ? 1022 VAL A C   1 
ATOM   191 O O   . VAL A 1 43 ? 2.202   5.836   8.786   1.00 34.74 ? 1022 VAL A O   1 
ATOM   192 C CB  . VAL A 1 43 ? 3.879   5.314   6.227   1.00 40.52 ? 1022 VAL A CB  1 
ATOM   193 C CG1 . VAL A 1 43 ? 4.004   6.768   5.808   1.00 46.75 ? 1022 VAL A CG1 1 
ATOM   194 C CG2 . VAL A 1 43 ? 4.766   4.426   5.357   1.00 37.98 ? 1022 VAL A CG2 1 
ATOM   195 N N   . ASN A 1 44 ? 4.047   7.047   9.195   1.00 44.89 ? 1023 ASN A N   1 
ATOM   196 C CA  . ASN A 1 44 ? 3.333   7.920   10.115  1.00 43.94 ? 1023 ASN A CA  1 
ATOM   197 C C   . ASN A 1 44 ? 2.180   8.616   9.402   1.00 44.86 ? 1023 ASN A C   1 
ATOM   198 O O   . ASN A 1 44 ? 2.334   9.103   8.279   1.00 44.06 ? 1023 ASN A O   1 
ATOM   199 C CB  . ASN A 1 44 ? 4.286   8.947   10.715  1.00 48.56 ? 1023 ASN A CB  1 
ATOM   200 C CG  . ASN A 1 44 ? 3.660   9.698   11.858  1.00 54.00 ? 1023 ASN A CG  1 
ATOM   201 O OD1 . ASN A 1 44 ? 3.298   9.105   12.870  1.00 58.65 ? 1023 ASN A OD1 1 
ATOM   202 N ND2 . ASN A 1 44 ? 3.519   11.009  11.704  1.00 60.85 ? 1023 ASN A ND2 1 
ATOM   203 N N   . GLY A 1 45 ? 1.011   8.630   10.045  1.00 43.82 ? 1024 GLY A N   1 
ATOM   204 C CA  . GLY A 1 45 ? -0.175  9.249   9.486   1.00 40.62 ? 1024 GLY A CA  1 
ATOM   205 C C   . GLY A 1 45 ? -1.154  8.294   8.827   1.00 33.43 ? 1024 GLY A C   1 
ATOM   206 O O   . GLY A 1 45 ? -2.264  8.715   8.475   1.00 34.50 ? 1024 GLY A O   1 
ATOM   207 N N   . VAL A 1 46 ? -0.775  7.034   8.638   1.00 29.98 ? 1025 VAL A N   1 
ATOM   208 C CA  . VAL A 1 46 ? -1.663  6.033   8.059   1.00 29.57 ? 1025 VAL A CA  1 
ATOM   209 C C   . VAL A 1 46 ? -2.698  5.635   9.103   1.00 35.18 ? 1025 VAL A C   1 
ATOM   210 O O   . VAL A 1 46 ? -2.358  5.350   10.261  1.00 37.55 ? 1025 VAL A O   1 
ATOM   211 C CB  . VAL A 1 46 ? -0.855  4.819   7.565   1.00 30.09 ? 1025 VAL A CB  1 
ATOM   212 C CG1 . VAL A 1 46 ? -1.778  3.688   7.145   1.00 28.92 ? 1025 VAL A CG1 1 
ATOM   213 C CG2 . VAL A 1 46 ? 0.076   5.202   6.392   1.00 32.95 ? 1025 VAL A CG2 1 
ATOM   214 N N   . ASP A 1 47 ? -3.979  5.668   8.726   1.00 29.17 ? 1026 ASP A N   1 
ATOM   215 C CA  A ASP A 1 47 ? -5.092  5.268   9.578   0.58 34.76 ? 1026 ASP A CA  1 
ATOM   216 C CA  B ASP A 1 47 ? -4.979  5.185   9.663   0.42 34.88 ? 1026 ASP A CA  1 
ATOM   217 C C   . ASP A 1 47 ? -5.693  3.925   9.204   1.00 29.42 ? 1026 ASP A C   1 
ATOM   218 O O   . ASP A 1 47 ? -6.430  3.342   10.010  1.00 32.70 ? 1026 ASP A O   1 
ATOM   219 C CB  A ASP A 1 47 ? -6.223  6.309   9.518   0.58 39.47 ? 1026 ASP A CB  1 
ATOM   220 C CB  B ASP A 1 47 ? -6.015  6.272   9.989   0.42 40.94 ? 1026 ASP A CB  1 
ATOM   221 C CG  A ASP A 1 47 ? -5.832  7.642   10.119  0.58 45.27 ? 1026 ASP A CG  1 
ATOM   222 C CG  B ASP A 1 47 ? -6.494  7.018   8.770   0.42 41.21 ? 1026 ASP A CG  1 
ATOM   223 O OD1 A ASP A 1 47 ? -5.086  7.649   11.116  0.58 47.79 ? 1026 ASP A OD1 1 
ATOM   224 O OD1 B ASP A 1 47 ? -6.954  6.357   7.820   0.42 44.20 ? 1026 ASP A OD1 1 
ATOM   225 O OD2 A ASP A 1 47 ? -6.279  8.689   9.604   0.58 46.67 ? 1026 ASP A OD2 1 
ATOM   226 O OD2 B ASP A 1 47 ? -6.435  8.266   8.774   0.42 44.52 ? 1026 ASP A OD2 1 
ATOM   227 N N   . SER A 1 48 ? -5.450  3.456   7.984   1.00 30.44 ? 1027 SER A N   1 
ATOM   228 C CA  . SER A 1 48 ? -6.116  2.272   7.467   1.00 29.32 ? 1027 SER A CA  1 
ATOM   229 C C   . SER A 1 48 ? -5.243  1.646   6.390   1.00 27.43 ? 1027 SER A C   1 
ATOM   230 O O   . SER A 1 48 ? -4.688  2.360   5.546   1.00 25.89 ? 1027 SER A O   1 
ATOM   231 C CB  . SER A 1 48 ? -7.495  2.649   6.903   1.00 39.05 ? 1027 SER A CB  1 
ATOM   232 O OG  . SER A 1 48 ? -8.121  1.564   6.258   1.00 45.09 ? 1027 SER A OG  1 
ATOM   233 N N   . VAL A 1 49 ? -5.093  0.321   6.441   1.00 26.30 ? 1028 VAL A N   1 
ATOM   234 C CA  . VAL A 1 49 ? -4.464  -0.428  5.355   1.00 25.36 ? 1028 VAL A CA  1 
ATOM   235 C C   . VAL A 1 49 ? -5.318  -1.661  5.080   1.00 31.95 ? 1028 VAL A C   1 
ATOM   236 O O   . VAL A 1 49 ? -5.796  -2.314  6.011   1.00 30.34 ? 1028 VAL A O   1 
ATOM   237 C CB  . VAL A 1 49 ? -3.002  -0.832  5.669   1.00 24.58 ? 1028 VAL A CB  1 
ATOM   238 C CG1 . VAL A 1 49 ? -2.410  -1.574  4.518   1.00 34.53 ? 1028 VAL A CG1 1 
ATOM   239 C CG2 . VAL A 1 49 ? -2.134  0.379   5.967   1.00 27.27 ? 1028 VAL A CG2 1 
ATOM   240 N N   . GLU A 1 50 ? -5.504  -1.982  3.800   1.00 26.66 ? 1029 GLU A N   1 
ATOM   241 C CA  . GLU A 1 50 ? -6.393  -3.062  3.401   1.00 28.18 ? 1029 GLU A CA  1 
ATOM   242 C C   . GLU A 1 50 ? -5.882  -3.697  2.117   1.00 28.54 ? 1029 GLU A C   1 
ATOM   243 O O   . GLU A 1 50 ? -5.351  -3.005  1.243   1.00 29.50 ? 1029 GLU A O   1 
ATOM   244 C CB  . GLU A 1 50 ? -7.817  -2.533  3.201   1.00 33.98 ? 1029 GLU A CB  1 
ATOM   245 C CG  . GLU A 1 50 ? -8.826  -3.566  2.768   1.00 49.50 ? 1029 GLU A CG  1 
ATOM   246 C CD  . GLU A 1 50 ? -10.201 -2.966  2.549   1.00 59.76 ? 1029 GLU A CD  1 
ATOM   247 O OE1 . GLU A 1 50 ? -10.275 -1.793  2.124   1.00 62.87 ? 1029 GLU A OE1 1 
ATOM   248 O OE2 . GLU A 1 50 ? -11.205 -3.663  2.803   1.00 60.70 ? 1029 GLU A OE2 1 
ATOM   249 N N   . ILE A 1 51 ? -6.052  -5.013  2.004   1.00 25.88 ? 1030 ILE A N   1 
ATOM   250 C CA  . ILE A 1 51 ? -5.749  -5.739  0.775   1.00 30.10 ? 1030 ILE A CA  1 
ATOM   251 C C   . ILE A 1 51 ? -7.064  -6.091  0.105   1.00 38.75 ? 1030 ILE A C   1 
ATOM   252 O O   . ILE A 1 51 ? -7.969  -6.641  0.748   1.00 33.89 ? 1030 ILE A O   1 
ATOM   253 C CB  . ILE A 1 51 ? -4.895  -6.985  1.050   1.00 27.02 ? 1030 ILE A CB  1 
ATOM   254 C CG1 . ILE A 1 51 ? -3.519  -6.512  1.511   1.00 42.27 ? 1030 ILE A CG1 1 
ATOM   255 C CG2 . ILE A 1 51 ? -4.752  -7.835  -0.246  1.00 30.24 ? 1030 ILE A CG2 1 
ATOM   256 C CD1 . ILE A 1 51 ? -2.468  -7.535  1.491   1.00 47.68 ? 1030 ILE A CD1 1 
ATOM   257 N N   . THR A 1 52 ? -7.177  -5.745  -1.177  1.00 33.28 ? 1031 THR A N   1 
ATOM   258 C CA  . THR A 1 52 ? -8.403  -5.911  -1.942  1.00 33.38 ? 1031 THR A CA  1 
ATOM   259 C C   . THR A 1 52 ? -8.082  -6.463  -3.331  1.00 31.08 ? 1031 THR A C   1 
ATOM   260 O O   . THR A 1 52 ? -6.918  -6.676  -3.689  1.00 37.84 ? 1031 THR A O   1 
ATOM   261 C CB  . THR A 1 52 ? -9.165  -4.581  -2.027  1.00 42.91 ? 1031 THR A CB  1 
ATOM   262 O OG1 . THR A 1 52 ? -10.515 -4.834  -2.437  1.00 56.63 ? 1031 THR A OG1 1 
ATOM   263 C CG2 . THR A 1 52 ? -8.494  -3.608  -2.989  1.00 43.35 ? 1031 THR A CG2 1 
ATOM   264 N N   . GLY A 1 53 ? -9.127  -6.701  -4.104  1.00 36.02 ? 1032 GLY A N   1 
ATOM   265 C CA  . GLY A 1 53 ? -9.012  -7.232  -5.453  1.00 38.49 ? 1032 GLY A CA  1 
ATOM   266 C C   . GLY A 1 53 ? -9.225  -8.733  -5.515  1.00 41.65 ? 1032 GLY A C   1 
ATOM   267 O O   . GLY A 1 53 ? -8.969  -9.471  -4.558  1.00 46.52 ? 1032 GLY A O   1 
ATOM   268 N N   . GLU A 1 54 ? -9.697  -9.201  -6.679  1.00 45.73 ? 1033 GLU A N   1 
ATOM   269 C CA  . GLU A 1 54 ? -9.858  -10.636 -6.908  1.00 50.14 ? 1033 GLU A CA  1 
ATOM   270 C C   . GLU A 1 54 ? -8.546  -11.391 -6.719  1.00 51.87 ? 1033 GLU A C   1 
ATOM   271 O O   . GLU A 1 54 ? -8.543  -12.537 -6.252  1.00 56.76 ? 1033 GLU A O   1 
ATOM   272 C CB  . GLU A 1 54 ? -10.404 -10.884 -8.315  1.00 63.95 ? 1033 GLU A CB  1 
ATOM   273 C CG  . GLU A 1 54 ? -11.708 -10.165 -8.623  1.00 74.72 ? 1033 GLU A CG  1 
ATOM   274 C CD  . GLU A 1 54 ? -11.491 -8.755  -9.151  1.00 80.83 ? 1033 GLU A CD  1 
ATOM   275 O OE1 . GLU A 1 54 ? -10.926 -7.917  -8.412  1.00 76.51 ? 1033 GLU A OE1 1 
ATOM   276 O OE2 . GLU A 1 54 ? -11.886 -8.486  -10.307 1.00 87.89 ? 1033 GLU A OE2 1 
ATOM   277 N N   . ASP A 1 55 ? -7.423  -10.784 -7.099  1.00 49.26 ? 1034 ASP A N   1 
ATOM   278 C CA  . ASP A 1 55 ? -6.124  -11.431 -6.967  1.00 49.28 ? 1034 ASP A CA  1 
ATOM   279 C C   . ASP A 1 55 ? -5.397  -11.031 -5.694  1.00 45.04 ? 1034 ASP A C   1 
ATOM   280 O O   . ASP A 1 55 ? -4.216  -11.367 -5.541  1.00 44.53 ? 1034 ASP A O   1 
ATOM   281 C CB  . ASP A 1 55 ? -5.239  -11.130 -8.183  1.00 54.64 ? 1034 ASP A CB  1 
ATOM   282 C CG  . ASP A 1 55 ? -5.909  -11.482 -9.497  1.00 66.09 ? 1034 ASP A CG  1 
ATOM   283 O OD1 . ASP A 1 55 ? -6.393  -12.624 -9.629  1.00 66.56 ? 1034 ASP A OD1 1 
ATOM   284 O OD2 . ASP A 1 55 ? -5.946  -10.622 -10.400 1.00 71.84 ? 1034 ASP A OD2 1 
ATOM   285 N N   . LYS A 1 56 ? -6.068  -10.316 -4.787  1.00 41.02 ? 1035 LYS A N   1 
ATOM   286 C CA  . LYS A 1 56 ? -5.472  -9.870  -3.529  1.00 35.85 ? 1035 LYS A CA  1 
ATOM   287 C C   . LYS A 1 56 ? -4.144  -9.153  -3.770  1.00 35.61 ? 1035 LYS A C   1 
ATOM   288 O O   . LYS A 1 56 ? -3.139  -9.403  -3.101  1.00 37.05 ? 1035 LYS A O   1 
ATOM   289 C CB  . LYS A 1 56 ? -5.296  -11.042 -2.561  1.00 44.49 ? 1035 LYS A CB  1 
ATOM   290 C CG  . LYS A 1 56 ? -6.579  -11.799 -2.271  1.00 53.00 ? 1035 LYS A CG  1 
ATOM   291 C CD  . LYS A 1 56 ? -6.373  -12.826 -1.170  1.00 59.93 ? 1035 LYS A CD  1 
ATOM   292 C CE  . LYS A 1 56 ? -6.922  -14.184 -1.573  1.00 68.67 ? 1035 LYS A CE  1 
ATOM   293 N NZ  . LYS A 1 56 ? -7.272  -15.023 -0.391  1.00 75.01 ? 1035 LYS A NZ  1 
ATOM   294 N N   . ASP A 1 57 ? -4.140  -8.241  -4.744  1.00 34.35 ? 1036 ASP A N   1 
ATOM   295 C CA  . ASP A 1 57 ? -2.906  -7.569  -5.132  1.00 36.21 ? 1036 ASP A CA  1 
ATOM   296 C C   . ASP A 1 57 ? -3.012  -6.052  -5.070  1.00 39.03 ? 1036 ASP A C   1 
ATOM   297 O O   . ASP A 1 57 ? -2.101  -5.356  -5.535  1.00 35.06 ? 1036 ASP A O   1 
ATOM   298 C CB  . ASP A 1 57 ? -2.478  -8.018  -6.535  1.00 43.57 ? 1036 ASP A CB  1 
ATOM   299 C CG  . ASP A 1 57 ? -3.499  -7.671  -7.603  1.00 48.31 ? 1036 ASP A CG  1 
ATOM   300 O OD1 . ASP A 1 57 ? -4.651  -7.344  -7.262  1.00 45.42 ? 1036 ASP A OD1 1 
ATOM   301 O OD2 . ASP A 1 57 ? -3.145  -7.722  -8.798  1.00 53.29 ? 1036 ASP A OD2 1 
ATOM   302 N N   . ARG A 1 58 ? -4.081  -5.521  -4.492  1.00 35.84 ? 1037 ARG A N   1 
ATOM   303 C CA  . ARG A 1 58 ? -4.264  -4.087  -4.353  1.00 27.15 ? 1037 ARG A CA  1 
ATOM   304 C C   . ARG A 1 58 ? -4.122  -3.731  -2.887  1.00 27.53 ? 1037 ARG A C   1 
ATOM   305 O O   . ARG A 1 58 ? -4.856  -4.258  -2.051  1.00 32.43 ? 1037 ARG A O   1 
ATOM   306 C CB  . ARG A 1 58 ? -5.634  -3.649  -4.866  1.00 29.95 ? 1037 ARG A CB  1 
ATOM   307 C CG  . ARG A 1 58 ? -5.987  -4.206  -6.240  1.00 40.87 ? 1037 ARG A CG  1 
ATOM   308 C CD  . ARG A 1 58 ? -5.160  -3.554  -7.316  1.00 49.92 ? 1037 ARG A CD  1 
ATOM   309 N NE  . ARG A 1 58 ? -5.144  -4.343  -8.546  1.00 61.03 ? 1037 ARG A NE  1 
ATOM   310 C CZ  . ARG A 1 58 ? -5.950  -4.128  -9.581  1.00 63.55 ? 1037 ARG A CZ  1 
ATOM   311 N NH1 . ARG A 1 58 ? -5.867  -4.891  -10.662 1.00 63.57 ? 1037 ARG A NH1 1 
ATOM   312 N NH2 . ARG A 1 58 ? -6.850  -3.153  -9.530  1.00 68.80 ? 1037 ARG A NH2 1 
ATOM   313 N N   . LEU A 1 59 ? -3.177  -2.857  -2.584  1.00 25.88 ? 1038 LEU A N   1 
ATOM   314 C CA  . LEU A 1 59 ? -2.985  -2.346  -1.235  1.00 29.47 ? 1038 LEU A CA  1 
ATOM   315 C C   . LEU A 1 59 ? -3.650  -0.977  -1.148  1.00 26.47 ? 1038 LEU A C   1 
ATOM   316 O O   . LEU A 1 59 ? -3.332  -0.088  -1.941  1.00 28.38 ? 1038 LEU A O   1 
ATOM   317 C CB  . LEU A 1 59 ? -1.490  -2.256  -0.938  1.00 32.48 ? 1038 LEU A CB  1 
ATOM   318 C CG  . LEU A 1 59 ? -1.071  -1.935  0.485   1.00 32.91 ? 1038 LEU A CG  1 
ATOM   319 C CD1 . LEU A 1 59 ? -1.439  -3.084  1.407   1.00 35.11 ? 1038 LEU A CD1 1 
ATOM   320 C CD2 . LEU A 1 59 ? 0.421   -1.699  0.497   1.00 39.30 ? 1038 LEU A CD2 1 
ATOM   321 N N   . VAL A 1 60 ? -4.596  -0.817  -0.219  1.00 30.34 ? 1039 VAL A N   1 
ATOM   322 C CA  . VAL A 1 60 ? -5.352  0.424   -0.075  1.00 29.95 ? 1039 VAL A CA  1 
ATOM   323 C C   . VAL A 1 60 ? -4.933  1.063   1.235   1.00 23.02 ? 1039 VAL A C   1 
ATOM   324 O O   . VAL A 1 60 ? -5.043  0.437   2.298   1.00 25.52 ? 1039 VAL A O   1 
ATOM   325 C CB  . VAL A 1 60 ? -6.870  0.185   -0.105  1.00 31.95 ? 1039 VAL A CB  1 
ATOM   326 C CG1 . VAL A 1 60 ? -7.617  1.520   -0.018  1.00 30.87 ? 1039 VAL A CG1 1 
ATOM   327 C CG2 . VAL A 1 60 ? -7.265  -0.575  -1.353  1.00 33.00 ? 1039 VAL A CG2 1 
ATOM   328 N N   . VAL A 1 61 ? -4.423  2.292   1.158   1.00 27.77 ? 1040 VAL A N   1 
ATOM   329 C CA  . VAL A 1 61 ? -3.850  2.991   2.306   1.00 28.56 ? 1040 VAL A CA  1 
ATOM   330 C C   . VAL A 1 61 ? -4.589  4.311   2.459   1.00 25.07 ? 1040 VAL A C   1 
ATOM   331 O O   . VAL A 1 61 ? -4.679  5.092   1.507   1.00 28.49 ? 1040 VAL A O   1 
ATOM   332 C CB  . VAL A 1 61 ? -2.338  3.234   2.128   1.00 31.36 ? 1040 VAL A CB  1 
ATOM   333 C CG1 . VAL A 1 61 ? -1.733  3.851   3.386   1.00 34.12 ? 1040 VAL A CG1 1 
ATOM   334 C CG2 . VAL A 1 61 ? -1.606  1.928   1.755   1.00 33.90 ? 1040 VAL A CG2 1 
ATOM   335 N N   . VAL A 1 62 ? -5.105  4.575   3.652   1.00 25.80 ? 1041 VAL A N   1 
ATOM   336 C CA  . VAL A 1 62 ? -5.775  5.839   3.924   1.00 27.72 ? 1041 VAL A CA  1 
ATOM   337 C C   . VAL A 1 62 ? -5.080  6.532   5.086   1.00 29.13 ? 1041 VAL A C   1 
ATOM   338 O O   . VAL A 1 62 ? -4.735  5.893   6.085   1.00 36.17 ? 1041 VAL A O   1 
ATOM   339 C CB  . VAL A 1 62 ? -7.270  5.630   4.233   1.00 30.08 ? 1041 VAL A CB  1 
ATOM   340 C CG1 . VAL A 1 62 ? -7.948  6.980   4.450   1.00 33.90 ? 1041 VAL A CG1 1 
ATOM   341 C CG2 . VAL A 1 62 ? -7.937  4.875   3.108   1.00 33.51 ? 1041 VAL A CG2 1 
ATOM   342 N N   . GLY A 1 63 ? -4.872  7.836   4.960   1.00 31.83 ? 1042 GLY A N   1 
ATOM   343 C CA  . GLY A 1 63 ? -4.284  8.577   6.058   1.00 33.78 ? 1042 GLY A CA  1 
ATOM   344 C C   . GLY A 1 63 ? -4.172  10.051  5.747   1.00 42.43 ? 1042 GLY A C   1 
ATOM   345 O O   . GLY A 1 63 ? -4.837  10.567  4.849   1.00 38.91 ? 1042 GLY A O   1 
ATOM   346 N N   . ARG A 1 64 ? -3.316  10.719  6.505   1.00 42.86 ? 1043 ARG A N   1 
ATOM   347 C CA  . ARG A 1 64 ? -3.068  12.149  6.371   1.00 41.05 ? 1043 ARG A CA  1 
ATOM   348 C C   . ARG A 1 64 ? -1.571  12.370  6.207   1.00 45.45 ? 1043 ARG A C   1 
ATOM   349 O O   . ARG A 1 64 ? -0.764  11.755  6.909   1.00 44.48 ? 1043 ARG A O   1 
ATOM   350 C CB  . ARG A 1 64 ? -3.578  12.926  7.592   1.00 46.88 ? 1043 ARG A CB  1 
ATOM   351 C CG  . ARG A 1 64 ? -5.087  12.847  7.825   1.00 48.19 ? 1043 ARG A CG  1 
ATOM   352 C CD  . ARG A 1 64 ? -5.567  13.840  8.875   1.00 62.05 ? 1043 ARG A CD  1 
ATOM   353 N NE  . ARG A 1 64 ? -6.904  14.334  8.549   1.00 68.43 ? 1043 ARG A NE  1 
ATOM   354 C CZ  . ARG A 1 64 ? -8.035  13.737  8.917   1.00 66.49 ? 1043 ARG A CZ  1 
ATOM   355 N NH1 . ARG A 1 64 ? -7.998  12.630  9.648   1.00 67.80 ? 1043 ARG A NH1 1 
ATOM   356 N NH2 . ARG A 1 64 ? -9.204  14.252  8.560   1.00 65.62 ? 1043 ARG A NH2 1 
ATOM   357 N N   . GLY A 1 65 ? -1.204  13.248  5.279   1.00 51.64 ? 1044 GLY A N   1 
ATOM   358 C CA  . GLY A 1 65 ? 0.195   13.574  5.088   1.00 53.32 ? 1044 GLY A CA  1 
ATOM   359 C C   . GLY A 1 65 ? 1.043   12.455  4.526   1.00 56.64 ? 1044 GLY A C   1 
ATOM   360 O O   . GLY A 1 65 ? 2.248   12.409  4.797   1.00 58.68 ? 1044 GLY A O   1 
ATOM   361 N N   . ILE A 1 66 ? 0.451   11.548  3.744   1.00 47.54 ? 1045 ILE A N   1 
ATOM   362 C CA  . ILE A 1 66 ? 1.189   10.445  3.137   1.00 50.30 ? 1045 ILE A CA  1 
ATOM   363 C C   . ILE A 1 66 ? 1.689   10.882  1.769   1.00 52.92 ? 1045 ILE A C   1 
ATOM   364 O O   . ILE A 1 66 ? 0.921   11.413  0.957   1.00 49.07 ? 1045 ILE A O   1 
ATOM   365 C CB  . ILE A 1 66 ? 0.317   9.185   3.012   1.00 49.13 ? 1045 ILE A CB  1 
ATOM   366 C CG1 . ILE A 1 66 ? -0.314  8.815   4.349   1.00 50.31 ? 1045 ILE A CG1 1 
ATOM   367 C CG2 . ILE A 1 66 ? 1.145   8.026   2.471   1.00 52.95 ? 1045 ILE A CG2 1 
ATOM   368 C CD1 . ILE A 1 66 ? 0.697   8.508   5.406   1.00 52.39 ? 1045 ILE A CD1 1 
ATOM   369 N N   . ASP A 1 67 ? 2.976   10.653  1.512   1.00 51.90 ? 1046 ASP A N   1 
ATOM   370 C CA  . ASP A 1 67 ? 3.559   10.930  0.210   1.00 52.74 ? 1046 ASP A CA  1 
ATOM   371 C C   . ASP A 1 67 ? 3.404   9.685   -0.651  1.00 50.56 ? 1046 ASP A C   1 
ATOM   372 O O   . ASP A 1 67 ? 4.053   8.666   -0.364  1.00 44.57 ? 1046 ASP A O   1 
ATOM   373 C CB  . ASP A 1 67 ? 5.024   11.309  0.345   1.00 57.56 ? 1046 ASP A CB  1 
ATOM   374 C CG  . ASP A 1 67 ? 5.654   11.671  -0.979  1.00 69.58 ? 1046 ASP A CG  1 
ATOM   375 O OD1 . ASP A 1 67 ? 6.900   11.665  -1.060  1.00 77.41 ? 1046 ASP A OD1 1 
ATOM   376 O OD2 . ASP A 1 67 ? 4.908   11.960  -1.938  1.00 76.13 ? 1046 ASP A OD2 1 
ATOM   377 N N   . PRO A 1 68 ? 2.561   9.702   -1.685  1.00 48.60 ? 1047 PRO A N   1 
ATOM   378 C CA  . PRO A 1 68 ? 2.330   8.462   -2.447  1.00 45.48 ? 1047 PRO A CA  1 
ATOM   379 C C   . PRO A 1 68 ? 3.571   7.972   -3.168  1.00 45.88 ? 1047 PRO A C   1 
ATOM   380 O O   . PRO A 1 68 ? 3.784   6.757   -3.280  1.00 41.41 ? 1047 PRO A O   1 
ATOM   381 C CB  . PRO A 1 68 ? 1.220   8.858   -3.434  1.00 45.36 ? 1047 PRO A CB  1 
ATOM   382 C CG  . PRO A 1 68 ? 0.624   10.118  -2.885  1.00 49.15 ? 1047 PRO A CG  1 
ATOM   383 C CD  . PRO A 1 68 ? 1.748   10.819  -2.188  1.00 49.86 ? 1047 PRO A CD  1 
ATOM   384 N N   . VAL A 1 69 ? 4.399   8.892   -3.656  1.00 43.24 ? 1048 VAL A N   1 
ATOM   385 C CA  . VAL A 1 69 ? 5.580   8.508   -4.421  1.00 52.85 ? 1048 VAL A CA  1 
ATOM   386 C C   . VAL A 1 69 ? 6.579   7.771   -3.538  1.00 51.76 ? 1048 VAL A C   1 
ATOM   387 O O   . VAL A 1 69 ? 7.180   6.772   -3.953  1.00 48.56 ? 1048 VAL A O   1 
ATOM   388 C CB  . VAL A 1 69 ? 6.202   9.752   -5.079  1.00 57.50 ? 1048 VAL A CB  1 
ATOM   389 C CG1 . VAL A 1 69 ? 7.656   9.506   -5.450  1.00 60.80 ? 1048 VAL A CG1 1 
ATOM   390 C CG2 . VAL A 1 69 ? 5.396   10.145  -6.303  1.00 59.69 ? 1048 VAL A CG2 1 
ATOM   391 N N   . ARG A 1 70 ? 6.762   8.243   -2.304  1.00 49.58 ? 1049 ARG A N   1 
ATOM   392 C CA  . ARG A 1 70 ? 7.696   7.585   -1.399  1.00 52.49 ? 1049 ARG A CA  1 
ATOM   393 C C   . ARG A 1 70 ? 7.146   6.245   -0.926  1.00 45.45 ? 1049 ARG A C   1 
ATOM   394 O O   . ARG A 1 70 ? 7.901   5.280   -0.761  1.00 48.71 ? 1049 ARG A O   1 
ATOM   395 C CB  . ARG A 1 70 ? 8.005   8.505   -0.215  1.00 60.13 ? 1049 ARG A CB  1 
ATOM   396 C CG  . ARG A 1 70 ? 9.197   8.079   0.636   1.00 70.55 ? 1049 ARG A CG  1 
ATOM   397 C CD  . ARG A 1 70 ? 8.765   7.253   1.839   1.00 73.47 ? 1049 ARG A CD  1 
ATOM   398 N NE  . ARG A 1 70 ? 8.034   8.053   2.815   1.00 77.97 ? 1049 ARG A NE  1 
ATOM   399 C CZ  . ARG A 1 70 ? 6.819   7.752   3.262   1.00 72.25 ? 1049 ARG A CZ  1 
ATOM   400 N NH1 . ARG A 1 70 ? 6.200   6.665   2.815   1.00 66.83 ? 1049 ARG A NH1 1 
ATOM   401 N NH2 . ARG A 1 70 ? 6.224   8.540   4.147   1.00 71.00 ? 1049 ARG A NH2 1 
ATOM   402 N N   . LEU A 1 71 ? 5.831   6.169   -0.705  1.00 40.92 ? 1050 LEU A N   1 
ATOM   403 C CA  . LEU A 1 71 ? 5.202   4.915   -0.296  1.00 38.33 ? 1050 LEU A CA  1 
ATOM   404 C C   . LEU A 1 71 ? 5.380   3.831   -1.352  1.00 37.68 ? 1050 LEU A C   1 
ATOM   405 O O   . LEU A 1 71 ? 5.728   2.686   -1.037  1.00 42.07 ? 1050 LEU A O   1 
ATOM   406 C CB  . LEU A 1 71 ? 3.716   5.145   -0.024  1.00 35.59 ? 1050 LEU A CB  1 
ATOM   407 C CG  . LEU A 1 71 ? 2.861   3.891   0.151   1.00 39.13 ? 1050 LEU A CG  1 
ATOM   408 C CD1 . LEU A 1 71 ? 3.192   3.206   1.470   1.00 37.84 ? 1050 LEU A CD1 1 
ATOM   409 C CD2 . LEU A 1 71 ? 1.384   4.237   0.089   1.00 44.17 ? 1050 LEU A CD2 1 
ATOM   410 N N   . VAL A 1 72 ? 5.114   4.165   -2.612  1.00 35.97 ? 1051 VAL A N   1 
ATOM   411 C CA  . VAL A 1 72 ? 5.302   3.187   -3.686  1.00 35.43 ? 1051 VAL A CA  1 
ATOM   412 C C   . VAL A 1 72 ? 6.771   2.792   -3.796  1.00 39.48 ? 1051 VAL A C   1 
ATOM   413 O O   . VAL A 1 72 ? 7.099   1.634   -4.076  1.00 39.54 ? 1051 VAL A O   1 
ATOM   414 C CB  . VAL A 1 72 ? 4.758   3.737   -5.015  1.00 40.66 ? 1051 VAL A CB  1 
ATOM   415 C CG1 . VAL A 1 72 ? 4.988   2.727   -6.133  1.00 39.28 ? 1051 VAL A CG1 1 
ATOM   416 C CG2 . VAL A 1 72 ? 3.283   4.035   -4.886  1.00 44.53 ? 1051 VAL A CG2 1 
ATOM   417 N N   . ALA A 1 73 ? 7.682   3.734   -3.540  1.00 45.90 ? 1052 ALA A N   1 
ATOM   418 C CA  . ALA A 1 73 ? 9.101   3.408   -3.632  1.00 48.04 ? 1052 ALA A CA  1 
ATOM   419 C C   . ALA A 1 73 ? 9.523   2.437   -2.535  1.00 52.13 ? 1052 ALA A C   1 
ATOM   420 O O   . ALA A 1 73 ? 10.346  1.545   -2.777  1.00 51.86 ? 1052 ALA A O   1 
ATOM   421 C CB  . ALA A 1 73 ? 9.944   4.683   -3.576  1.00 51.84 ? 1052 ALA A CB  1 
ATOM   422 N N   . LEU A 1 74 ? 8.984   2.595   -1.323  1.00 48.20 ? 1053 LEU A N   1 
ATOM   423 C CA  . LEU A 1 74 ? 9.289   1.641   -0.260  1.00 50.15 ? 1053 LEU A CA  1 
ATOM   424 C C   . LEU A 1 74 ? 8.729   0.262   -0.581  1.00 47.66 ? 1053 LEU A C   1 
ATOM   425 O O   . LEU A 1 74 ? 9.398   -0.753  -0.358  1.00 48.93 ? 1053 LEU A O   1 
ATOM   426 C CB  . LEU A 1 74 ? 8.734   2.128   1.077   1.00 51.65 ? 1053 LEU A CB  1 
ATOM   427 C CG  . LEU A 1 74 ? 9.338   3.386   1.688   1.00 62.18 ? 1053 LEU A CG  1 
ATOM   428 C CD1 . LEU A 1 74 ? 8.414   3.944   2.780   1.00 63.46 ? 1053 LEU A CD1 1 
ATOM   429 C CD2 . LEU A 1 74 ? 10.740  3.091   2.223   1.00 69.22 ? 1053 LEU A CD2 1 
ATOM   430 N N   . LEU A 1 75 ? 7.500   0.209   -1.101  1.00 43.62 ? 1054 LEU A N   1 
ATOM   431 C CA  . LEU A 1 75 ? 6.892   -1.071  -1.456  1.00 39.76 ? 1054 LEU A CA  1 
ATOM   432 C C   . LEU A 1 75 ? 7.633   -1.738  -2.606  1.00 39.57 ? 1054 LEU A C   1 
ATOM   433 O O   . LEU A 1 75 ? 7.820   -2.959  -2.602  1.00 39.34 ? 1054 LEU A O   1 
ATOM   434 C CB  . LEU A 1 75 ? 5.422   -0.877  -1.815  1.00 36.77 ? 1054 LEU A CB  1 
ATOM   435 C CG  . LEU A 1 75 ? 4.499   -0.577  -0.632  1.00 34.92 ? 1054 LEU A CG  1 
ATOM   436 C CD1 . LEU A 1 75 ? 3.196   0.029   -1.152  1.00 30.01 ? 1054 LEU A CD1 1 
ATOM   437 C CD2 . LEU A 1 75 ? 4.247   -1.836  0.203   1.00 33.13 ? 1054 LEU A CD2 1 
ATOM   438 N N   . ARG A 1 76 ? 8.065   -0.957  -3.597  1.00 40.76 ? 1055 ARG A N   1 
ATOM   439 C CA  . ARG A 1 76 ? 8.854   -1.525  -4.683  1.00 42.15 ? 1055 ARG A CA  1 
ATOM   440 C C   . ARG A 1 76 ? 10.151  -2.121  -4.158  1.00 45.60 ? 1055 ARG A C   1 
ATOM   441 O O   . ARG A 1 76 ? 10.566  -3.205  -4.586  1.00 45.72 ? 1055 ARG A O   1 
ATOM   442 C CB  . ARG A 1 76 ? 9.142   -0.457  -5.743  1.00 43.48 ? 1055 ARG A CB  1 
ATOM   443 C CG  . ARG A 1 76 ? 10.042  -0.906  -6.872  1.00 54.05 ? 1055 ARG A CG  1 
ATOM   444 C CD  . ARG A 1 76 ? 10.118  0.167   -7.955  1.00 57.40 ? 1055 ARG A CD  1 
ATOM   445 N NE  . ARG A 1 76 ? 8.798   0.481   -8.501  1.00 61.06 ? 1055 ARG A NE  1 
ATOM   446 C CZ  . ARG A 1 76 ? 8.250   1.693   -8.503  1.00 59.70 ? 1055 ARG A CZ  1 
ATOM   447 N NH1 . ARG A 1 76 ? 8.905   2.725   -7.984  1.00 64.03 ? 1055 ARG A NH1 1 
ATOM   448 N NH2 . ARG A 1 76 ? 7.046   1.877   -9.028  1.00 59.34 ? 1055 ARG A NH2 1 
ATOM   449 N N   . GLU A 1 77 ? 10.796  -1.434  -3.210  1.00 48.61 ? 1056 GLU A N   1 
ATOM   450 C CA  . GLU A 1 77 ? 12.077  -1.904  -2.694  1.00 55.78 ? 1056 GLU A CA  1 
ATOM   451 C C   . GLU A 1 77 ? 11.917  -3.189  -1.887  1.00 55.05 ? 1056 GLU A C   1 
ATOM   452 O O   . GLU A 1 77 ? 12.759  -4.088  -1.974  1.00 53.49 ? 1056 GLU A O   1 
ATOM   453 C CB  . GLU A 1 77 ? 12.728  -0.811  -1.843  1.00 58.88 ? 1056 GLU A CB  1 
ATOM   454 C CG  . GLU A 1 77 ? 14.085  -1.182  -1.272  1.00 68.87 ? 1056 GLU A CG  1 
ATOM   455 C CD  . GLU A 1 77 ? 14.725  -0.034  -0.509  1.00 83.36 ? 1056 GLU A CD  1 
ATOM   456 O OE1 . GLU A 1 77 ? 15.958  0.150   -0.623  1.00 88.97 ? 1056 GLU A OE1 1 
ATOM   457 O OE2 . GLU A 1 77 ? 13.991  0.688   0.201   1.00 84.69 ? 1056 GLU A OE2 1 
ATOM   458 N N   . LYS A 1 78 ? 10.839  -3.305  -1.111  1.00 49.47 ? 1057 LYS A N   1 
ATOM   459 C CA  . LYS A 1 78 ? 10.698  -4.431  -0.197  1.00 50.60 ? 1057 LYS A CA  1 
ATOM   460 C C   . LYS A 1 78 ? 9.914   -5.599  -0.786  1.00 52.28 ? 1057 LYS A C   1 
ATOM   461 O O   . LYS A 1 78 ? 10.168  -6.750  -0.410  1.00 55.20 ? 1057 LYS A O   1 
ATOM   462 C CB  . LYS A 1 78 ? 10.042  -3.964  1.107   1.00 47.50 ? 1057 LYS A CB  1 
ATOM   463 C CG  . LYS A 1 78 ? 10.776  -2.799  1.775   1.00 54.12 ? 1057 LYS A CG  1 
ATOM   464 C CD  . LYS A 1 78 ? 12.289  -3.013  1.786   1.00 62.55 ? 1057 LYS A CD  1 
ATOM   465 C CE  . LYS A 1 78 ? 12.969  -2.171  2.858   1.00 71.75 ? 1057 LYS A CE  1 
ATOM   466 N NZ  . LYS A 1 78 ? 12.799  -2.749  4.222   1.00 75.90 ? 1057 LYS A NZ  1 
ATOM   467 N N   . CYS A 1 79 ? 8.989   -5.345  -1.713  1.00 48.46 ? 1058 CYS A N   1 
ATOM   468 C CA  . CYS A 1 79 ? 8.209   -6.405  -2.341  1.00 48.44 ? 1058 CYS A CA  1 
ATOM   469 C C   . CYS A 1 79 ? 8.620   -6.716  -3.773  1.00 49.87 ? 1058 CYS A C   1 
ATOM   470 O O   . CYS A 1 79 ? 8.116   -7.692  -4.339  1.00 56.15 ? 1058 CYS A O   1 
ATOM   471 C CB  . CYS A 1 79 ? 6.716   -6.047  -2.327  1.00 44.24 ? 1058 CYS A CB  1 
ATOM   472 S SG  . CYS A 1 79 ? 6.097   -5.673  -0.684  1.00 44.60 ? 1058 CYS A SG  1 
ATOM   473 N N   . GLY A 1 80 ? 9.501   -5.924  -4.375  1.00 42.84 ? 1059 GLY A N   1 
ATOM   474 C CA  . GLY A 1 80 ? 10.001  -6.242  -5.702  1.00 41.87 ? 1059 GLY A CA  1 
ATOM   475 C C   . GLY A 1 80 ? 9.363   -5.444  -6.823  1.00 40.94 ? 1059 GLY A C   1 
ATOM   476 O O   . GLY A 1 80 ? 10.068  -4.904  -7.679  1.00 40.48 ? 1059 GLY A O   1 
ATOM   477 N N   . LEU A 1 81 ? 8.032   -5.369  -6.826  1.00 28.27 ? 1060 LEU A N   1 
ATOM   478 C CA  . LEU A 1 81 ? 7.270   -4.663  -7.848  1.00 29.33 ? 1060 LEU A CA  1 
ATOM   479 C C   . LEU A 1 81 ? 6.064   -4.006  -7.198  1.00 23.26 ? 1060 LEU A C   1 
ATOM   480 O O   . LEU A 1 81 ? 5.404   -4.605  -6.340  1.00 30.17 ? 1060 LEU A O   1 
ATOM   481 C CB  . LEU A 1 81 ? 6.778   -5.608  -8.960  1.00 31.23 ? 1060 LEU A CB  1 
ATOM   482 C CG  . LEU A 1 81 ? 7.852   -6.348  -9.746  1.00 31.39 ? 1060 LEU A CG  1 
ATOM   483 C CD1 . LEU A 1 81 ? 7.230   -7.507  -10.530 1.00 33.17 ? 1060 LEU A CD1 1 
ATOM   484 C CD2 . LEU A 1 81 ? 8.552   -5.372  -10.669 1.00 30.51 ? 1060 LEU A CD2 1 
ATOM   485 N N   . ALA A 1 82 ? 5.766   -2.789  -7.639  1.00 28.60 ? 1061 ALA A N   1 
ATOM   486 C CA  . ALA A 1 82 ? 4.627   -2.038  -7.133  1.00 32.32 ? 1061 ALA A CA  1 
ATOM   487 C C   . ALA A 1 82 ? 4.349   -0.892  -8.089  1.00 28.52 ? 1061 ALA A C   1 
ATOM   488 O O   . ALA A 1 82 ? 5.270   -0.326  -8.689  1.00 33.13 ? 1061 ALA A O   1 
ATOM   489 C CB  . ALA A 1 82 ? 4.876   -1.509  -5.711  1.00 32.74 ? 1061 ALA A CB  1 
ATOM   490 N N   . GLU A 1 83 ? 3.076   -0.548  -8.228  1.00 28.89 ? 1062 GLU A N   1 
ATOM   491 C CA  . GLU A 1 83 ? 2.686   0.536   -9.114  1.00 25.92 ? 1062 GLU A CA  1 
ATOM   492 C C   . GLU A 1 83 ? 1.525   1.305   -8.503  1.00 23.45 ? 1062 GLU A C   1 
ATOM   493 O O   . GLU A 1 83 ? 0.575   0.710   -7.983  1.00 27.96 ? 1062 GLU A O   1 
ATOM   494 C CB  . GLU A 1 83 ? 2.312   -0.002  -10.507 1.00 30.67 ? 1062 GLU A CB  1 
ATOM   495 C CG  . GLU A 1 83 ? 1.606   1.003   -11.396 1.00 42.06 ? 1062 GLU A CG  1 
ATOM   496 C CD  . GLU A 1 83 ? 1.108   0.404   -12.704 1.00 56.85 ? 1062 GLU A CD  1 
ATOM   497 O OE1 . GLU A 1 83 ? 1.185   1.098   -13.739 1.00 61.61 ? 1062 GLU A OE1 1 
ATOM   498 O OE2 . GLU A 1 83 ? 0.634   -0.752  -12.695 1.00 61.71 ? 1062 GLU A OE2 1 
ATOM   499 N N   . LEU A 1 84 ? 1.622   2.627   -8.553  1.00 27.51 ? 1063 LEU A N   1 
ATOM   500 C CA  . LEU A 1 84 ? 0.555   3.486   -8.052  1.00 28.41 ? 1063 LEU A CA  1 
ATOM   501 C C   . LEU A 1 84 ? -0.635  3.468   -9.013  1.00 29.88 ? 1063 LEU A C   1 
ATOM   502 O O   . LEU A 1 84 ? -0.480  3.733   -10.207 1.00 32.96 ? 1063 LEU A O   1 
ATOM   503 C CB  . LEU A 1 84 ? 1.104   4.902   -7.892  1.00 35.90 ? 1063 LEU A CB  1 
ATOM   504 C CG  . LEU A 1 84 ? 0.356   5.992   -7.152  1.00 42.84 ? 1063 LEU A CG  1 
ATOM   505 C CD1 . LEU A 1 84 ? -0.001  5.519   -5.772  1.00 38.20 ? 1063 LEU A CD1 1 
ATOM   506 C CD2 . LEU A 1 84 ? 1.241   7.225   -7.094  1.00 40.64 ? 1063 LEU A CD2 1 
ATOM   507 N N   . LEU A 1 85 ? -1.823  3.143   -8.499  1.00 32.95 ? 1064 LEU A N   1 
ATOM   508 C CA  . LEU A 1 85 ? -3.034  3.094   -9.316  1.00 31.43 ? 1064 LEU A CA  1 
ATOM   509 C C   . LEU A 1 85 ? -3.976  4.267   -9.102  1.00 31.73 ? 1064 LEU A C   1 
ATOM   510 O O   . LEU A 1 85 ? -4.665  4.668   -10.043 1.00 33.04 ? 1064 LEU A O   1 
ATOM   511 C CB  . LEU A 1 85 ? -3.829  1.814   -9.038  1.00 32.60 ? 1064 LEU A CB  1 
ATOM   512 C CG  . LEU A 1 85 ? -3.213  0.453   -9.350  1.00 36.22 ? 1064 LEU A CG  1 
ATOM   513 C CD1 . LEU A 1 85 ? -4.252  -0.606  -9.052  1.00 35.32 ? 1064 LEU A CD1 1 
ATOM   514 C CD2 . LEU A 1 85 ? -2.735  0.367   -10.804 1.00 35.68 ? 1064 LEU A CD2 1 
ATOM   515 N N   . MET A 1 86 ? -4.068  4.797   -7.885  1.00 30.68 ? 1065 MET A N   1 
ATOM   516 C CA  . MET A 1 86 ? -5.013  5.870   -7.629  1.00 28.13 ? 1065 MET A CA  1 
ATOM   517 C C   . MET A 1 86 ? -4.583  6.662   -6.408  1.00 26.93 ? 1065 MET A C   1 
ATOM   518 O O   . MET A 1 86 ? -4.078  6.092   -5.438  1.00 26.39 ? 1065 MET A O   1 
ATOM   519 C CB  . MET A 1 86 ? -6.431  5.328   -7.396  1.00 32.46 ? 1065 MET A CB  1 
ATOM   520 C CG  . MET A 1 86 ? -7.437  6.447   -7.174  1.00 45.04 ? 1065 MET A CG  1 
ATOM   521 S SD  . MET A 1 86 ? -9.027  5.879   -6.574  1.00 55.03 ? 1065 MET A SD  1 
ATOM   522 C CE  . MET A 1 86 ? -8.621  5.530   -4.872  1.00 47.36 ? 1065 MET A CE  1 
ATOM   523 N N   . VAL A 1 87 ? -4.788  7.976   -6.473  1.00 28.15 ? 1066 VAL A N   1 
ATOM   524 C CA  . VAL A 1 87 ? -4.730  8.845   -5.304  1.00 33.54 ? 1066 VAL A CA  1 
ATOM   525 C C   . VAL A 1 87 ? -5.994  9.687   -5.302  1.00 30.21 ? 1066 VAL A C   1 
ATOM   526 O O   . VAL A 1 87 ? -6.388  10.225  -6.345  1.00 30.28 ? 1066 VAL A O   1 
ATOM   527 C CB  . VAL A 1 87 ? -3.479  9.743   -5.302  1.00 32.08 ? 1066 VAL A CB  1 
ATOM   528 C CG1 . VAL A 1 87 ? -3.517  10.679  -4.086  1.00 31.44 ? 1066 VAL A CG1 1 
ATOM   529 C CG2 . VAL A 1 87 ? -2.212  8.884   -5.286  1.00 34.40 ? 1066 VAL A CG2 1 
ATOM   530 N N   . GLU A 1 88 ? -6.628  9.805   -4.139  1.00 30.19 ? 1067 GLU A N   1 
ATOM   531 C CA  . GLU A 1 88 ? -7.953  10.398  -4.063  1.00 32.72 ? 1067 GLU A CA  1 
ATOM   532 C C   . GLU A 1 88 ? -8.136  11.062  -2.705  1.00 33.58 ? 1067 GLU A C   1 
ATOM   533 O O   . GLU A 1 88 ? -7.756  10.502  -1.677  1.00 36.31 ? 1067 GLU A O   1 
ATOM   534 C CB  . GLU A 1 88 ? -9.015  9.322   -4.293  1.00 37.26 ? 1067 GLU A CB  1 
ATOM   535 C CG  . GLU A 1 88 ? -10.371 9.583   -3.705  1.00 47.08 ? 1067 GLU A CG  1 
ATOM   536 C CD  . GLU A 1 88 ? -11.295 8.398   -3.889  1.00 53.29 ? 1067 GLU A CD  1 
ATOM   537 O OE1 . GLU A 1 88 ? -12.265 8.513   -4.663  1.00 62.67 ? 1067 GLU A OE1 1 
ATOM   538 O OE2 . GLU A 1 88 ? -11.048 7.349   -3.266  1.00 51.41 ? 1067 GLU A OE2 1 
ATOM   539 N N   . LEU A 1 89 ? -8.718  12.251  -2.706  1.00 34.67 ? 1068 LEU A N   1 
ATOM   540 C CA  . LEU A 1 89 ? -9.097  12.881  -1.449  1.00 36.22 ? 1068 LEU A CA  1 
ATOM   541 C C   . LEU A 1 89 ? -10.362 12.226  -0.917  1.00 50.75 ? 1068 LEU A C   1 
ATOM   542 O O   . LEU A 1 89 ? -11.309 11.975  -1.669  1.00 48.45 ? 1068 LEU A O   1 
ATOM   543 C CB  . LEU A 1 89 ? -9.311  14.377  -1.638  1.00 36.57 ? 1068 LEU A CB  1 
ATOM   544 C CG  . LEU A 1 89 ? -8.096  15.148  -2.150  1.00 47.41 ? 1068 LEU A CG  1 
ATOM   545 C CD1 . LEU A 1 89 ? -8.430  16.634  -2.272  1.00 53.34 ? 1068 LEU A CD1 1 
ATOM   546 C CD2 . LEU A 1 89 ? -6.899  14.917  -1.242  1.00 59.25 ? 1068 LEU A CD2 1 
ATOM   547 N N   . VAL A 1 90 ? -10.360 11.919  0.376   1.00 49.19 ? 1069 VAL A N   1 
ATOM   548 C CA  . VAL A 1 90 ? -11.505 11.287  1.022   1.00 54.98 ? 1069 VAL A CA  1 
ATOM   549 C C   . VAL A 1 90 ? -12.267 12.302  1.869   1.00 61.34 ? 1069 VAL A C   1 
ATOM   550 O O   . VAL A 1 90 ? -11.741 13.365  2.211   1.00 59.77 ? 1069 VAL A O   1 
ATOM   551 C CB  . VAL A 1 90 ? -11.072 10.081  1.883   1.00 56.07 ? 1069 VAL A CB  1 
ATOM   552 C CG1 . VAL A 1 90 ? -12.124 9.782   2.935   1.00 61.63 ? 1069 VAL A CG1 1 
ATOM   553 C CG2 . VAL A 1 90 ? -10.841 8.865   1.018   1.00 60.21 ? 1069 VAL A CG2 1 
HETATM 554 O O   . HOH B 2 .  ? -5.450  14.311  3.704   1.00 65.26 ? 1201 HOH A O   1 
HETATM 555 O O   . HOH B 2 .  ? -9.930  0.426   2.898   1.00 47.22 ? 1202 HOH A O   1 
HETATM 556 O O   . HOH B 2 .  ? 4.373   10.074  3.948   1.00 61.85 ? 1203 HOH A O   1 
HETATM 557 O O   . HOH B 2 .  ? -6.855  -7.953  -8.070  1.00 47.47 ? 1204 HOH A O   1 
HETATM 558 O O   . HOH B 2 .  ? -3.571  6.579   12.704  1.00 45.32 ? 1205 HOH A O   1 
HETATM 559 O O   . HOH B 2 .  ? -1.906  -12.072 -2.882  1.00 47.90 ? 1206 HOH A O   1 
HETATM 560 O O   . HOH B 2 .  ? -7.944  -1.329  -8.192  1.00 67.41 ? 1207 HOH A O   1 
HETATM 561 O O   . HOH B 2 .  ? -7.481  1.185   3.855   1.00 32.95 ? 1208 HOH A O   1 
HETATM 562 O O   . HOH B 2 .  ? -4.216  10.132  9.950   1.00 55.14 ? 1209 HOH A O   1 
HETATM 563 O O   . HOH B 2 .  ? -1.770  12.140  2.342   1.00 50.38 ? 1210 HOH A O   1 
HETATM 564 O O   . HOH B 2 .  ? -4.855  -7.775  -10.911 1.00 54.04 ? 1211 HOH A O   1 
HETATM 565 O O   . HOH B 2 .  ? 0.390   -10.071 -5.995  1.00 32.77 ? 1212 HOH A O   1 
HETATM 566 O O   . HOH B 2 .  ? -1.626  -11.672 -6.372  1.00 53.17 ? 1213 HOH A O   1 
HETATM 567 O O   . HOH B 2 .  ? -1.270  -12.076 5.472   1.00 36.08 ? 1214 HOH A O   1 
HETATM 568 O O   . HOH B 2 .  ? 11.499  3.381   -7.261  1.00 65.06 ? 1215 HOH A O   1 
HETATM 569 O O   . HOH B 2 .  ? -9.856  -9.635  -1.914  1.00 48.97 ? 1216 HOH A O   1 
HETATM 570 O O   . HOH B 2 .  ? 7.215   -5.065  6.518   1.00 43.93 ? 1217 HOH A O   1 
HETATM 571 O O   . HOH B 2 .  ? 12.255  1.587   -4.825  1.00 58.41 ? 1218 HOH A O   1 
HETATM 572 O O   . HOH B 2 .  ? 0.109   4.340   11.158  1.00 34.10 ? 1219 HOH A O   1 
HETATM 573 O O   . HOH B 2 .  ? -3.866  -12.815 3.514   1.00 61.79 ? 1220 HOH A O   1 
HETATM 574 O O   . HOH B 2 .  ? 7.832   -1.775  -9.885  1.00 42.38 ? 1221 HOH A O   1 
HETATM 575 O O   . HOH B 2 .  ? -8.827  -9.326  0.408   1.00 55.95 ? 1222 HOH A O   1 
HETATM 576 O O   . HOH B 2 .  ? 8.181   5.742   -6.451  1.00 57.67 ? 1223 HOH A O   1 
HETATM 577 O O   . HOH B 2 .  ? 1.716   4.684   -11.842 1.00 47.25 ? 1224 HOH A O   1 
HETATM 578 O O   . HOH B 2 .  ? -9.665  16.128  4.720   1.00 51.65 ? 1225 HOH A O   1 
HETATM 579 O O   . HOH B 2 .  ? 4.174   10.264  6.300   1.00 58.17 ? 1226 HOH A O   1 
HETATM 580 O O   . HOH B 2 .  ? 6.607   -9.672  -2.275  1.00 40.00 ? 1227 HOH A O   1 
HETATM 581 O O   . HOH B 2 .  ? 3.977   3.930   -9.902  1.00 40.96 ? 1228 HOH A O   1 
HETATM 582 O O   . HOH B 2 .  ? -3.278  -6.856  -12.679 1.00 54.01 ? 1229 HOH A O   1 
HETATM 583 O O   . HOH B 2 .  ? -3.033  -14.413 -4.073  1.00 53.04 ? 1230 HOH A O   1 
HETATM 584 O O   . HOH B 2 .  ? 6.284   -2.072  -11.545 0.5  59.58 ? 1231 HOH A O   1 
HETATM 585 O O   . HOH B 2 .  ? 5.389   -15.818 -7.156  1.00 46.87 ? 1232 HOH A O   1 
HETATM 586 O O   . HOH B 2 .  ? -1.669  14.082  -2.088  1.00 61.70 ? 1233 HOH A O   1 
HETATM 587 O O   . HOH B 2 .  ? -9.448  0.453   -6.322  1.00 69.96 ? 1234 HOH A O   1 
HETATM 588 O O   . HOH B 2 .  ? 2.098   11.782  -8.796  1.00 69.75 ? 1235 HOH A O   1 
HETATM 589 O O   . HOH B 2 .  ? 2.947   9.746   -9.981  1.00 53.97 ? 1236 HOH A O   1 
HETATM 590 O O   . HOH B 2 .  ? 1.052   9.808   -12.417 1.00 57.35 ? 1237 HOH A O   1 
HETATM 591 O O   . HOH B 2 .  ? 0.825   10.447  -9.533  1.00 63.29 ? 1238 HOH A O   1 
HETATM 592 O O   . HOH B 2 .  ? 4.077   9.917   -12.559 1.00 66.95 ? 1239 HOH A O   1 
HETATM 593 O O   . HOH B 2 .  ? 2.955   9.751   -14.812 1.00 62.19 ? 1240 HOH A O   1 
HETATM 594 O O   . HOH B 2 .  ? 5.361   12.084  -11.773 1.00 71.24 ? 1241 HOH A O   1 
# 
loop_
_atom_site_anisotrop.id 
_atom_site_anisotrop.type_symbol 
_atom_site_anisotrop.pdbx_label_atom_id 
_atom_site_anisotrop.pdbx_label_alt_id 
_atom_site_anisotrop.pdbx_label_comp_id 
_atom_site_anisotrop.pdbx_label_asym_id 
_atom_site_anisotrop.pdbx_label_seq_id 
_atom_site_anisotrop.pdbx_PDB_ins_code 
_atom_site_anisotrop.U[1][1] 
_atom_site_anisotrop.U[2][2] 
_atom_site_anisotrop.U[3][3] 
_atom_site_anisotrop.U[1][2] 
_atom_site_anisotrop.U[1][3] 
_atom_site_anisotrop.U[2][3] 
_atom_site_anisotrop.pdbx_auth_seq_id 
_atom_site_anisotrop.pdbx_auth_comp_id 
_atom_site_anisotrop.pdbx_auth_asym_id 
_atom_site_anisotrop.pdbx_auth_atom_id 
1   N N   . ARG A 18 ? 1.0664 0.4181 0.5002 0.2731  0.0506  -0.0514 997  ARG A N   
2   C CA  . ARG A 18 ? 1.0265 0.4496 0.5002 0.2612  0.0659  -0.0391 997  ARG A CA  
3   C C   . ARG A 18 ? 0.8504 0.3380 0.4146 0.2355  0.0509  -0.0253 997  ARG A C   
4   O O   . ARG A 18 ? 0.9364 0.4602 0.5609 0.2474  0.0589  -0.0114 997  ARG A O   
5   C CB  . ARG A 18 ? 1.0921 0.5649 0.5852 0.2951  0.1232  -0.0240 997  ARG A CB  
6   C CG  . ARG A 18 ? 1.0309 0.5434 0.5290 0.2838  0.1428  -0.0143 997  ARG A CG  
7   C CD  . ARG A 18 ? 1.1590 0.6124 0.5630 0.3039  0.1592  -0.0171 997  ARG A CD  
8   N NE  . ARG A 18 ? 1.2326 0.7194 0.6449 0.2951  0.1823  -0.0019 997  ARG A NE  
9   C CZ  . ARG A 18 ? 1.2577 0.8122 0.7354 0.3025  0.2318  0.0200  997  ARG A CZ  
10  N NH1 . ARG A 18 ? 1.2539 0.8597 0.7983 0.3213  0.2612  0.0293  997  ARG A NH1 
11  N NH2 . ARG A 18 ? 1.2302 0.8030 0.7134 0.2895  0.2495  0.0338  997  ARG A NH2 
12  N N   . THR A 19 ? 0.7957 0.2976 0.3669 0.2036  0.0280  -0.0261 998  THR A N   
13  C CA  . THR A 19 ? 0.8334 0.3932 0.4816 0.1756  0.0100  -0.0100 998  THR A CA  
14  C C   . THR A 19 ? 0.7377 0.3797 0.4292 0.1584  0.0274  -0.0004 998  THR A C   
15  O O   . THR A 19 ? 0.7331 0.3513 0.3763 0.1555  0.0294  -0.0086 998  THR A O   
16  C CB  . THR A 19 ? 0.9200 0.4428 0.5598 0.1361  -0.0403 -0.0152 998  THR A CB  
17  O OG1 . THR A 19 ? 0.9822 0.4452 0.5980 0.1377  -0.0563 -0.0226 998  THR A OG1 
18  C CG2 . THR A 19 ? 0.8626 0.4707 0.5868 0.1017  -0.0521 0.0066  998  THR A CG2 
19  N N   . LYS A 20 ? 0.5763 0.3075 0.3525 0.1468  0.0361  0.0167  999  LYS A N   
20  C CA  . LYS A 20 ? 0.4627 0.2615 0.2823 0.1243  0.0470  0.0232  999  LYS A CA  
21  C C   . LYS A 20 ? 0.4545 0.2913 0.3136 0.0896  0.0156  0.0290  999  LYS A C   
22  O O   . LYS A 20 ? 0.4312 0.2897 0.3222 0.0866  0.0012  0.0381  999  LYS A O   
23  C CB  . LYS A 20 ? 0.5392 0.4115 0.4254 0.1359  0.0816  0.0342  999  LYS A CB  
24  C CG  . LYS A 20 ? 0.4743 0.4079 0.4106 0.1047  0.0868  0.0384  999  LYS A CG  
25  C CD  . LYS A 20 ? 0.5524 0.5653 0.5705 0.1069  0.1121  0.0481  999  LYS A CD  
26  C CE  . LYS A 20 ? 0.6901 0.6946 0.7004 0.1297  0.1626  0.0541  999  LYS A CE  
27  N NZ  . LYS A 20 ? 0.6989 0.7952 0.8119 0.1262  0.1882  0.0666  999  LYS A NZ  
28  N N   . ILE A 21 ? 0.5177 0.3590 0.3689 0.0686  0.0082  0.0263  1000 ILE A N   
29  C CA  . ILE A 21 ? 0.5061 0.3814 0.3889 0.0414  -0.0140 0.0315  1000 ILE A CA  
30  C C   . ILE A 21 ? 0.3670 0.2865 0.2776 0.0299  0.0021  0.0319  1000 ILE A C   
31  O O   . ILE A 21 ? 0.4261 0.3258 0.3128 0.0348  0.0197  0.0289  1000 ILE A O   
32  C CB  . ILE A 21 ? 0.6186 0.4536 0.4703 0.0297  -0.0424 0.0279  1000 ILE A CB  
33  C CG1 . ILE A 21 ? 0.6062 0.3817 0.4268 0.0357  -0.0613 0.0233  1000 ILE A CG1 
34  C CG2 . ILE A 21 ? 0.5600 0.4404 0.4543 0.0063  -0.0564 0.0378  1000 ILE A CG2 
35  C CD1 . ILE A 21 ? 0.6563 0.3843 0.4438 0.0227  -0.0955 0.0142  1000 ILE A CD1 
36  N N   . VAL A 22 ? 0.4037 0.3725 0.3552 0.0155  -0.0037 0.0354  1001 VAL A N   
37  C CA  . VAL A 22 ? 0.4098 0.4067 0.3815 0.0018  0.0067  0.0307  1001 VAL A CA  
38  C C   . VAL A 22 ? 0.3462 0.3502 0.3153 -0.0091 -0.0079 0.0319  1001 VAL A C   
39  O O   . VAL A 22 ? 0.3061 0.3281 0.2839 -0.0118 -0.0211 0.0391  1001 VAL A O   
40  C CB  . VAL A 22 ? 0.3662 0.4135 0.3831 -0.0040 0.0114  0.0282  1001 VAL A CB  
41  C CG1 . VAL A 22 ? 0.3405 0.3993 0.3728 -0.0230 0.0199  0.0182  1001 VAL A CG1 
42  C CG2 . VAL A 22 ? 0.3607 0.4161 0.3967 0.0118  0.0298  0.0321  1001 VAL A CG2 
43  N N   . VAL A 23 ? 0.3753 0.3626 0.3310 -0.0110 -0.0018 0.0288  1002 VAL A N   
44  C CA  . VAL A 23 ? 0.3754 0.3735 0.3342 -0.0139 -0.0093 0.0316  1002 VAL A CA  
45  C C   . VAL A 23 ? 0.3406 0.3380 0.2994 -0.0173 0.0059  0.0216  1002 VAL A C   
46  O O   . VAL A 23 ? 0.3710 0.3399 0.3189 -0.0168 0.0201  0.0180  1002 VAL A O   
47  C CB  . VAL A 23 ? 0.4566 0.4327 0.4011 -0.0069 -0.0220 0.0384  1002 VAL A CB  
48  C CG1 . VAL A 23 ? 0.3631 0.3701 0.3325 -0.0080 -0.0284 0.0470  1002 VAL A CG1 
49  C CG2 . VAL A 23 ? 0.4834 0.4362 0.4139 -0.0061 -0.0395 0.0407  1002 VAL A CG2 
50  N N   . LYS A 24 ? 0.3149 0.3344 0.2787 -0.0199 0.0053  0.0172  1003 LYS A N   
51  C CA  . LYS A 24 ? 0.3362 0.3387 0.2887 -0.0204 0.0177  0.0034  1003 LYS A CA  
52  C C   . LYS A 24 ? 0.3243 0.3129 0.2688 -0.0031 0.0234  0.0117  1003 LYS A C   
53  O O   . LYS A 24 ? 0.3517 0.3693 0.3097 0.0048  0.0176  0.0244  1003 LYS A O   
54  C CB  . LYS A 24 ? 0.3097 0.3332 0.2545 -0.0252 0.0134  -0.0092 1003 LYS A CB  
55  C CG  . LYS A 24 ? 0.3567 0.3467 0.2788 -0.0276 0.0230  -0.0317 1003 LYS A CG  
56  C CD  . LYS A 24 ? 0.5807 0.5824 0.4851 -0.0379 0.0095  -0.0523 1003 LYS A CD  
57  C CE  . LYS A 24 ? 0.6028 0.6385 0.4874 -0.0235 0.0046  -0.0410 1003 LYS A CE  
58  N NZ  . LYS A 24 ? 0.7191 0.7480 0.5561 -0.0230 -0.0053 -0.0647 1003 LYS A NZ  
59  N N   . VAL A 25 ? 0.3458 0.2926 0.2747 0.0035  0.0351  0.0086  1004 VAL A N   
60  C CA  . VAL A 25 ? 0.3601 0.2950 0.2839 0.0265  0.0366  0.0203  1004 VAL A CA  
61  C C   . VAL A 25 ? 0.4244 0.3165 0.3272 0.0383  0.0561  0.0098  1004 VAL A C   
62  O O   . VAL A 25 ? 0.4673 0.3176 0.3548 0.0233  0.0673  -0.0039 1004 VAL A O   
63  C CB  . VAL A 25 ? 0.4316 0.3428 0.3412 0.0332  0.0274  0.0334  1004 VAL A CB  
64  C CG1 . VAL A 25 ? 0.4467 0.3602 0.3578 0.0592  0.0169  0.0478  1004 VAL A CG1 
65  C CG2 . VAL A 25 ? 0.3727 0.3068 0.2906 0.0214  0.0091  0.0370  1004 VAL A CG2 
66  N N   . HIS A 26 ? 0.4471 0.3492 0.3544 0.0650  0.0612  0.0167  1005 HIS A N   
67  C CA  . HIS A 26 ? 0.4788 0.3270 0.3602 0.0872  0.0809  0.0099  1005 HIS A CA  
68  C C   . HIS A 26 ? 0.5034 0.3013 0.3662 0.0980  0.0813  0.0245  1005 HIS A C   
69  O O   . HIS A 26 ? 0.5561 0.3746 0.4291 0.1204  0.0671  0.0455  1005 HIS A O   
70  C CB  . HIS A 26 ? 0.4886 0.3714 0.3870 0.1214  0.0900  0.0179  1005 HIS A CB  
71  C CG  . HIS A 26 ? 0.5091 0.3316 0.3782 0.1542  0.1123  0.0119  1005 HIS A CG  
72  N ND1 . HIS A 26 ? 0.6362 0.4496 0.5144 0.1903  0.1122  0.0334  1005 HIS A ND1 
73  C CD2 . HIS A 26 ? 0.5752 0.3344 0.4009 0.1584  0.1328  -0.0144 1005 HIS A CD2 
74  C CE1 . HIS A 26 ? 0.7074 0.4529 0.5507 0.2187  0.1363  0.0235  1005 HIS A CE1 
75  N NE2 . HIS A 26 ? 0.7011 0.4076 0.5097 0.1981  0.1495  -0.0077 1005 HIS A NE2 
76  N N   . MET A 27 ? 0.5796 0.3116 0.4148 0.0813  0.0962  0.0155  1006 MET A N   
77  C CA  A MET A 27 ? 0.6370 0.3118 0.4439 0.0894  0.1043  0.0339  1006 MET A CA  
78  C CA  B MET A 27 ? 0.6334 0.3081 0.4400 0.0910  0.1041  0.0344  1006 MET A CA  
79  C C   . MET A 27 ? 0.7432 0.3314 0.5240 0.0792  0.1309  0.0246  1006 MET A C   
80  O O   . MET A 27 ? 0.8268 0.3847 0.6053 0.0501  0.1439  0.0268  1006 MET A O   
81  C CB  A MET A 27 ? 0.5930 0.2822 0.3998 0.0673  0.0989  0.0424  1006 MET A CB  
82  C CB  B MET A 27 ? 0.5808 0.2757 0.3875 0.0726  0.0952  0.0447  1006 MET A CB  
83  C CG  A MET A 27 ? 0.5493 0.3075 0.3790 0.0642  0.0729  0.0443  1006 MET A CG  
84  C CG  B MET A 27 ? 0.5221 0.2398 0.3542 0.0330  0.1000  0.0278  1006 MET A CG  
85  S SD  A MET A 27 ? 0.5004 0.2505 0.3141 0.0469  0.0774  0.0507  1006 MET A SD  
86  S SD  B MET A 27 ? 0.6855 0.4267 0.5174 0.0222  0.0969  0.0396  1006 MET A SD  
87  C CE  A MET A 27 ? 0.5520 0.3414 0.4113 0.0097  0.0843  0.0304  1006 MET A CE  
88  C CE  B MET A 27 ? 0.5544 0.3304 0.3764 0.0489  0.0632  0.0502  1006 MET A CE  
89  N N   . PRO A 28 ? 0.7408 0.2837 0.5038 0.1021  0.1424  0.0151  1007 PRO A N   
90  C CA  . PRO A 28 ? 0.8178 0.2971 0.5667 0.0790  0.1574  -0.0015 1007 PRO A CA  
91  C C   . PRO A 28 ? 0.8706 0.2998 0.6001 0.0824  0.1705  0.0206  1007 PRO A C   
92  O O   . PRO A 28 ? 0.9109 0.2823 0.6304 0.0690  0.1822  0.0093  1007 PRO A O   
93  C CB  . PRO A 28 ? 0.8225 0.2903 0.5573 0.1057  0.1598  -0.0212 1007 PRO A CB  
94  C CG  . PRO A 28 ? 0.8249 0.3430 0.5702 0.1533  0.1544  0.0012  1007 PRO A CG  
95  C CD  . PRO A 28 ? 0.7002 0.2779 0.4706 0.1445  0.1377  0.0172  1007 PRO A CD  
96  N N   . CYS A 29 ? 0.8585 0.3025 0.5769 0.0999  0.1680  0.0496  1008 CYS A N   
97  C CA  . CYS A 29 ? 0.8728 0.2671 0.5650 0.1012  0.1844  0.0692  1008 CYS A CA  
98  C C   . CYS A 29 ? 0.8469 0.2696 0.5294 0.0994  0.1826  0.0892  1008 CYS A C   
99  O O   . CYS A 29 ? 0.7762 0.2530 0.4712 0.0995  0.1650  0.0878  1008 CYS A O   
100 C CB  . CYS A 29 ? 0.9430 0.3033 0.6058 0.1453  0.1845  0.0835  1008 CYS A CB  
101 S SG  . CYS A 29 ? 1.0327 0.4575 0.6970 0.1963  0.1545  0.1016  1008 CYS A SG  
102 N N   . GLY A 30 ? 0.5443 0.3939 0.5111 0.1330  0.0749  0.0431  1009 GLY A N   
103 C CA  . GLY A 30 ? 0.5993 0.4232 0.5247 0.1128  0.0832  0.0662  1009 GLY A CA  
104 C C   . GLY A 30 ? 0.6582 0.4994 0.5579 0.1045  0.0787  0.0773  1009 GLY A C   
105 O O   . GLY A 30 ? 0.5656 0.4079 0.4316 0.0901  0.0873  0.0850  1009 GLY A O   
106 N N   . LYS A 31 ? 0.6276 0.4840 0.5548 0.1153  0.0611  0.0718  1010 LYS A N   
107 C CA  . LYS A 31 ? 0.6019 0.4703 0.5194 0.1135  0.0533  0.0733  1010 LYS A CA  
108 C C   . LYS A 31 ? 0.5217 0.4239 0.4295 0.1070  0.0729  0.0606  1010 LYS A C   
109 O O   . LYS A 31 ? 0.5818 0.4899 0.4719 0.1013  0.0746  0.0689  1010 LYS A O   
110 C CB  . LYS A 31 ? 0.7237 0.5987 0.6904 0.1269  0.0257  0.0563  1010 LYS A CB  
111 C CG  . LYS A 31 ? 0.8024 0.6788 0.7717 0.1302  0.0112  0.0495  1010 LYS A CG  
112 C CD  . LYS A 31 ? 0.8292 0.7372 0.8669 0.1394  -0.0012 0.0077  1010 LYS A CD  
113 C CE  . LYS A 31 ? 0.8713 0.7492 0.9504 0.1505  -0.0497 -0.0008 1010 LYS A CE  
114 N NZ  . LYS A 31 ? 0.8722 0.7910 1.0392 0.1568  -0.0634 -0.0535 1010 LYS A NZ  
115 N N   . SER A 32 ? 0.5070 0.4306 0.4255 0.1081  0.0861  0.0408  1011 SER A N   
116 C CA  . SER A 32 ? 0.5042 0.4508 0.4032 0.0972  0.1052  0.0334  1011 SER A CA  
117 C C   . SER A 32 ? 0.5059 0.4342 0.3641 0.0836  0.1100  0.0488  1011 SER A C   
118 O O   . SER A 32 ? 0.5266 0.4684 0.3709 0.0718  0.1161  0.0531  1011 SER A O   
119 C CB  . SER A 32 ? 0.6445 0.6145 0.5539 0.0994  0.1183  0.0069  1011 SER A CB  
120 O OG  . SER A 32 ? 0.7043 0.6563 0.6009 0.1065  0.1164  0.0030  1011 SER A OG  
121 N N   . ARG A 33 ? 0.5228 0.4211 0.3735 0.0845  0.1047  0.0531  1012 ARG A N   
122 C CA  . ARG A 33 ? 0.5563 0.4372 0.3849 0.0697  0.1034  0.0576  1012 ARG A CA  
123 C C   . ARG A 33 ? 0.5957 0.4888 0.4227 0.0601  0.0999  0.0724  1012 ARG A C   
124 O O   . ARG A 33 ? 0.5188 0.4243 0.3408 0.0468  0.0960  0.0723  1012 ARG A O   
125 C CB  . ARG A 33 ? 0.5895 0.4342 0.4262 0.0733  0.1013  0.0488  1012 ARG A CB  
126 C CG  . ARG A 33 ? 0.5990 0.4268 0.4331 0.0849  0.0982  0.0280  1012 ARG A CG  
127 C CD  . ARG A 33 ? 0.6976 0.4831 0.5500 0.0900  0.0925  0.0105  1012 ARG A CD  
128 N NE  . ARG A 33 ? 0.6984 0.4763 0.5886 0.0997  0.0984  0.0154  1012 ARG A NE  
129 C CZ  . ARG A 33 ? 0.7514 0.5284 0.6778 0.1236  0.0947  0.0069  1012 ARG A CZ  
130 N NH1 . ARG A 33 ? 0.6995 0.4872 0.6260 0.1420  0.0874  -0.0112 1012 ARG A NH1 
131 N NH2 . ARG A 33 ? 0.7893 0.5554 0.7523 0.1282  0.0973  0.0162  1012 ARG A NH2 
132 N N   . ALA A 34 ? 0.5471 0.4351 0.3788 0.0676  0.0961  0.0837  1013 ALA A N   
133 C CA  . ALA A 34 ? 0.5547 0.4498 0.3752 0.0624  0.0905  0.0966  1013 ALA A CA  
134 C C   . ALA A 34 ? 0.5610 0.4913 0.3968 0.0684  0.0854  0.0941  1013 ALA A C   
135 O O   . ALA A 34 ? 0.5243 0.4760 0.3627 0.0629  0.0805  0.0967  1013 ALA A O   
136 C CB  . ALA A 34 ? 0.5826 0.4479 0.3900 0.0694  0.0822  0.1115  1013 ALA A CB  
137 N N   . LYS A 35 ? 0.5025 0.4439 0.3595 0.0795  0.0875  0.0839  1014 LYS A N   
138 C CA  . LYS A 35 ? 0.5238 0.4969 0.4074 0.0843  0.0889  0.0760  1014 LYS A CA  
139 C C   . LYS A 35 ? 0.5115 0.5060 0.3925 0.0683  0.0973  0.0777  1014 LYS A C   
140 O O   . LYS A 35 ? 0.5036 0.5250 0.4077 0.0690  0.0916  0.0798  1014 LYS A O   
141 C CB  . LYS A 35 ? 0.5368 0.5185 0.4507 0.0931  0.0958  0.0549  1014 LYS A CB  
142 C CG  . LYS A 35 ? 0.6012 0.6146 0.5509 0.0937  0.1076  0.0400  1014 LYS A CG  
143 C CD  . LYS A 35 ? 0.7144 0.7401 0.7036 0.0976  0.1190  0.0078  1014 LYS A CD  
144 C CE  . LYS A 35 ? 0.7634 0.7836 0.7344 0.0914  0.1271  0.0003  1014 LYS A CE  
145 N NZ  . LYS A 35 ? 0.7754 0.8234 0.7873 0.0882  0.1456  -0.0382 1014 LYS A NZ  
146 N N   . ALA A 36 ? 0.4541 0.4336 0.3104 0.0555  0.1048  0.0755  1015 ALA A N   
147 C CA  . ALA A 36 ? 0.4405 0.4258 0.2869 0.0380  0.1031  0.0780  1015 ALA A CA  
148 C C   . ALA A 36 ? 0.4206 0.4110 0.2762 0.0284  0.0833  0.0815  1015 ALA A C   
149 O O   . ALA A 36 ? 0.4467 0.4606 0.3227 0.0184  0.0716  0.0837  1015 ALA A O   
150 C CB  . ALA A 36 ? 0.5053 0.4594 0.3141 0.0299  0.1079  0.0717  1015 ALA A CB  
151 N N   . MET A 37 ? 0.4220 0.3914 0.2686 0.0282  0.0795  0.0782  1016 MET A N   
152 C CA  . MET A 37 ? 0.4649 0.4442 0.3261 0.0150  0.0653  0.0718  1016 MET A CA  
153 C C   . MET A 37 ? 0.4549 0.4783 0.3431 0.0219  0.0576  0.0778  1016 MET A C   
154 O O   . MET A 37 ? 0.4065 0.4635 0.3274 0.0117  0.0402  0.0698  1016 MET A O   
155 C CB  . MET A 37 ? 0.5309 0.4796 0.3783 0.0118  0.0735  0.0659  1016 MET A CB  
156 C CG  . MET A 37 ? 0.6828 0.5889 0.5234 0.0069  0.0748  0.0498  1016 MET A CG  
157 S SD  . MET A 37 ? 0.7571 0.6543 0.6269 -0.0182 0.0581  0.0169  1016 MET A SD  
158 C CE  . MET A 37 ? 0.5761 0.4895 0.4499 -0.0285 0.0771  0.0169  1016 MET A CE  
159 N N   . ALA A 38 ? 0.4169 0.4395 0.2982 0.0415  0.0643  0.0875  1017 ALA A N   
160 C CA  . ALA A 38 ? 0.3925 0.4478 0.2962 0.0556  0.0524  0.0896  1017 ALA A CA  
161 C C   . ALA A 38 ? 0.4619 0.5581 0.4158 0.0630  0.0452  0.0862  1017 ALA A C   
162 O O   . ALA A 38 ? 0.4081 0.5457 0.4019 0.0714  0.0288  0.0819  1017 ALA A O   
163 C CB  . ALA A 38 ? 0.4497 0.4770 0.3307 0.0768  0.0522  0.0973  1017 ALA A CB  
164 N N   . LEU A 39 ? 0.4333 0.5204 0.3886 0.0597  0.0587  0.0866  1018 LEU A N   
165 C CA  . LEU A 39 ? 0.3743 0.4943 0.3749 0.0598  0.0587  0.0855  1018 LEU A CA  
166 C C   . LEU A 39 ? 0.4209 0.5637 0.4424 0.0393  0.0382  0.0871  1018 LEU A C   
167 O O   . LEU A 39 ? 0.3702 0.5581 0.4513 0.0450  0.0217  0.0855  1018 LEU A O   
168 C CB  . LEU A 39 ? 0.3843 0.4847 0.3674 0.0531  0.0847  0.0842  1018 LEU A CB  
169 C CG  . LEU A 39 ? 0.4611 0.5893 0.4914 0.0540  0.0977  0.0808  1018 LEU A CG  
170 C CD1 . LEU A 39 ? 0.5272 0.6760 0.6158 0.0852  0.0943  0.0654  1018 LEU A CD1 
171 C CD2 . LEU A 39 ? 0.5387 0.6464 0.5361 0.0375  0.1298  0.0771  1018 LEU A CD2 
172 N N   . ALA A 40 ? 0.3188 0.4298 0.3023 0.0173  0.0330  0.0856  1019 ALA A N   
173 C CA  . ALA A 40 ? 0.2829 0.4066 0.2926 -0.0042 0.0026  0.0793  1019 ALA A CA  
174 C C   . ALA A 40 ? 0.3260 0.4968 0.3857 -0.0014 -0.0198 0.0644  1019 ALA A C   
175 O O   . ALA A 40 ? 0.2856 0.5016 0.4078 -0.0079 -0.0493 0.0571  1019 ALA A O   
176 C CB  . ALA A 40 ? 0.3442 0.4127 0.3070 -0.0237 -0.0037 0.0712  1019 ALA A CB  
177 N N   . ALA A 41 ? 0.3277 0.4898 0.3613 0.0064  -0.0068 0.0591  1020 ALA A N   
178 C CA  . ALA A 41 ? 0.3260 0.5310 0.3919 0.0051  -0.0212 0.0423  1020 ALA A CA  
179 C C   . ALA A 41 ? 0.3275 0.5921 0.4482 0.0296  -0.0352 0.0441  1020 ALA A C   
180 O O   . ALA A 41 ? 0.3132 0.5759 0.4586 0.0231  -0.0491 0.0201  1020 ALA A O   
181 C CB  . ALA A 41 ? 0.3305 0.5023 0.3396 0.0061  0.0020  0.0430  1020 ALA A CB  
182 N N   . SER A 42 ? 0.4411 0.4396 0.3066 0.0127  -0.0528 -0.0948 1021 SER A N   
183 C CA  . SER A 42 ? 0.4988 0.4992 0.3639 0.0168  -0.0723 -0.1167 1021 SER A CA  
184 C C   . SER A 42 ? 0.4741 0.4864 0.3676 -0.0115 -0.0704 -0.1167 1021 SER A C   
185 O O   . SER A 42 ? 0.5627 0.5711 0.4613 -0.0109 -0.0863 -0.1369 1021 SER A O   
186 C CB  . SER A 42 ? 0.5393 0.5827 0.4266 0.0261  -0.0921 -0.1448 1021 SER A CB  
187 O OG  . SER A 42 ? 0.6438 0.7497 0.5794 -0.0004 -0.0838 -0.1510 1021 SER A OG  
188 N N   . VAL A 43 ? 0.5278 0.5504 0.4384 -0.0357 -0.0538 -0.0949 1022 VAL A N   
189 C CA  . VAL A 43 ? 0.5162 0.5342 0.4472 -0.0640 -0.0528 -0.0871 1022 VAL A CA  
190 C C   . VAL A 43 ? 0.5278 0.4860 0.4380 -0.0523 -0.0566 -0.0821 1022 VAL A C   
191 O O   . VAL A 43 ? 0.5006 0.4309 0.3885 -0.0360 -0.0473 -0.0683 1022 VAL A O   
192 C CB  . VAL A 43 ? 0.5186 0.5597 0.4612 -0.0896 -0.0371 -0.0612 1022 VAL A CB  
193 C CG1 . VAL A 43 ? 0.6005 0.6206 0.5552 -0.1202 -0.0366 -0.0445 1022 VAL A CG1 
194 C CG2 . VAL A 43 ? 0.4560 0.5668 0.4201 -0.0998 -0.0319 -0.0740 1022 VAL A CG2 
195 N N   . ASN A 44 ? 0.6128 0.5561 0.5368 -0.0606 -0.0705 -0.0986 1023 ASN A N   
196 C CA  . ASN A 44 ? 0.6239 0.5142 0.5314 -0.0456 -0.0776 -0.1031 1023 ASN A CA  
197 C C   . ASN A 44 ? 0.6450 0.5043 0.5549 -0.0535 -0.0679 -0.0748 1023 ASN A C   
198 O O   . ASN A 44 ? 0.6264 0.4913 0.5563 -0.0819 -0.0644 -0.0533 1023 ASN A O   
199 C CB  . ASN A 44 ? 0.6771 0.5585 0.6095 -0.0566 -0.0974 -0.1300 1023 ASN A CB  
200 C CG  . ASN A 44 ? 0.7684 0.6018 0.6815 -0.0330 -0.1087 -0.1469 1023 ASN A CG  
201 O OD1 . ASN A 44 ? 0.8431 0.6701 0.7151 -0.0002 -0.1097 -0.1604 1023 ASN A OD1 
202 N ND2 . ASN A 44 ? 0.8583 0.6552 0.7983 -0.0494 -0.1170 -0.1464 1023 ASN A ND2 
203 N N   . GLY A 45 ? 0.6495 0.4789 0.5366 -0.0272 -0.0636 -0.0754 1024 GLY A N   
204 C CA  . GLY A 45 ? 0.6156 0.4186 0.5092 -0.0258 -0.0593 -0.0561 1024 GLY A CA  
205 C C   . GLY A 45 ? 0.5196 0.3446 0.4061 -0.0181 -0.0421 -0.0381 1024 GLY A C   
206 O O   . GLY A 45 ? 0.5362 0.3448 0.4299 -0.0099 -0.0409 -0.0283 1024 GLY A O   
207 N N   . VAL A 46 ? 0.4666 0.3279 0.3446 -0.0188 -0.0320 -0.0372 1025 VAL A N   
208 C CA  . VAL A 46 ? 0.4545 0.3370 0.3322 -0.0125 -0.0169 -0.0257 1025 VAL A CA  
209 C C   . VAL A 46 ? 0.5365 0.4027 0.3974 0.0109  -0.0036 -0.0350 1025 VAL A C   
210 O O   . VAL A 46 ? 0.5798 0.4336 0.4131 0.0235  -0.0022 -0.0487 1025 VAL A O   
211 C CB  . VAL A 46 ? 0.4477 0.3695 0.3262 -0.0199 -0.0136 -0.0268 1025 VAL A CB  
212 C CG1 . VAL A 46 ? 0.4264 0.3645 0.3081 -0.0119 0.0002  -0.0212 1025 VAL A CG1 
213 C CG2 . VAL A 46 ? 0.4675 0.4200 0.3646 -0.0464 -0.0197 -0.0189 1025 VAL A CG2 
214 N N   . ASP A 47 ? 0.4545 0.3230 0.3309 0.0172  0.0060  -0.0292 1026 ASP A N   
215 C CA  A ASP A 47 ? 0.5285 0.3938 0.3985 0.0339  0.0257  -0.0389 1026 ASP A CA  
216 C CA  B ASP A 47 ? 0.5314 0.3962 0.3976 0.0338  0.0260  -0.0393 1026 ASP A CA  
217 C C   . ASP A 47 ? 0.4495 0.3397 0.3286 0.0306  0.0446  -0.0326 1026 ASP A C   
218 O O   . ASP A 47 ? 0.4950 0.3829 0.3644 0.0376  0.0670  -0.0379 1026 ASP A O   
219 C CB  A ASP A 47 ? 0.5826 0.4395 0.4777 0.0456  0.0228  -0.0465 1026 ASP A CB  
220 C CB  B ASP A 47 ? 0.6073 0.4585 0.4897 0.0480  0.0251  -0.0511 1026 ASP A CB  
221 C CG  A ASP A 47 ? 0.6692 0.4923 0.5587 0.0529  0.0044  -0.0590 1026 ASP A CG  
222 C CG  B ASP A 47 ? 0.5989 0.4514 0.5153 0.0447  0.0085  -0.0407 1026 ASP A CG  
223 O OD1 A ASP A 47 ? 0.7148 0.5255 0.5754 0.0565  0.0037  -0.0714 1026 ASP A OD1 
224 O OD1 B ASP A 47 ? 0.6217 0.5017 0.5559 0.0392  0.0127  -0.0302 1026 ASP A OD1 
225 O OD2 A ASP A 47 ? 0.6844 0.4901 0.5986 0.0571  -0.0125 -0.0581 1026 ASP A OD2 
226 O OD2 B ASP A 47 ? 0.6485 0.4710 0.5720 0.0492  -0.0111 -0.0436 1026 ASP A OD2 
227 N N   . SER A 48 ? 0.4476 0.3622 0.3466 0.0187  0.0375  -0.0227 1027 SER A N   
228 C CA  . SER A 48 ? 0.4185 0.3574 0.3380 0.0156  0.0508  -0.0220 1027 SER A CA  
229 C C   . SER A 48 ? 0.3839 0.3484 0.3099 0.0046  0.0390  -0.0177 1027 SER A C   
230 O O   . SER A 48 ? 0.3596 0.3362 0.2879 -0.0034 0.0236  -0.0112 1027 SER A O   
231 C CB  . SER A 48 ? 0.5230 0.4804 0.4804 0.0207  0.0540  -0.0264 1027 SER A CB  
232 O OG  . SER A 48 ? 0.5796 0.5666 0.5671 0.0156  0.0630  -0.0305 1027 SER A OG  
233 N N   . VAL A 49 ? 0.3669 0.3378 0.2946 0.0034  0.0466  -0.0217 1028 VAL A N   
234 C CA  . VAL A 49 ? 0.3387 0.3428 0.2820 -0.0032 0.0363  -0.0262 1028 VAL A CA  
235 C C   . VAL A 49 ? 0.4095 0.4235 0.3811 -0.0033 0.0469  -0.0339 1028 VAL A C   
236 O O   . VAL A 49 ? 0.4012 0.3852 0.3666 -0.0015 0.0632  -0.0323 1028 VAL A O   
237 C CB  . VAL A 49 ? 0.3362 0.3381 0.2595 -0.0023 0.0255  -0.0319 1028 VAL A CB  
238 C CG1 . VAL A 49 ? 0.4403 0.4863 0.3857 -0.0070 0.0162  -0.0435 1028 VAL A CG1 
239 C CG2 . VAL A 49 ? 0.3781 0.3740 0.2839 -0.0063 0.0153  -0.0291 1028 VAL A CG2 
240 N N   . GLU A 50 ? 0.3188 0.3741 0.3198 -0.0069 0.0383  -0.0427 1029 GLU A N   
241 C CA  . GLU A 50 ? 0.3203 0.3904 0.3600 -0.0082 0.0449  -0.0561 1029 GLU A CA  
242 C C   . GLU A 50 ? 0.3035 0.4187 0.3621 -0.0087 0.0287  -0.0728 1029 GLU A C   
243 O O   . GLU A 50 ? 0.3089 0.4571 0.3549 -0.0101 0.0163  -0.0705 1029 GLU A O   
244 C CB  . GLU A 50 ? 0.3793 0.4630 0.4489 -0.0071 0.0517  -0.0584 1029 GLU A CB  
245 C CG  . GLU A 50 ? 0.5510 0.6572 0.6727 -0.0112 0.0583  -0.0776 1029 GLU A CG  
246 C CD  . GLU A 50 ? 0.6602 0.7908 0.8195 -0.0072 0.0614  -0.0864 1029 GLU A CD  
247 O OE1 . GLU A 50 ? 0.7007 0.8415 0.8466 0.0029  0.0458  -0.0796 1029 GLU A OE1 
248 O OE2 . GLU A 50 ? 0.6541 0.7926 0.8594 -0.0144 0.0784  -0.1011 1029 GLU A OE2 
249 N N   . ILE A 51 ? 0.2601 0.3756 0.3477 -0.0087 0.0297  -0.0899 1030 ILE A N   
250 C CA  . ILE A 51 ? 0.2887 0.4523 0.4027 -0.0062 0.0139  -0.1152 1030 ILE A CA  
251 C C   . ILE A 51 ? 0.3736 0.5637 0.5349 -0.0077 0.0141  -0.1319 1030 ILE A C   
252 O O   . ILE A 51 ? 0.3116 0.4735 0.5025 -0.0139 0.0289  -0.1335 1030 ILE A O   
253 C CB  . ILE A 51 ? 0.2538 0.3990 0.3740 -0.0011 0.0072  -0.1306 1030 ILE A CB  
254 C CG1 . ILE A 51 ? 0.4627 0.6007 0.5427 0.0038  0.0008  -0.1218 1030 ILE A CG1 
255 C CG2 . ILE A 51 ? 0.2637 0.4635 0.4217 0.0041  -0.0095 -0.1665 1030 ILE A CG2 
256 C CD1 . ILE A 51 ? 0.5280 0.6674 0.6162 0.0151  -0.0145 -0.1441 1030 ILE A CD1 
257 N N   . THR A 52 ? 0.2835 0.5302 0.4509 -0.0031 -0.0019 -0.1446 1031 THR A N   
258 C CA  . THR A 52 ? 0.2586 0.5406 0.4692 0.0003  -0.0092 -0.1647 1031 THR A CA  
259 C C   . THR A 52 ? 0.2052 0.5487 0.4269 0.0079  -0.0304 -0.1952 1031 THR A C   
260 O O   . THR A 52 ? 0.2932 0.6547 0.4899 0.0094  -0.0358 -0.2005 1031 THR A O   
261 C CB  . THR A 52 ? 0.3826 0.6688 0.5789 0.0050  -0.0117 -0.1460 1031 THR A CB  
262 O OG1 . THR A 52 ? 0.5286 0.8434 0.7796 0.0100  -0.0174 -0.1695 1031 THR A OG1 
263 C CG2 . THR A 52 ? 0.3959 0.7093 0.5420 0.0101  -0.0288 -0.1309 1031 THR A CG2 
264 N N   . GLY A 53 ? 0.3545 0.5258 0.4882 -0.1263 -0.0046 -0.1335 1032 GLY A N   
265 C CA  . GLY A 53 ? 0.3772 0.5733 0.5121 -0.1343 -0.0235 -0.1796 1032 GLY A CA  
266 C C   . GLY A 53 ? 0.3983 0.5785 0.6056 -0.1675 -0.0110 -0.2170 1032 GLY A C   
267 O O   . GLY A 53 ? 0.4694 0.5905 0.7075 -0.1813 0.0167  -0.1965 1032 GLY A O   
268 N N   . GLU A 54 ? 0.4249 0.6554 0.6572 -0.1793 -0.0328 -0.2735 1033 GLU A N   
269 C CA  . GLU A 54 ? 0.4712 0.6722 0.7617 -0.2014 -0.0214 -0.3060 1033 GLU A CA  
270 C C   . GLU A 54 ? 0.5246 0.6442 0.8020 -0.1989 -0.0032 -0.3020 1033 GLU A C   
271 O O   . GLU A 54 ? 0.5901 0.6511 0.9156 -0.2143 0.0165  -0.3015 1033 GLU A O   
272 C CB  . GLU A 54 ? 0.6262 0.8877 0.9159 -0.1946 -0.0476 -0.3538 1033 GLU A CB  
273 C CG  . GLU A 54 ? 0.7300 1.0766 1.0323 -0.1882 -0.0708 -0.3613 1033 GLU A CG  
274 C CD  . GLU A 54 ? 0.8210 1.2090 1.0413 -0.1527 -0.0966 -0.3409 1033 GLU A CD  
275 O OE1 . GLU A 54 ? 0.7870 1.1499 0.9699 -0.1436 -0.0902 -0.3018 1033 GLU A OE1 
276 O OE2 . GLU A 54 ? 0.9023 1.3439 1.0929 -0.1332 -0.1227 -0.3615 1033 GLU A OE2 
277 N N   . ASP A 55 ? 0.5148 0.6305 0.7263 -0.1772 -0.0095 -0.2982 1034 ASP A N   
278 C CA  . ASP A 55 ? 0.5393 0.5919 0.7413 -0.1677 0.0058  -0.2989 1034 ASP A CA  
279 C C   . ASP A 55 ? 0.5115 0.5104 0.6893 -0.1528 0.0248  -0.2387 1034 ASP A C   
280 O O   . ASP A 55 ? 0.5235 0.4818 0.6867 -0.1360 0.0334  -0.2344 1034 ASP A O   
281 C CB  . ASP A 55 ? 0.6146 0.7036 0.7578 -0.1458 -0.0064 -0.3231 1034 ASP A CB  
282 C CG  . ASP A 55 ? 0.7389 0.8852 0.8870 -0.1456 -0.0246 -0.3641 1034 ASP A CG  
283 O OD1 . ASP A 55 ? 0.7302 0.8606 0.9381 -0.1594 -0.0222 -0.3943 1034 ASP A OD1 
284 O OD2 . ASP A 55 ? 0.8120 1.0155 0.9019 -0.1314 -0.0405 -0.3637 1034 ASP A OD2 
285 N N   . LYS A 56 ? 0.4595 0.4663 0.6326 -0.1535 0.0299  -0.1944 1035 LYS A N   
286 C CA  . LYS A 56 ? 0.4172 0.3840 0.5610 -0.1361 0.0451  -0.1387 1035 LYS A CA  
287 C C   . LYS A 56 ? 0.4335 0.4015 0.5179 -0.1108 0.0391  -0.1302 1035 LYS A C   
288 O O   . LYS A 56 ? 0.4677 0.3966 0.5436 -0.0953 0.0487  -0.1110 1035 LYS A O   
289 C CB  . LYS A 56 ? 0.5378 0.4320 0.7207 -0.1426 0.0678  -0.1195 1035 LYS A CB  
290 C CG  . LYS A 56 ? 0.6258 0.5132 0.8748 -0.1771 0.0821  -0.1243 1035 LYS A CG  
291 C CD  . LYS A 56 ? 0.7344 0.5362 1.0064 -0.1820 0.1097  -0.0869 1035 LYS A CD  
292 C CE  . LYS A 56 ? 0.8358 0.6052 1.1683 -0.2076 0.1149  -0.1156 1035 LYS A CE  
293 N NZ  . LYS A 56 ? 0.9326 0.6414 1.2760 -0.2159 0.1405  -0.0653 1035 LYS A NZ  
294 N N   . ASP A 57 ? 0.4146 0.4320 0.4585 -0.1066 0.0233  -0.1435 1036 ASP A N   
295 C CA  . ASP A 57 ? 0.4528 0.4770 0.4460 -0.0919 0.0230  -0.1384 1036 ASP A CA  
296 C C   . ASP A 57 ? 0.4994 0.5424 0.4413 -0.0843 0.0159  -0.1064 1036 ASP A C   
297 O O   . ASP A 57 ? 0.4604 0.5118 0.3600 -0.0798 0.0177  -0.1012 1036 ASP A O   
298 C CB  . ASP A 57 ? 0.5387 0.5944 0.5223 -0.0950 0.0177  -0.1857 1036 ASP A CB  
299 C CG  . ASP A 57 ? 0.5873 0.6952 0.5531 -0.1022 -0.0016 -0.2079 1036 ASP A CG  
300 O OD1 . ASP A 57 ? 0.5416 0.6610 0.5231 -0.1063 -0.0116 -0.1947 1036 ASP A OD1 
301 O OD2 . ASP A 57 ? 0.6483 0.7941 0.5825 -0.1008 -0.0072 -0.2402 1036 ASP A OD2 
302 N N   . ARG A 58 ? 0.4552 0.5027 0.4037 -0.0831 0.0102  -0.0858 1037 ARG A N   
303 C CA  . ARG A 58 ? 0.3577 0.4105 0.2635 -0.0711 0.0020  -0.0576 1037 ARG A CA  
304 C C   . ARG A 58 ? 0.3703 0.3938 0.2820 -0.0628 0.0127  -0.0284 1037 ARG A C   
305 O O   . ARG A 58 ? 0.4210 0.4428 0.3682 -0.0649 0.0203  -0.0229 1037 ARG A O   
306 C CB  . ARG A 58 ? 0.3794 0.4707 0.2880 -0.0668 -0.0171 -0.0631 1037 ARG A CB  
307 C CG  . ARG A 58 ? 0.5034 0.6372 0.4121 -0.0737 -0.0323 -0.1003 1037 ARG A CG  
308 C CD  . ARG A 58 ? 0.6394 0.7783 0.4792 -0.0672 -0.0371 -0.0962 1037 ARG A CD  
309 N NE  . ARG A 58 ? 0.7680 0.9475 0.6032 -0.0744 -0.0455 -0.1392 1037 ARG A NE  
310 C CZ  . ARG A 58 ? 0.7912 1.0224 0.6011 -0.0659 -0.0707 -0.1562 1037 ARG A CZ  
311 N NH1 . ARG A 58 ? 0.7808 1.0401 0.5942 -0.0681 -0.0744 -0.1924 1037 ARG A NH1 
312 N NH2 . ARG A 58 ? 0.8596 1.1040 0.6507 -0.0470 -0.0907 -0.1304 1037 ARG A NH2 
313 N N   . LEU A 59 ? 0.3669 0.3721 0.2443 -0.0557 0.0149  -0.0120 1038 LEU A N   
314 C CA  . LEU A 59 ? 0.4198 0.4054 0.2944 -0.0449 0.0204  0.0086  1038 LEU A CA  
315 C C   . LEU A 59 ? 0.3904 0.3745 0.2408 -0.0341 0.0101  0.0213  1038 LEU A C   
316 O O   . LEU A 59 ? 0.4288 0.4035 0.2460 -0.0351 0.0027  0.0255  1038 LEU A O   
317 C CB  . LEU A 59 ? 0.4659 0.4389 0.3291 -0.0445 0.0261  0.0084  1038 LEU A CB  
318 C CG  . LEU A 59 ? 0.4758 0.4380 0.3365 -0.0315 0.0281  0.0209  1038 LEU A CG  
319 C CD1 . LEU A 59 ? 0.4984 0.4546 0.3811 -0.0227 0.0363  0.0302  1038 LEU A CD1 
320 C CD2 . LEU A 59 ? 0.5567 0.5234 0.4131 -0.0336 0.0285  0.0116  1038 LEU A CD2 
321 N N   . VAL A 60 ? 0.4316 0.4234 0.2979 -0.0226 0.0114  0.0282  1039 VAL A N   
322 C CA  . VAL A 60 ? 0.4314 0.4232 0.2833 -0.0049 0.0004  0.0343  1039 VAL A CA  
323 C C   . VAL A 60 ? 0.3538 0.3266 0.1945 0.0069  0.0065  0.0399  1039 VAL A C   
324 O O   . VAL A 60 ? 0.3762 0.3621 0.2314 0.0098  0.0195  0.0424  1039 VAL A O   
325 C CB  . VAL A 60 ? 0.4313 0.4654 0.3174 0.0026  -0.0037 0.0275  1039 VAL A CB  
326 C CG1 . VAL A 60 ? 0.4215 0.4563 0.2950 0.0304  -0.0186 0.0307  1039 VAL A CG1 
327 C CG2 . VAL A 60 ? 0.4294 0.4923 0.3322 -0.0108 -0.0130 0.0123  1039 VAL A CG2 
328 N N   . VAL A 61 ? 0.4341 0.3742 0.2468 0.0128  -0.0020 0.0417  1040 VAL A N   
329 C CA  . VAL A 61 ? 0.4533 0.3755 0.2562 0.0212  -0.0002 0.0364  1040 VAL A CA  
330 C C   . VAL A 61 ? 0.4197 0.3196 0.2132 0.0428  -0.0111 0.0331  1040 VAL A C   
331 O O   . VAL A 61 ? 0.4796 0.3461 0.2566 0.0438  -0.0219 0.0419  1040 VAL A O   
332 C CB  . VAL A 61 ? 0.5004 0.3998 0.2912 0.0024  0.0009  0.0323  1040 VAL A CB  
333 C CG1 . VAL A 61 ? 0.5383 0.4321 0.3261 0.0101  -0.0009 0.0170  1040 VAL A CG1 
334 C CG2 . VAL A 61 ? 0.5205 0.4430 0.3245 -0.0125 0.0094  0.0320  1040 VAL A CG2 
335 N N   . VAL A 62 ? 0.4212 0.3375 0.2214 0.0635  -0.0079 0.0214  1041 VAL A N   
336 C CA  . VAL A 62 ? 0.4541 0.3485 0.2506 0.0904  -0.0184 0.0101  1041 VAL A CA  
337 C C   . VAL A 62 ? 0.4818 0.3583 0.2669 0.0964  -0.0180 -0.0125 1041 VAL A C   
338 O O   . VAL A 62 ? 0.5596 0.4726 0.3423 0.0957  -0.0079 -0.0199 1041 VAL A O   
339 C CB  . VAL A 62 ? 0.4578 0.4050 0.2801 0.1155  -0.0155 0.0051  1041 VAL A CB  
340 C CG1 . VAL A 62 ? 0.5139 0.4378 0.3362 0.1514  -0.0291 -0.0110 1041 VAL A CG1 
341 C CG2 . VAL A 62 ? 0.4849 0.4619 0.3264 0.1063  -0.0193 0.0184  1041 VAL A CG2 
342 N N   . GLY A 63 ? 0.5383 0.3562 0.3150 0.1035  -0.0300 -0.0240 1042 GLY A N   
343 C CA  . GLY A 63 ? 0.5695 0.3720 0.3420 0.1091  -0.0328 -0.0569 1042 GLY A CA  
344 C C   . GLY A 63 ? 0.7072 0.4273 0.4778 0.1139  -0.0454 -0.0688 1042 GLY A C   
345 O O   . GLY A 63 ? 0.6779 0.3555 0.4452 0.1268  -0.0532 -0.0485 1042 GLY A O   
346 N N   . ARG A 64 ? 0.7199 0.4160 0.4929 0.1044  -0.0492 -0.1027 1043 ARG A N   
347 C CA  . ARG A 64 ? 0.7254 0.3308 0.5034 0.1025  -0.0590 -0.1210 1043 ARG A CA  
348 C C   . ARG A 64 ? 0.7873 0.3648 0.5749 0.0537  -0.0557 -0.1293 1043 ARG A C   
349 O O   . ARG A 64 ? 0.7517 0.3916 0.5467 0.0393  -0.0543 -0.1514 1043 ARG A O   
350 C CB  . ARG A 64 ? 0.7967 0.4024 0.5819 0.1389  -0.0675 -0.1726 1043 ARG A CB  
351 C CG  . ARG A 64 ? 0.8008 0.4438 0.5865 0.1893  -0.0679 -0.1726 1043 ARG A CG  
352 C CD  . ARG A 64 ? 0.9775 0.6084 0.7717 0.2284  -0.0756 -0.2290 1043 ARG A CD  
353 N NE  . ARG A 64 ? 1.0558 0.6791 0.8653 0.2714  -0.0807 -0.2213 1043 ARG A NE  
354 C CZ  . ARG A 64 ? 0.9981 0.7120 0.8163 0.3031  -0.0718 -0.2221 1043 ARG A CZ  
355 N NH1 . ARG A 64 ? 0.9875 0.7947 0.7936 0.2962  -0.0537 -0.2251 1043 ARG A NH1 
356 N NH2 . ARG A 64 ? 0.9788 0.6940 0.8203 0.3384  -0.0792 -0.2172 1043 ARG A NH2 
357 N N   . GLY A 65 ? 0.8956 0.3826 0.6838 0.0290  -0.0540 -0.1102 1044 GLY A N   
358 C CA  . GLY A 65 ? 0.9187 0.3810 0.7261 -0.0237 -0.0458 -0.1205 1044 GLY A CA  
359 C C   . GLY A 65 ? 0.9379 0.4672 0.7468 -0.0563 -0.0324 -0.0980 1044 GLY A C   
360 O O   . GLY A 65 ? 0.9450 0.5028 0.7819 -0.0920 -0.0280 -0.1237 1044 GLY A O   
361 N N   . ILE A 66 ? 0.8202 0.3807 0.6054 -0.0437 -0.0271 -0.0567 1045 ILE A N   
362 C CA  . ILE A 66 ? 0.8347 0.4547 0.6219 -0.0695 -0.0145 -0.0393 1045 ILE A CA  
363 C C   . ILE A 66 ? 0.8896 0.4579 0.6630 -0.1058 0.0017  -0.0042 1045 ILE A C   
364 O O   . ILE A 66 ? 0.8721 0.3791 0.6132 -0.0933 0.0004  0.0308  1045 ILE A O   
365 C CB  . ILE A 66 ? 0.8046 0.4848 0.5774 -0.0405 -0.0161 -0.0202 1045 ILE A CB  
366 C CG1 . ILE A 66 ? 0.8024 0.5282 0.5807 -0.0055 -0.0255 -0.0453 1045 ILE A CG1 
367 C CG2 . ILE A 66 ? 0.8319 0.5680 0.6121 -0.0634 -0.0045 -0.0113 1045 ILE A CG2 
368 C CD1 . ILE A 66 ? 0.8075 0.5809 0.6020 -0.0129 -0.0284 -0.0787 1045 ILE A CD1 
369 N N   . ASP A 67 ? 0.8587 0.4580 0.6553 -0.1483 0.0174  -0.0128 1046 ASP A N   
370 C CA  . ASP A 67 ? 0.8847 0.4532 0.6661 -0.1876 0.0408  0.0213  1046 ASP A CA  
371 C C   . ASP A 67 ? 0.8435 0.4753 0.6023 -0.1794 0.0477  0.0440  1046 ASP A C   
372 O O   . ASP A 67 ? 0.7316 0.4433 0.5186 -0.1831 0.0503  0.0208  1046 ASP A O   
373 C CB  . ASP A 67 ? 0.9251 0.5094 0.7527 -0.2407 0.0583  -0.0054 1046 ASP A CB  
374 C CG  . ASP A 67 ? 1.0847 0.6556 0.9037 -0.2769 0.0873  0.0313  1046 ASP A CG  
375 O OD1 . ASP A 67 ? 1.1505 0.7745 1.0163 -0.3131 0.1044  0.0114  1046 ASP A OD1 
376 O OD2 . ASP A 67 ? 1.1977 0.7250 0.9699 -0.2583 0.0894  0.0775  1046 ASP A OD2 
377 N N   . PRO A 68 ? 0.7806 0.5622 0.5038 -0.2406 0.0236  -0.0571 1047 PRO A N   
378 C CA  . PRO A 68 ? 0.7438 0.5124 0.4717 -0.2215 0.0438  -0.0582 1047 PRO A CA  
379 C C   . PRO A 68 ? 0.7047 0.5315 0.5070 -0.2326 0.0610  -0.0548 1047 PRO A C   
380 O O   . PRO A 68 ? 0.6257 0.4874 0.4603 -0.1965 0.0622  -0.0442 1047 PRO A O   
381 C CB  . PRO A 68 ? 0.7641 0.5035 0.4561 -0.1865 0.0720  -0.0517 1047 PRO A CB  
382 C CG  . PRO A 68 ? 0.8218 0.5606 0.4852 -0.1868 0.0650  -0.0391 1047 PRO A CG  
383 C CD  . PRO A 68 ? 0.8177 0.5763 0.5006 -0.2250 0.0448  -0.0499 1047 PRO A CD  
384 N N   . VAL A 69 ? 0.6488 0.5027 0.4915 -0.2645 0.0772  -0.0548 1048 VAL A N   
385 C CA  . VAL A 69 ? 0.7184 0.6425 0.6470 -0.2551 0.1011  -0.0384 1048 VAL A CA  
386 C C   . VAL A 69 ? 0.6501 0.6644 0.6521 -0.2521 0.0673  -0.0293 1048 VAL A C   
387 O O   . VAL A 69 ? 0.5774 0.6426 0.6252 -0.2212 0.0794  -0.0121 1048 VAL A O   
388 C CB  . VAL A 69 ? 0.7645 0.6914 0.7289 -0.2900 0.1320  -0.0376 1048 VAL A CB  
389 C CG1 . VAL A 69 ? 0.7382 0.7546 0.8172 -0.2904 0.1471  -0.0161 1048 VAL A CG1 
390 C CG2 . VAL A 69 ? 0.8410 0.6902 0.7366 -0.2636 0.1759  -0.0419 1048 VAL A CG2 
391 N N   . ARG A 70 ? 0.6153 0.6468 0.6218 -0.2787 0.0229  -0.0414 1049 ARG A N   
392 C CA  . ARG A 70 ? 0.6038 0.7182 0.6723 -0.2696 -0.0135 -0.0382 1049 ARG A CA  
393 C C   . ARG A 70 ? 0.5309 0.6382 0.5579 -0.2201 -0.0219 -0.0320 1049 ARG A C   
394 O O   . ARG A 70 ? 0.5327 0.7093 0.6089 -0.1947 -0.0269 -0.0210 1049 ARG A O   
395 C CB  . ARG A 70 ? 0.6949 0.8188 0.7708 -0.3031 -0.0640 -0.0580 1049 ARG A CB  
396 C CG  . ARG A 70 ? 0.7690 0.9866 0.9250 -0.2976 -0.1057 -0.0615 1049 ARG A CG  
397 C CD  . ARG A 70 ? 0.8302 1.0366 0.9248 -0.2542 -0.1418 -0.0669 1049 ARG A CD  
398 N NE  . ARG A 70 ? 0.9371 1.0731 0.9522 -0.2617 -0.1785 -0.0845 1049 ARG A NE  
399 C CZ  . ARG A 70 ? 0.9250 0.9810 0.8392 -0.2310 -0.1751 -0.0800 1049 ARG A CZ  
400 N NH1 . ARG A 70 ? 0.8694 0.9085 0.7613 -0.1945 -0.1389 -0.0626 1049 ARG A NH1 
401 N NH2 . ARG A 70 ? 0.9561 0.9463 0.7954 -0.2352 -0.2077 -0.0913 1049 ARG A NH2 
402 N N   . LEU A 71 ? 0.5300 0.5538 0.4709 -0.2050 -0.0205 -0.0374 1050 LEU A N   
403 C CA  . LEU A 71 ? 0.5126 0.5203 0.4234 -0.1573 -0.0209 -0.0297 1050 LEU A CA  
404 C C   . LEU A 71 ? 0.4858 0.5172 0.4288 -0.1261 0.0120  -0.0156 1050 LEU A C   
405 O O   . LEU A 71 ? 0.5192 0.5936 0.4856 -0.0916 0.0095  -0.0050 1050 LEU A O   
406 C CB  . LEU A 71 ? 0.5387 0.4478 0.3658 -0.1501 -0.0188 -0.0351 1050 LEU A CB  
407 C CG  . LEU A 71 ? 0.6003 0.4777 0.4088 -0.1019 -0.0073 -0.0256 1050 LEU A CG  
408 C CD1 . LEU A 71 ? 0.5721 0.4817 0.3842 -0.0706 -0.0307 -0.0182 1050 LEU A CD1 
409 C CD2 . LEU A 71 ? 0.7186 0.4977 0.4621 -0.1004 0.0024  -0.0297 1050 LEU A CD2 
410 N N   . VAL A 72 ? 0.4781 0.4750 0.4137 -0.1316 0.0435  -0.0157 1051 VAL A N   
411 C CA  . VAL A 72 ? 0.4599 0.4695 0.4166 -0.0950 0.0713  -0.0028 1051 VAL A CA  
412 C C   . VAL A 72 ? 0.4541 0.5606 0.4855 -0.0923 0.0742  0.0161  1051 VAL A C   
413 O O   . VAL A 72 ? 0.4382 0.5768 0.4874 -0.0550 0.0831  0.0313  1051 VAL A O   
414 C CB  . VAL A 72 ? 0.5588 0.5042 0.4821 -0.0927 0.1027  -0.0093 1051 VAL A CB  
415 C CG1 . VAL A 72 ? 0.5351 0.4859 0.4714 -0.0455 0.1264  0.0037  1051 VAL A CG1 
416 C CG2 . VAL A 72 ? 0.6617 0.5158 0.5145 -0.0923 0.0976  -0.0286 1051 VAL A CG2 
417 N N   . ALA A 73 ? 0.5029 0.6579 0.5833 -0.1317 0.0656  0.0157  1052 ALA A N   
418 C CA  . ALA A 73 ? 0.4696 0.7210 0.6346 -0.1312 0.0680  0.0348  1052 ALA A CA  
419 C C   . ALA A 73 ? 0.4960 0.8079 0.6768 -0.1097 0.0370  0.0362  1052 ALA A C   
420 O O   . ALA A 73 ? 0.4575 0.8337 0.6795 -0.0841 0.0469  0.0561  1052 ALA A O   
421 C CB  . ALA A 73 ? 0.4834 0.7717 0.7147 -0.1807 0.0639  0.0313  1052 ALA A CB  
422 N N   . LEU A 74 ? 0.4670 0.7558 0.6085 -0.1139 0.0020  0.0171  1053 LEU A N   
423 C CA  . LEU A 74 ? 0.4766 0.8106 0.6182 -0.0811 -0.0223 0.0175  1053 LEU A CA  
424 C C   . LEU A 74 ? 0.4634 0.7756 0.5717 -0.0315 0.0030  0.0317  1053 LEU A C   
425 O O   . LEU A 74 ? 0.4515 0.8247 0.5830 0.0000  0.0047  0.0442  1053 LEU A O   
426 C CB  . LEU A 74 ? 0.5246 0.8209 0.6171 -0.0839 -0.0607 -0.0033 1053 LEU A CB  
427 C CG  . LEU A 74 ? 0.6401 0.9596 0.7629 -0.1262 -0.1000 -0.0226 1053 LEU A CG  
428 C CD1 . LEU A 74 ? 0.7081 0.9527 0.7503 -0.1225 -0.1311 -0.0397 1053 LEU A CD1 
429 C CD2 . LEU A 74 ? 0.6683 1.0931 0.8686 -0.1209 -0.1286 -0.0254 1053 LEU A CD2 
430 N N   . LEU A 75 ? 0.4585 0.6840 0.5151 -0.0231 0.0216  0.0286  1054 LEU A N   
431 C CA  . LEU A 75 ? 0.4257 0.6232 0.4619 0.0223  0.0425  0.0383  1054 LEU A CA  
432 C C   . LEU A 75 ? 0.3987 0.6369 0.4678 0.0411  0.0670  0.0575  1054 LEU A C   
433 O O   . LEU A 75 ? 0.3864 0.6492 0.4591 0.0801  0.0761  0.0705  1054 LEU A O   
434 C CB  . LEU A 75 ? 0.4379 0.5338 0.4254 0.0244  0.0518  0.0267  1054 LEU A CB  
435 C CG  . LEU A 75 ? 0.4455 0.4893 0.3921 0.0233  0.0349  0.0168  1054 LEU A CG  
436 C CD1 . LEU A 75 ? 0.4281 0.3783 0.3340 0.0105  0.0432  0.0047  1054 LEU A CD1 
437 C CD2 . LEU A 75 ? 0.4220 0.4696 0.3673 0.0709  0.0391  0.0267  1054 LEU A CD2 
438 N N   . ARG A 76 ? 0.4062 0.6473 0.4952 0.0185  0.0813  0.0620  1055 ARG A N   
439 C CA  . ARG A 76 ? 0.4031 0.6794 0.5189 0.0433  0.1072  0.0865  1055 ARG A CA  
440 C C   . ARG A 76 ? 0.3951 0.7744 0.5629 0.0508  0.1008  0.1058  1055 ARG A C   
441 O O   . ARG A 76 ? 0.3870 0.7941 0.5561 0.0895  0.1161  0.1273  1055 ARG A O   
442 C CB  . ARG A 76 ? 0.4212 0.6796 0.5512 0.0220  0.1299  0.0915  1055 ARG A CB  
443 C CG  . ARG A 76 ? 0.5356 0.8257 0.6924 0.0529  0.1614  0.1234  1055 ARG A CG  
444 C CD  . ARG A 76 ? 0.5906 0.8409 0.7493 0.0432  0.1926  0.1285  1055 ARG A CD  
445 N NE  . ARG A 76 ? 0.6966 0.8422 0.7813 0.0548  0.1970  0.1034  1055 ARG A NE  
446 C CZ  . ARG A 76 ? 0.7019 0.7999 0.7667 0.0202  0.1998  0.0827  1055 ARG A CZ  
447 N NH1 . ARG A 76 ? 0.7245 0.8672 0.8412 -0.0299 0.1977  0.0834  1055 ARG A NH1 
448 N NH2 . ARG A 76 ? 0.7515 0.7569 0.7464 0.0368  0.2032  0.0596  1055 ARG A NH2 
449 N N   . GLU A 77 ? 0.4010 0.8364 0.6094 0.0168  0.0752  0.0967  1056 GLU A N   
450 C CA  . GLU A 77 ? 0.4388 0.9771 0.7035 0.0234  0.0644  0.1103  1056 GLU A CA  
451 C C   . GLU A 77 ? 0.4359 0.9905 0.6653 0.0670  0.0566  0.1105  1056 GLU A C   
452 O O   . GLU A 77 ? 0.3873 1.0078 0.6374 0.0949  0.0665  0.1314  1056 GLU A O   
453 C CB  . GLU A 77 ? 0.4435 1.0303 0.7633 -0.0210 0.0302  0.0923  1056 GLU A CB  
454 C CG  . GLU A 77 ? 0.5098 1.2074 0.8993 -0.0159 0.0118  0.1002  1056 GLU A CG  
455 C CD  . GLU A 77 ? 0.6567 1.3979 1.1129 -0.0603 -0.0291 0.0768  1056 GLU A CD  
456 O OE1 . GLU A 77 ? 0.6667 1.4951 1.2186 -0.0755 -0.0339 0.0876  1056 GLU A OE1 
457 O OE2 . GLU A 77 ? 0.7054 1.3914 1.1209 -0.0785 -0.0577 0.0482  1056 GLU A OE2 
458 N N   . LYS A 78 ? 0.4042 0.8966 0.5789 0.0772  0.0441  0.0907  1057 LYS A N   
459 C CA  . LYS A 78 ? 0.4243 0.9290 0.5693 0.1215  0.0416  0.0910  1057 LYS A CA  
460 C C   . LYS A 78 ? 0.4746 0.9275 0.5842 0.1619  0.0716  0.1032  1057 LYS A C   
461 O O   . LYS A 78 ? 0.5046 0.9882 0.6046 0.2030  0.0824  0.1140  1057 LYS A O   
462 C CB  . LYS A 78 ? 0.4099 0.8759 0.5192 0.1205  0.0145  0.0676  1057 LYS A CB  
463 C CG  . LYS A 78 ? 0.4687 0.9782 0.6097 0.0838  -0.0249 0.0498  1057 LYS A CG  
464 C CD  . LYS A 78 ? 0.5161 1.1372 0.7234 0.0832  -0.0354 0.0575  1057 LYS A CD  
465 C CE  . LYS A 78 ? 0.6076 1.2738 0.8448 0.0651  -0.0856 0.0318  1057 LYS A CE  
466 N NZ  . LYS A 78 ? 0.6800 1.3418 0.8619 0.1156  -0.1076 0.0169  1057 LYS A NZ  
467 N N   . CYS A 79 ? 0.4582 0.8331 0.5499 0.1537  0.0845  0.0995  1058 CYS A N   
468 C CA  . CYS A 79 ? 0.4838 0.8041 0.5524 0.1917  0.1055  0.1053  1058 CYS A CA  
469 C C   . CYS A 79 ? 0.4997 0.8217 0.5735 0.2054  0.1232  0.1225  1058 CYS A C   
470 O O   . CYS A 79 ? 0.6044 0.8748 0.6541 0.2343  0.1300  0.1247  1058 CYS A O   
471 C CB  . CYS A 79 ? 0.4728 0.6932 0.5150 0.1849  0.1030  0.0850  1058 CYS A CB  
472 S SG  . CYS A 79 ? 0.4911 0.6894 0.5141 0.1797  0.0872  0.0720  1058 CYS A SG  
473 N N   . GLY A 80 ? 0.4507 0.5442 0.6327 0.0621  -0.0241 0.0222  1059 GLY A N   
474 C CA  . GLY A 80 ? 0.4132 0.5205 0.6573 0.0360  0.0170  0.0298  1059 GLY A CA  
475 C C   . GLY A 80 ? 0.4134 0.5013 0.6407 0.0105  0.0544  0.0388  1059 GLY A C   
476 O O   . GLY A 80 ? 0.3911 0.4712 0.6758 -0.0063 0.0832  0.0340  1059 GLY A O   
477 N N   . LEU A 81 ? 0.2848 0.3548 0.4345 0.0116  0.0576  0.0502  1060 LEU A N   
478 C CA  . LEU A 81 ? 0.3191 0.3605 0.4347 -0.0015 0.0789  0.0548  1060 LEU A CA  
479 C C   . LEU A 81 ? 0.2579 0.2974 0.3284 0.0051  0.0601  0.0530  1060 LEU A C   
480 O O   . LEU A 81 ? 0.3508 0.3972 0.3983 0.0181  0.0521  0.0583  1060 LEU A O   
481 C CB  . LEU A 81 ? 0.3644 0.3784 0.4439 -0.0033 0.1021  0.0671  1060 LEU A CB  
482 C CG  . LEU A 81 ? 0.3623 0.3619 0.4685 -0.0070 0.1316  0.0736  1060 LEU A CG  
483 C CD1 . LEU A 81 ? 0.4107 0.3817 0.4681 -0.0025 0.1410  0.0834  1060 LEU A CD1 
484 C CD2 . LEU A 81 ? 0.3620 0.3185 0.4789 -0.0149 0.1666  0.0714  1060 LEU A CD2 
485 N N   . ALA A 82 ? 0.3370 0.3569 0.3925 -0.0016 0.0625  0.0473  1061 ALA A N   
486 C CA  . ALA A 82 ? 0.3976 0.4136 0.4166 0.0050  0.0480  0.0451  1061 ALA A CA  
487 C C   . ALA A 82 ? 0.3709 0.3508 0.3619 -0.0001 0.0570  0.0406  1061 ALA A C   
488 O O   . ALA A 82 ? 0.4328 0.3886 0.4373 -0.0087 0.0772  0.0376  1061 ALA A O   
489 C CB  . ALA A 82 ? 0.3986 0.4267 0.4186 0.0156  0.0243  0.0378  1061 ALA A CB  
490 N N   . GLU A 83 ? 0.3910 0.3596 0.3471 0.0084  0.0463  0.0391  1062 GLU A N   
491 C CA  . GLU A 83 ? 0.3850 0.3063 0.2935 0.0136  0.0481  0.0335  1062 GLU A CA  
492 C C   . GLU A 83 ? 0.3542 0.2851 0.2519 0.0227  0.0287  0.0280  1062 GLU A C   
493 O O   . GLU A 83 ? 0.3928 0.3523 0.3173 0.0287  0.0188  0.0275  1062 GLU A O   
494 C CB  . GLU A 83 ? 0.4776 0.3482 0.3394 0.0259  0.0483  0.0319  1062 GLU A CB  
495 C CG  . GLU A 83 ? 0.6699 0.4731 0.4552 0.0466  0.0374  0.0228  1062 GLU A CG  
496 C CD  . GLU A 83 ? 0.9015 0.6377 0.6209 0.0719  0.0191  0.0141  1062 GLU A CD  
497 O OE1 . GLU A 83 ? 1.0288 0.6664 0.6456 0.0960  0.0271  0.0119  1062 GLU A OE1 
498 O OE2 . GLU A 83 ? 0.9382 0.7072 0.6993 0.0721  -0.0033 0.0079  1062 GLU A OE2 
499 N N   . LEU A 84 ? 0.4255 0.3280 0.2917 0.0237  0.0315  0.0240  1063 LEU A N   
500 C CA  . LEU A 84 ? 0.4416 0.3458 0.2920 0.0344  0.0163  0.0193  1063 LEU A CA  
501 C C   . LEU A 84 ? 0.4774 0.3552 0.3030 0.0543  -0.0036 0.0096  1063 LEU A C   
502 O O   . LEU A 84 ? 0.5574 0.3734 0.3214 0.0668  -0.0047 0.0051  1063 LEU A O   
503 C CB  . LEU A 84 ? 0.5559 0.4306 0.3778 0.0298  0.0258  0.0163  1063 LEU A CB  
504 C CG  . LEU A 84 ? 0.6516 0.5238 0.4525 0.0381  0.0155  0.0130  1063 LEU A CG  
505 C CD1 . LEU A 84 ? 0.5706 0.4819 0.3989 0.0414  0.0078  0.0175  1063 LEU A CD1 
506 C CD2 . LEU A 84 ? 0.6398 0.4795 0.4249 0.0278  0.0290  0.0076  1063 LEU A CD2 
507 N N   . LEU A 85 ? 0.4883 0.4013 0.3622 0.0623  -0.0189 0.0036  1064 LEU A N   
508 C CA  . LEU A 85 ? 0.4700 0.3688 0.3556 0.0842  -0.0521 -0.0163 1064 LEU A CA  
509 C C   . LEU A 85 ? 0.4786 0.3690 0.3581 0.1008  -0.0664 -0.0257 1064 LEU A C   
510 O O   . LEU A 85 ? 0.5178 0.3690 0.3684 0.1274  -0.1033 -0.0458 1064 LEU A O   
511 C CB  . LEU A 85 ? 0.4350 0.3824 0.4214 0.0814  -0.0576 -0.0248 1064 LEU A CB  
512 C CG  . LEU A 85 ? 0.4723 0.4281 0.4759 0.0698  -0.0499 -0.0201 1064 LEU A CG  
513 C CD1 . LEU A 85 ? 0.4090 0.4064 0.5268 0.0685  -0.0517 -0.0335 1064 LEU A CD1 
514 C CD2 . LEU A 85 ? 0.5129 0.4058 0.4372 0.0835  -0.0738 -0.0288 1064 LEU A CD2 
515 N N   . MET A 86 ? 0.4500 0.3669 0.3487 0.0921  -0.0423 -0.0139 1065 MET A N   
516 C CA  . MET A 86 ? 0.4205 0.3296 0.3188 0.1086  -0.0509 -0.0214 1065 MET A CA  
517 C C   . MET A 86 ? 0.4167 0.3241 0.2824 0.0993  -0.0211 -0.0041 1065 MET A C   
518 O O   . MET A 86 ? 0.4000 0.3250 0.2779 0.0875  0.0022  0.0094  1065 MET A O   
519 C CB  . MET A 86 ? 0.4237 0.3729 0.4366 0.1199  -0.0592 -0.0372 1065 MET A CB  
520 C CG  . MET A 86 ? 0.5809 0.5234 0.6072 0.1399  -0.0674 -0.0469 1065 MET A CG  
521 S SD  . MET A 86 ? 0.6312 0.6264 0.8334 0.1482  -0.0532 -0.0635 1065 MET A SD  
522 C CE  . MET A 86 ? 0.5365 0.5330 0.7300 0.1302  0.0284  -0.0262 1065 MET A CE  
523 N N   . VAL A 87 ? 0.4609 0.3353 0.2734 0.1101  -0.0265 -0.0069 1066 VAL A N   
524 C CA  . VAL A 87 ? 0.5418 0.4069 0.3256 0.1089  -0.0062 0.0037  1066 VAL A CA  
525 C C   . VAL A 87 ? 0.4989 0.3555 0.2933 0.1313  -0.0122 -0.0041 1066 VAL A C   
526 O O   . VAL A 87 ? 0.5161 0.3480 0.2866 0.1479  -0.0398 -0.0185 1066 VAL A O   
527 C CB  . VAL A 87 ? 0.5592 0.3879 0.2719 0.0956  -0.0028 0.0063  1066 VAL A CB  
528 C CG1 . VAL A 87 ? 0.5687 0.3790 0.2468 0.0996  0.0067  0.0112  1066 VAL A CG1 
529 C CG2 . VAL A 87 ? 0.5777 0.4218 0.3077 0.0751  0.0012  0.0095  1066 VAL A CG2 
530 N N   . GLU A 88 ? 0.4876 0.3514 0.3082 0.1378  0.0152  0.0052  1067 GLU A N   
531 C CA  . GLU A 88 ? 0.5039 0.3696 0.3696 0.1596  0.0175  -0.0028 1067 GLU A CA  
532 C C   . GLU A 88 ? 0.5384 0.3739 0.3638 0.1669  0.0576  0.0149  1067 GLU A C   
533 O O   . GLU A 88 ? 0.5841 0.4056 0.3899 0.1635  0.0899  0.0311  1067 GLU A O   
534 C CB  . GLU A 88 ? 0.4993 0.4121 0.5041 0.1657  0.0187  -0.0167 1067 GLU A CB  
535 C CG  . GLU A 88 ? 0.5873 0.5123 0.6892 0.1837  0.0468  -0.0216 1067 GLU A CG  
536 C CD  . GLU A 88 ? 0.5921 0.5671 0.8658 0.1835  0.0549  -0.0401 1067 GLU A CD  
537 O OE1 . GLU A 88 ? 0.6660 0.6692 1.0461 0.2007  0.0127  -0.0733 1067 GLU A OE1 
538 O OE2 . GLU A 88 ? 0.5555 0.5365 0.8613 0.1690  0.1004  -0.0251 1067 GLU A OE2 
539 N N   . LEU A 89 ? 0.5696 0.3810 0.3668 0.1832  0.0543  0.0113  1068 LEU A N   
540 C CA  . LEU A 89 ? 0.6150 0.3875 0.3738 0.1966  0.0957  0.0275  1068 LEU A CA  
541 C C   . LEU A 89 ? 0.7537 0.5454 0.6291 0.2112  0.1424  0.0309  1068 LEU A C   
542 O O   . LEU A 89 ? 0.6679 0.5060 0.6669 0.2179  0.1266  0.0105  1068 LEU A O   
543 C CB  . LEU A 89 ? 0.6534 0.3906 0.3456 0.2094  0.0815  0.0232  1068 LEU A CB  
544 C CG  . LEU A 89 ? 0.8349 0.5408 0.4254 0.1943  0.0515  0.0189  1068 LEU A CG  
545 C CD1 . LEU A 89 ? 0.9474 0.6080 0.4713 0.2096  0.0479  0.0159  1068 LEU A CD1 
546 C CD2 . LEU A 89 ? 1.0115 0.6950 0.5445 0.1777  0.0584  0.0277  1068 LEU A CD2 
547 N N   . VAL A 90 ? 0.7622 0.5072 0.5997 0.2200  0.2006  0.0536  1069 VAL A N   
548 C CA  . VAL A 90 ? 0.8013 0.5419 0.7458 0.2350  0.2713  0.0620  1069 VAL A CA  
549 C C   . VAL A 90 ? 0.9102 0.6024 0.8181 0.2491  0.3088  0.0762  1069 VAL A C   
550 O O   . VAL A 90 ? 0.9537 0.5921 0.7252 0.2606  0.2936  0.0835  1069 VAL A O   
551 C CB  . VAL A 90 ? 0.8359 0.5438 0.7507 0.2281  0.3153  0.0829  1069 VAL A CB  
552 C CG1 . VAL A 90 ? 0.9057 0.5746 0.8614 0.2266  0.3869  0.1059  1069 VAL A CG1 
553 C CG2 . VAL A 90 ? 0.8326 0.6051 0.8499 0.2118  0.2958  0.0673  1069 VAL A CG2 
# 
loop_
_pdbx_poly_seq_scheme.asym_id 
_pdbx_poly_seq_scheme.entity_id 
_pdbx_poly_seq_scheme.seq_id 
_pdbx_poly_seq_scheme.mon_id 
_pdbx_poly_seq_scheme.ndb_seq_num 
_pdbx_poly_seq_scheme.pdb_seq_num 
_pdbx_poly_seq_scheme.auth_seq_num 
_pdbx_poly_seq_scheme.pdb_mon_id 
_pdbx_poly_seq_scheme.auth_mon_id 
_pdbx_poly_seq_scheme.pdb_strand_id 
_pdbx_poly_seq_scheme.pdb_ins_code 
_pdbx_poly_seq_scheme.hetero 
A 1 1   MET 1   980  ?    ?   ?   A . n 
A 1 2   ASP 2   981  ?    ?   ?   A . n 
A 1 3   LEU 3   982  ?    ?   ?   A . n 
A 1 4   SER 4   983  ?    ?   ?   A . n 
A 1 5   ASN 5   984  ?    ?   ?   A . n 
A 1 6   MET 6   985  ?    ?   ?   A . n 
A 1 7   GLU 7   986  ?    ?   ?   A . n 
A 1 8   SER 8   987  ?    ?   ?   A . n 
A 1 9   VAL 9   988  ?    ?   ?   A . n 
A 1 10  VAL 10  989  ?    ?   ?   A . n 
A 1 11  GLU 11  990  ?    ?   ?   A . n 
A 1 12  SER 12  991  ?    ?   ?   A . n 
A 1 13  ALA 13  992  ?    ?   ?   A . n 
A 1 14  LEU 14  993  ?    ?   ?   A . n 
A 1 15  THR 15  994  ?    ?   ?   A . n 
A 1 16  GLY 16  995  ?    ?   ?   A . n 
A 1 17  GLN 17  996  ?    ?   ?   A . n 
A 1 18  ARG 18  997  997  ARG ARG A . n 
A 1 19  THR 19  998  998  THR THR A . n 
A 1 20  LYS 20  999  999  LYS LYS A . n 
A 1 21  ILE 21  1000 1000 ILE ILE A . n 
A 1 22  VAL 22  1001 1001 VAL VAL A . n 
A 1 23  VAL 23  1002 1002 VAL VAL A . n 
A 1 24  LYS 24  1003 1003 LYS LYS A . n 
A 1 25  VAL 25  1004 1004 VAL VAL A . n 
A 1 26  HIS 26  1005 1005 HIS HIS A . n 
A 1 27  MET 27  1006 1006 MET MET A . n 
A 1 28  PRO 28  1007 1007 PRO PRO A . n 
A 1 29  CYS 29  1008 1008 CYS CYS A . n 
A 1 30  GLY 30  1009 1009 GLY GLY A . n 
A 1 31  LYS 31  1010 1010 LYS LYS A . n 
A 1 32  SER 32  1011 1011 SER SER A . n 
A 1 33  ARG 33  1012 1012 ARG ARG A . n 
A 1 34  ALA 34  1013 1013 ALA ALA A . n 
A 1 35  LYS 35  1014 1014 LYS LYS A . n 
A 1 36  ALA 36  1015 1015 ALA ALA A . n 
A 1 37  MET 37  1016 1016 MET MET A . n 
A 1 38  ALA 38  1017 1017 ALA ALA A . n 
A 1 39  LEU 39  1018 1018 LEU LEU A . n 
A 1 40  ALA 40  1019 1019 ALA ALA A . n 
A 1 41  ALA 41  1020 1020 ALA ALA A . n 
A 1 42  SER 42  1021 1021 SER SER A . n 
A 1 43  VAL 43  1022 1022 VAL VAL A . n 
A 1 44  ASN 44  1023 1023 ASN ASN A . n 
A 1 45  GLY 45  1024 1024 GLY GLY A . n 
A 1 46  VAL 46  1025 1025 VAL VAL A . n 
A 1 47  ASP 47  1026 1026 ASP ASP A . n 
A 1 48  SER 48  1027 1027 SER SER A . n 
A 1 49  VAL 49  1028 1028 VAL VAL A . n 
A 1 50  GLU 50  1029 1029 GLU GLU A . n 
A 1 51  ILE 51  1030 1030 ILE ILE A . n 
A 1 52  THR 52  1031 1031 THR THR A . n 
A 1 53  GLY 53  1032 1032 GLY GLY A . n 
A 1 54  GLU 54  1033 1033 GLU GLU A . n 
A 1 55  ASP 55  1034 1034 ASP ASP A . n 
A 1 56  LYS 56  1035 1035 LYS LYS A . n 
A 1 57  ASP 57  1036 1036 ASP ASP A . n 
A 1 58  ARG 58  1037 1037 ARG ARG A . n 
A 1 59  LEU 59  1038 1038 LEU LEU A . n 
A 1 60  VAL 60  1039 1039 VAL VAL A . n 
A 1 61  VAL 61  1040 1040 VAL VAL A . n 
A 1 62  VAL 62  1041 1041 VAL VAL A . n 
A 1 63  GLY 63  1042 1042 GLY GLY A . n 
A 1 64  ARG 64  1043 1043 ARG ARG A . n 
A 1 65  GLY 65  1044 1044 GLY GLY A . n 
A 1 66  ILE 66  1045 1045 ILE ILE A . n 
A 1 67  ASP 67  1046 1046 ASP ASP A . n 
A 1 68  PRO 68  1047 1047 PRO PRO A . n 
A 1 69  VAL 69  1048 1048 VAL VAL A . n 
A 1 70  ARG 70  1049 1049 ARG ARG A . n 
A 1 71  LEU 71  1050 1050 LEU LEU A . n 
A 1 72  VAL 72  1051 1051 VAL VAL A . n 
A 1 73  ALA 73  1052 1052 ALA ALA A . n 
A 1 74  LEU 74  1053 1053 LEU LEU A . n 
A 1 75  LEU 75  1054 1054 LEU LEU A . n 
A 1 76  ARG 76  1055 1055 ARG ARG A . n 
A 1 77  GLU 77  1056 1056 GLU GLU A . n 
A 1 78  LYS 78  1057 1057 LYS LYS A . n 
A 1 79  CYS 79  1058 1058 CYS CYS A . n 
A 1 80  GLY 80  1059 1059 GLY GLY A . n 
A 1 81  LEU 81  1060 1060 LEU LEU A . n 
A 1 82  ALA 82  1061 1061 ALA ALA A . n 
A 1 83  GLU 83  1062 1062 GLU GLU A . n 
A 1 84  LEU 84  1063 1063 LEU LEU A . n 
A 1 85  LEU 85  1064 1064 LEU LEU A . n 
A 1 86  MET 86  1065 1065 MET MET A . n 
A 1 87  VAL 87  1066 1066 VAL VAL A . n 
A 1 88  GLU 88  1067 1067 GLU GLU A . n 
A 1 89  LEU 89  1068 1068 LEU LEU A . n 
A 1 90  VAL 90  1069 1069 VAL VAL A . n 
A 1 91  GLU 91  1070 ?    ?   ?   A . n 
A 1 92  LYS 92  1071 ?    ?   ?   A . n 
A 1 93  GLU 93  1072 ?    ?   ?   A . n 
A 1 94  LYS 94  1073 ?    ?   ?   A . n 
A 1 95  THR 95  1074 ?    ?   ?   A . n 
A 1 96  GLN 96  1075 ?    ?   ?   A . n 
A 1 97  LEU 97  1076 ?    ?   ?   A . n 
A 1 98  ALA 98  1077 ?    ?   ?   A . n 
A 1 99  GLY 99  1078 ?    ?   ?   A . n 
A 1 100 GLY 100 1079 ?    ?   ?   A . n 
A 1 101 LYS 101 1080 ?    ?   ?   A . n 
A 1 102 LYS 102 1081 ?    ?   ?   A . n 
A 1 103 GLY 103 1082 ?    ?   ?   A . n 
A 1 104 ALA 104 1083 ?    ?   ?   A . n 
A 1 105 TYR 105 1084 ?    ?   ?   A . n 
A 1 106 LYS 106 1085 ?    ?   ?   A . n 
A 1 107 LYS 107 1086 ?    ?   ?   A . n 
A 1 108 HIS 108 1087 ?    ?   ?   A . n 
A 1 109 PRO 109 1088 ?    ?   ?   A . n 
A 1 110 THR 110 1089 ?    ?   ?   A . n 
A 1 111 TYR 111 1090 ?    ?   ?   A . n 
A 1 112 ASN 112 1091 ?    ?   ?   A . n 
A 1 113 LEU 113 1092 ?    ?   ?   A . n 
A 1 114 SER 114 1093 ?    ?   ?   A . n 
A 1 115 PRO 115 1094 ?    ?   ?   A . n 
A 1 116 PHE 116 1095 ?    ?   ?   A . n 
A 1 117 ASP 117 1096 ?    ?   ?   A . n 
A 1 118 TYR 118 1097 ?    ?   ?   A . n 
A 1 119 VAL 119 1098 ?    ?   ?   A . n 
A 1 120 GLU 120 1099 ?    ?   ?   A . n 
A 1 121 TYR 121 1100 ?    ?   ?   A . n 
A 1 122 PRO 122 1101 ?    ?   ?   A . n 
A 1 123 PRO 123 1102 ?    ?   ?   A . n 
A 1 124 SER 124 1103 ?    ?   ?   A . n 
A 1 125 ALA 125 1104 ?    ?   ?   A . n 
A 1 126 PRO 126 1105 ?    ?   ?   A . n 
A 1 127 ILE 127 1106 ?    ?   ?   A . n 
A 1 128 MET 128 1107 ?    ?   ?   A . n 
A 1 129 GLN 129 1108 ?    ?   ?   A . n 
A 1 130 ASP 130 1109 ?    ?   ?   A . n 
A 1 131 ILE 131 1110 ?    ?   ?   A . n 
A 1 132 ASN 132 1111 ?    ?   ?   A . n 
A 1 133 PRO 133 1112 ?    ?   ?   A . n 
A 1 134 CYS 134 1113 ?    ?   ?   A . n 
A 1 135 SER 135 1114 ?    ?   ?   A . n 
A 1 136 THR 136 1115 ?    ?   ?   A . n 
A 1 137 MET 137 1116 ?    ?   ?   A . n 
# 
loop_
_pdbx_nonpoly_scheme.asym_id 
_pdbx_nonpoly_scheme.entity_id 
_pdbx_nonpoly_scheme.mon_id 
_pdbx_nonpoly_scheme.ndb_seq_num 
_pdbx_nonpoly_scheme.pdb_seq_num 
_pdbx_nonpoly_scheme.auth_seq_num 
_pdbx_nonpoly_scheme.pdb_mon_id 
_pdbx_nonpoly_scheme.auth_mon_id 
_pdbx_nonpoly_scheme.pdb_strand_id 
_pdbx_nonpoly_scheme.pdb_ins_code 
B 2 HOH 1  1201 12 HOH HOH A . 
B 2 HOH 2  1202 9  HOH HOH A . 
B 2 HOH 3  1203 33 HOH HOH A . 
B 2 HOH 4  1204 13 HOH HOH A . 
B 2 HOH 5  1205 18 HOH HOH A . 
B 2 HOH 6  1206 7  HOH HOH A . 
B 2 HOH 7  1207 24 HOH HOH A . 
B 2 HOH 8  1208 3  HOH HOH A . 
B 2 HOH 9  1209 15 HOH HOH A . 
B 2 HOH 10 1210 17 HOH HOH A . 
B 2 HOH 11 1211 16 HOH HOH A . 
B 2 HOH 12 1212 1  HOH HOH A . 
B 2 HOH 13 1213 10 HOH HOH A . 
B 2 HOH 14 1214 5  HOH HOH A . 
B 2 HOH 15 1215 37 HOH HOH A . 
B 2 HOH 16 1216 23 HOH HOH A . 
B 2 HOH 17 1217 11 HOH HOH A . 
B 2 HOH 18 1218 19 HOH HOH A . 
B 2 HOH 19 1219 4  HOH HOH A . 
B 2 HOH 20 1220 38 HOH HOH A . 
B 2 HOH 21 1221 6  HOH HOH A . 
B 2 HOH 22 1222 32 HOH HOH A . 
B 2 HOH 23 1223 25 HOH HOH A . 
B 2 HOH 24 1224 20 HOH HOH A . 
B 2 HOH 25 1225 28 HOH HOH A . 
B 2 HOH 26 1226 30 HOH HOH A . 
B 2 HOH 27 1227 8  HOH HOH A . 
B 2 HOH 28 1228 2  HOH HOH A . 
B 2 HOH 29 1229 14 HOH HOH A . 
B 2 HOH 30 1230 27 HOH HOH A . 
B 2 HOH 31 1231 26 HOH HOH A . 
B 2 HOH 32 1232 29 HOH HOH A . 
B 2 HOH 33 1233 39 HOH HOH A . 
B 2 HOH 34 1234 31 HOH HOH A . 
B 2 HOH 35 1235 41 HOH HOH A . 
B 2 HOH 36 1236 21 HOH HOH A . 
B 2 HOH 37 1237 22 HOH HOH A . 
B 2 HOH 38 1238 40 HOH HOH A . 
B 2 HOH 39 1239 36 HOH HOH A . 
B 2 HOH 40 1240 34 HOH HOH A . 
B 2 HOH 41 1241 35 HOH HOH A . 
# 
_pdbx_struct_assembly.id                   1 
_pdbx_struct_assembly.details              author_defined_assembly 
_pdbx_struct_assembly.method_details       ? 
_pdbx_struct_assembly.oligomeric_details   dimeric 
_pdbx_struct_assembly.oligomeric_count     2 
# 
loop_
_pdbx_struct_assembly_gen.assembly_id 
_pdbx_struct_assembly_gen.oper_expression 
_pdbx_struct_assembly_gen.asym_id_list 
1 1 A,B 
1 2 A,B 
# 
loop_
_pdbx_struct_oper_list.id 
_pdbx_struct_oper_list.type 
_pdbx_struct_oper_list.name 
_pdbx_struct_oper_list.symmetry_operation 
_pdbx_struct_oper_list.matrix[1][1] 
_pdbx_struct_oper_list.matrix[1][2] 
_pdbx_struct_oper_list.matrix[1][3] 
_pdbx_struct_oper_list.vector[1] 
_pdbx_struct_oper_list.matrix[2][1] 
_pdbx_struct_oper_list.matrix[2][2] 
_pdbx_struct_oper_list.matrix[2][3] 
_pdbx_struct_oper_list.vector[2] 
_pdbx_struct_oper_list.matrix[3][1] 
_pdbx_struct_oper_list.matrix[3][2] 
_pdbx_struct_oper_list.matrix[3][3] 
_pdbx_struct_oper_list.vector[3] 
1 'identity operation'         1_555 x,y,z   1.0000000000 0.0000000000  0.0000000000 0.0000000000  0.0000000000  1.0000000000  0.0000000000  0.0000000000  0.0000000000 0.0000000000  1.0000000000  0.0000000000  
2 'crystal symmetry operation' 5_555 -x,y,-z 0.8052458127 -0.3551919463 0.4747819104 -5.2572623254 -0.3551919463 -0.9301140500 -0.0934159269 -4.3932620634 0.4747819104 -0.0934159269 -0.8751317627 16.7028257033 
# 
_pdbx_struct_special_symmetry.id              1 
_pdbx_struct_special_symmetry.PDB_model_num   1 
_pdbx_struct_special_symmetry.auth_asym_id    A 
_pdbx_struct_special_symmetry.auth_comp_id    HOH 
_pdbx_struct_special_symmetry.auth_seq_id     1231 
_pdbx_struct_special_symmetry.PDB_ins_code    ? 
_pdbx_struct_special_symmetry.label_asym_id   B 
_pdbx_struct_special_symmetry.label_comp_id   HOH 
_pdbx_struct_special_symmetry.label_seq_id    . 
# 
loop_
_pdbx_audit_revision_history.ordinal 
_pdbx_audit_revision_history.data_content_type 
_pdbx_audit_revision_history.major_revision 
_pdbx_audit_revision_history.minor_revision 
_pdbx_audit_revision_history.revision_date 
1 'Structure model' 1 0 2018-10-24 
2 'Structure model' 1 1 2018-11-28 
3 'Structure model' 1 2 2023-11-22 
# 
_pdbx_audit_revision_details.ordinal             1 
_pdbx_audit_revision_details.revision_ordinal    1 
_pdbx_audit_revision_details.data_content_type   'Structure model' 
_pdbx_audit_revision_details.provider            repository 
_pdbx_audit_revision_details.type                'Initial release' 
_pdbx_audit_revision_details.description         ? 
_pdbx_audit_revision_details.details             ? 
# 
loop_
_pdbx_audit_revision_group.ordinal 
_pdbx_audit_revision_group.revision_ordinal 
_pdbx_audit_revision_group.data_content_type 
_pdbx_audit_revision_group.group 
1 2 'Structure model' 'Data collection'        
2 2 'Structure model' 'Database references'    
3 3 'Structure model' 'Data collection'        
4 3 'Structure model' 'Database references'    
5 3 'Structure model' 'Refinement description' 
# 
loop_
_pdbx_audit_revision_category.ordinal 
_pdbx_audit_revision_category.revision_ordinal 
_pdbx_audit_revision_category.data_content_type 
_pdbx_audit_revision_category.category 
1 2 'Structure model' citation                      
2 2 'Structure model' citation_author               
3 3 'Structure model' chem_comp_atom                
4 3 'Structure model' chem_comp_bond                
5 3 'Structure model' database_2                    
6 3 'Structure model' pdbx_initial_refinement_model 
# 
loop_
_pdbx_audit_revision_item.ordinal 
_pdbx_audit_revision_item.revision_ordinal 
_pdbx_audit_revision_item.data_content_type 
_pdbx_audit_revision_item.item 
1 2 'Structure model' '_citation.journal_abbrev'            
2 2 'Structure model' '_citation.journal_volume'            
3 2 'Structure model' '_citation.page_first'                
4 2 'Structure model' '_citation.page_last'                 
5 2 'Structure model' '_citation.pdbx_database_id_PubMed'   
6 2 'Structure model' '_citation_author.identifier_ORCID'   
7 2 'Structure model' '_citation_author.name'               
8 3 'Structure model' '_database_2.pdbx_DOI'                
9 3 'Structure model' '_database_2.pdbx_database_accession' 
# 
loop_
_pdbx_refine_tls.pdbx_refine_id 
_pdbx_refine_tls.id 
_pdbx_refine_tls.details 
_pdbx_refine_tls.method 
_pdbx_refine_tls.origin_x 
_pdbx_refine_tls.origin_y 
_pdbx_refine_tls.origin_z 
_pdbx_refine_tls.T[1][1] 
_pdbx_refine_tls.T[2][2] 
_pdbx_refine_tls.T[3][3] 
_pdbx_refine_tls.T[1][2] 
_pdbx_refine_tls.T[1][3] 
_pdbx_refine_tls.T[2][3] 
_pdbx_refine_tls.L[1][1] 
_pdbx_refine_tls.L[2][2] 
_pdbx_refine_tls.L[3][3] 
_pdbx_refine_tls.L[1][2] 
_pdbx_refine_tls.L[1][3] 
_pdbx_refine_tls.L[2][3] 
_pdbx_refine_tls.S[1][1] 
_pdbx_refine_tls.S[1][2] 
_pdbx_refine_tls.S[1][3] 
_pdbx_refine_tls.S[2][1] 
_pdbx_refine_tls.S[2][2] 
_pdbx_refine_tls.S[2][3] 
_pdbx_refine_tls.S[3][1] 
_pdbx_refine_tls.S[3][2] 
_pdbx_refine_tls.S[3][3] 
'X-RAY DIFFRACTION' 1 ? refined -1.6056 -1.7753 -2.4005 0.2725 0.1822 0.1733 0.0011  0.0294 0.0292  5.9123 9.7186  8.1267  -2.4774 -0.4148 -1.6020 -0.4211 0.0459  -0.2864 0.7910  0.1323  0.2552  0.3532  -0.0706 0.3070 
'X-RAY DIFFRACTION' 2 ? refined 2.7170  -7.0538 4.1577  0.4076 0.3602 0.2498 0.0557  0.0941 0.0827  5.2014 7.6485  -1.4841 0.2673  3.5312  5.5920  -0.0928 0.0162  -0.3831 -0.1013 0.0610  -0.3368 0.4840  0.4809  0.1186 
'X-RAY DIFFRACTION' 3 ? refined -3.0280 2.0896  6.1394  0.3062 0.2775 0.2098 -0.0080 0.0166 -0.0167 7.0463 5.6794  5.5742  -0.8551 1.7073  3.4562  -0.2595 0.2710  0.2237  0.4397  0.2225  0.2363  -0.3040 0.1944  0.0973 
'X-RAY DIFFRACTION' 4 ? refined -4.1038 0.1976  -1.0393 0.3204 0.2957 0.1506 -0.0220 0.0011 0.0313  9.9310 6.0021  8.2502  -1.5876 -0.2736 2.9105  -0.2350 0.4622  -0.1860 -0.3111 0.0956  0.3254  -0.4333 -0.4682 0.0899 
'X-RAY DIFFRACTION' 5 ? refined 7.8088  1.8907  -1.9382 0.4473 0.6608 0.5264 -0.0810 0.0280 0.0208  1.0972 6.0544  1.5278  -6.5141 -1.1848 -0.6125 -0.0782 -0.5359 0.4490  0.1897  -0.1873 -1.4834 -0.4077 1.8872  0.2479 
'X-RAY DIFFRACTION' 6 ? refined -2.6482 4.5657  -6.0880 0.3663 0.3065 0.2533 0.0665  0.0014 0.0139  2.1004 17.9159 3.1329  -6.1119 -2.1499 3.1767  -0.0668 -0.1177 -0.4567 -0.1784 -0.1023 0.8130  -0.5865 -0.1991 0.2124 
# 
loop_
_pdbx_refine_tls_group.pdbx_refine_id 
_pdbx_refine_tls_group.id 
_pdbx_refine_tls_group.refine_tls_id 
_pdbx_refine_tls_group.beg_auth_asym_id 
_pdbx_refine_tls_group.beg_auth_seq_id 
_pdbx_refine_tls_group.beg_label_asym_id 
_pdbx_refine_tls_group.beg_label_seq_id 
_pdbx_refine_tls_group.end_auth_asym_id 
_pdbx_refine_tls_group.end_auth_seq_id 
_pdbx_refine_tls_group.end_label_asym_id 
_pdbx_refine_tls_group.end_label_seq_id 
_pdbx_refine_tls_group.selection 
_pdbx_refine_tls_group.selection_details 
'X-RAY DIFFRACTION' 1 1 ? ? ? ? ? ? ? ? ? 
;chain 'A' and (resid 997 through 1008 )
;
'X-RAY DIFFRACTION' 2 2 ? ? ? ? ? ? ? ? ? 
;chain 'A' and (resid 1009 through 1020 )
;
'X-RAY DIFFRACTION' 3 3 ? ? ? ? ? ? ? ? ? 
;chain 'A' and (resid 1021 through 1031 )
;
'X-RAY DIFFRACTION' 4 4 ? ? ? ? ? ? ? ? ? 
;chain 'A' and (resid 1032 through 1046 )
;
'X-RAY DIFFRACTION' 5 5 ? ? ? ? ? ? ? ? ? 
;chain 'A' and (resid 1047 through 1058 )
;
'X-RAY DIFFRACTION' 6 6 ? ? ? ? ? ? ? ? ? 
;chain 'A' and (resid 1059 through 1069 )
;
# 
loop_
_software.citation_id 
_software.classification 
_software.compiler_name 
_software.compiler_version 
_software.contact_author 
_software.contact_author_email 
_software.date 
_software.description 
_software.dependencies 
_software.hardware 
_software.language 
_software.location 
_software.mods 
_software.name 
_software.os 
_software.os_version 
_software.type 
_software.version 
_software.pdbx_ordinal 
? refinement       ? ? ? ? ? ? ? ? ? ? ? PHENIX   ? ? ? '(1.12_2829: ???)' 1 
? 'data reduction' ? ? ? ? ? ? ? ? ? ? ? HKL-2000 ? ? ? .                  2 
? 'data scaling'   ? ? ? ? ? ? ? ? ? ? ? HKL-2000 ? ? ? .                  3 
? phasing          ? ? ? ? ? ? ? ? ? ? ? PHASER   ? ? ? .                  4 
# 
_pdbx_validate_close_contact.id               1 
_pdbx_validate_close_contact.PDB_model_num    1 
_pdbx_validate_close_contact.auth_atom_id_1   O 
_pdbx_validate_close_contact.auth_asym_id_1   A 
_pdbx_validate_close_contact.auth_comp_id_1   HOH 
_pdbx_validate_close_contact.auth_seq_id_1    1235 
_pdbx_validate_close_contact.PDB_ins_code_1   ? 
_pdbx_validate_close_contact.label_alt_id_1   ? 
_pdbx_validate_close_contact.auth_atom_id_2   O 
_pdbx_validate_close_contact.auth_asym_id_2   A 
_pdbx_validate_close_contact.auth_comp_id_2   HOH 
_pdbx_validate_close_contact.auth_seq_id_2    1238 
_pdbx_validate_close_contact.PDB_ins_code_2   ? 
_pdbx_validate_close_contact.label_alt_id_2   ? 
_pdbx_validate_close_contact.dist             1.99 
# 
_pdbx_validate_torsion.id              1 
_pdbx_validate_torsion.PDB_model_num   1 
_pdbx_validate_torsion.auth_comp_id    MET 
_pdbx_validate_torsion.auth_asym_id    A 
_pdbx_validate_torsion.auth_seq_id     1006 
_pdbx_validate_torsion.PDB_ins_code    ? 
_pdbx_validate_torsion.label_alt_id    ? 
_pdbx_validate_torsion.phi             -150.81 
_pdbx_validate_torsion.psi             67.47 
# 
loop_
_pdbx_distant_solvent_atoms.id 
_pdbx_distant_solvent_atoms.PDB_model_num 
_pdbx_distant_solvent_atoms.auth_atom_id 
_pdbx_distant_solvent_atoms.label_alt_id 
_pdbx_distant_solvent_atoms.auth_asym_id 
_pdbx_distant_solvent_atoms.auth_comp_id 
_pdbx_distant_solvent_atoms.auth_seq_id 
_pdbx_distant_solvent_atoms.PDB_ins_code 
_pdbx_distant_solvent_atoms.neighbor_macromolecule_distance 
_pdbx_distant_solvent_atoms.neighbor_ligand_distance 
1 1 O ? A HOH 1235 ? 6.33 . 
2 1 O ? A HOH 1236 ? 6.55 . 
3 1 O ? A HOH 1237 ? 6.64 . 
4 1 O ? A HOH 1238 ? 6.85 . 
5 1 O ? A HOH 1239 ? 8.03 . 
6 1 O ? A HOH 1240 ? 8.32 . 
7 1 O ? A HOH 1241 ? 8.77 . 
# 
loop_
_pdbx_unobs_or_zero_occ_residues.id 
_pdbx_unobs_or_zero_occ_residues.PDB_model_num 
_pdbx_unobs_or_zero_occ_residues.polymer_flag 
_pdbx_unobs_or_zero_occ_residues.occupancy_flag 
_pdbx_unobs_or_zero_occ_residues.auth_asym_id 
_pdbx_unobs_or_zero_occ_residues.auth_comp_id 
_pdbx_unobs_or_zero_occ_residues.auth_seq_id 
_pdbx_unobs_or_zero_occ_residues.PDB_ins_code 
_pdbx_unobs_or_zero_occ_residues.label_asym_id 
_pdbx_unobs_or_zero_occ_residues.label_comp_id 
_pdbx_unobs_or_zero_occ_residues.label_seq_id 
1  1 Y 1 A MET 980  ? A MET 1   
2  1 Y 1 A ASP 981  ? A ASP 2   
3  1 Y 1 A LEU 982  ? A LEU 3   
4  1 Y 1 A SER 983  ? A SER 4   
5  1 Y 1 A ASN 984  ? A ASN 5   
6  1 Y 1 A MET 985  ? A MET 6   
7  1 Y 1 A GLU 986  ? A GLU 7   
8  1 Y 1 A SER 987  ? A SER 8   
9  1 Y 1 A VAL 988  ? A VAL 9   
10 1 Y 1 A VAL 989  ? A VAL 10  
11 1 Y 1 A GLU 990  ? A GLU 11  
12 1 Y 1 A SER 991  ? A SER 12  
13 1 Y 1 A ALA 992  ? A ALA 13  
14 1 Y 1 A LEU 993  ? A LEU 14  
15 1 Y 1 A THR 994  ? A THR 15  
16 1 Y 1 A GLY 995  ? A GLY 16  
17 1 Y 1 A GLN 996  ? A GLN 17  
18 1 Y 1 A GLU 1070 ? A GLU 91  
19 1 Y 1 A LYS 1071 ? A LYS 92  
20 1 Y 1 A GLU 1072 ? A GLU 93  
21 1 Y 1 A LYS 1073 ? A LYS 94  
22 1 Y 1 A THR 1074 ? A THR 95  
23 1 Y 1 A GLN 1075 ? A GLN 96  
24 1 Y 1 A LEU 1076 ? A LEU 97  
25 1 Y 1 A ALA 1077 ? A ALA 98  
26 1 Y 1 A GLY 1078 ? A GLY 99  
27 1 Y 1 A GLY 1079 ? A GLY 100 
28 1 Y 1 A LYS 1080 ? A LYS 101 
29 1 Y 1 A LYS 1081 ? A LYS 102 
30 1 Y 1 A GLY 1082 ? A GLY 103 
31 1 Y 1 A ALA 1083 ? A ALA 104 
32 1 Y 1 A TYR 1084 ? A TYR 105 
33 1 Y 1 A LYS 1085 ? A LYS 106 
34 1 Y 1 A LYS 1086 ? A LYS 107 
35 1 Y 1 A HIS 1087 ? A HIS 108 
36 1 Y 1 A PRO 1088 ? A PRO 109 
37 1 Y 1 A THR 1089 ? A THR 110 
38 1 Y 1 A TYR 1090 ? A TYR 111 
39 1 Y 1 A ASN 1091 ? A ASN 112 
40 1 Y 1 A LEU 1092 ? A LEU 113 
41 1 Y 1 A SER 1093 ? A SER 114 
42 1 Y 1 A PRO 1094 ? A PRO 115 
43 1 Y 1 A PHE 1095 ? A PHE 116 
44 1 Y 1 A ASP 1096 ? A ASP 117 
45 1 Y 1 A TYR 1097 ? A TYR 118 
46 1 Y 1 A VAL 1098 ? A VAL 119 
47 1 Y 1 A GLU 1099 ? A GLU 120 
48 1 Y 1 A TYR 1100 ? A TYR 121 
49 1 Y 1 A PRO 1101 ? A PRO 122 
50 1 Y 1 A PRO 1102 ? A PRO 123 
51 1 Y 1 A SER 1103 ? A SER 124 
52 1 Y 1 A ALA 1104 ? A ALA 125 
53 1 Y 1 A PRO 1105 ? A PRO 126 
54 1 Y 1 A ILE 1106 ? A ILE 127 
55 1 Y 1 A MET 1107 ? A MET 128 
56 1 Y 1 A GLN 1108 ? A GLN 129 
57 1 Y 1 A ASP 1109 ? A ASP 130 
58 1 Y 1 A ILE 1110 ? A ILE 131 
59 1 Y 1 A ASN 1111 ? A ASN 132 
60 1 Y 1 A PRO 1112 ? A PRO 133 
61 1 Y 1 A CYS 1113 ? A CYS 134 
62 1 Y 1 A SER 1114 ? A SER 135 
63 1 Y 1 A THR 1115 ? A THR 136 
64 1 Y 1 A MET 1116 ? A MET 137 
# 
loop_
_chem_comp_atom.comp_id 
_chem_comp_atom.atom_id 
_chem_comp_atom.type_symbol 
_chem_comp_atom.pdbx_aromatic_flag 
_chem_comp_atom.pdbx_stereo_config 
_chem_comp_atom.pdbx_ordinal 
ALA N    N N N 1   
ALA CA   C N S 2   
ALA C    C N N 3   
ALA O    O N N 4   
ALA CB   C N N 5   
ALA OXT  O N N 6   
ALA H    H N N 7   
ALA H2   H N N 8   
ALA HA   H N N 9   
ALA HB1  H N N 10  
ALA HB2  H N N 11  
ALA HB3  H N N 12  
ALA HXT  H N N 13  
ARG N    N N N 14  
ARG CA   C N S 15  
ARG C    C N N 16  
ARG O    O N N 17  
ARG CB   C N N 18  
ARG CG   C N N 19  
ARG CD   C N N 20  
ARG NE   N N N 21  
ARG CZ   C N N 22  
ARG NH1  N N N 23  
ARG NH2  N N N 24  
ARG OXT  O N N 25  
ARG H    H N N 26  
ARG H2   H N N 27  
ARG HA   H N N 28  
ARG HB2  H N N 29  
ARG HB3  H N N 30  
ARG HG2  H N N 31  
ARG HG3  H N N 32  
ARG HD2  H N N 33  
ARG HD3  H N N 34  
ARG HE   H N N 35  
ARG HH11 H N N 36  
ARG HH12 H N N 37  
ARG HH21 H N N 38  
ARG HH22 H N N 39  
ARG HXT  H N N 40  
ASN N    N N N 41  
ASN CA   C N S 42  
ASN C    C N N 43  
ASN O    O N N 44  
ASN CB   C N N 45  
ASN CG   C N N 46  
ASN OD1  O N N 47  
ASN ND2  N N N 48  
ASN OXT  O N N 49  
ASN H    H N N 50  
ASN H2   H N N 51  
ASN HA   H N N 52  
ASN HB2  H N N 53  
ASN HB3  H N N 54  
ASN HD21 H N N 55  
ASN HD22 H N N 56  
ASN HXT  H N N 57  
ASP N    N N N 58  
ASP CA   C N S 59  
ASP C    C N N 60  
ASP O    O N N 61  
ASP CB   C N N 62  
ASP CG   C N N 63  
ASP OD1  O N N 64  
ASP OD2  O N N 65  
ASP OXT  O N N 66  
ASP H    H N N 67  
ASP H2   H N N 68  
ASP HA   H N N 69  
ASP HB2  H N N 70  
ASP HB3  H N N 71  
ASP HD2  H N N 72  
ASP HXT  H N N 73  
CYS N    N N N 74  
CYS CA   C N R 75  
CYS C    C N N 76  
CYS O    O N N 77  
CYS CB   C N N 78  
CYS SG   S N N 79  
CYS OXT  O N N 80  
CYS H    H N N 81  
CYS H2   H N N 82  
CYS HA   H N N 83  
CYS HB2  H N N 84  
CYS HB3  H N N 85  
CYS HG   H N N 86  
CYS HXT  H N N 87  
GLN N    N N N 88  
GLN CA   C N S 89  
GLN C    C N N 90  
GLN O    O N N 91  
GLN CB   C N N 92  
GLN CG   C N N 93  
GLN CD   C N N 94  
GLN OE1  O N N 95  
GLN NE2  N N N 96  
GLN OXT  O N N 97  
GLN H    H N N 98  
GLN H2   H N N 99  
GLN HA   H N N 100 
GLN HB2  H N N 101 
GLN HB3  H N N 102 
GLN HG2  H N N 103 
GLN HG3  H N N 104 
GLN HE21 H N N 105 
GLN HE22 H N N 106 
GLN HXT  H N N 107 
GLU N    N N N 108 
GLU CA   C N S 109 
GLU C    C N N 110 
GLU O    O N N 111 
GLU CB   C N N 112 
GLU CG   C N N 113 
GLU CD   C N N 114 
GLU OE1  O N N 115 
GLU OE2  O N N 116 
GLU OXT  O N N 117 
GLU H    H N N 118 
GLU H2   H N N 119 
GLU HA   H N N 120 
GLU HB2  H N N 121 
GLU HB3  H N N 122 
GLU HG2  H N N 123 
GLU HG3  H N N 124 
GLU HE2  H N N 125 
GLU HXT  H N N 126 
GLY N    N N N 127 
GLY CA   C N N 128 
GLY C    C N N 129 
GLY O    O N N 130 
GLY OXT  O N N 131 
GLY H    H N N 132 
GLY H2   H N N 133 
GLY HA2  H N N 134 
GLY HA3  H N N 135 
GLY HXT  H N N 136 
HIS N    N N N 137 
HIS CA   C N S 138 
HIS C    C N N 139 
HIS O    O N N 140 
HIS CB   C N N 141 
HIS CG   C Y N 142 
HIS ND1  N Y N 143 
HIS CD2  C Y N 144 
HIS CE1  C Y N 145 
HIS NE2  N Y N 146 
HIS OXT  O N N 147 
HIS H    H N N 148 
HIS H2   H N N 149 
HIS HA   H N N 150 
HIS HB2  H N N 151 
HIS HB3  H N N 152 
HIS HD1  H N N 153 
HIS HD2  H N N 154 
HIS HE1  H N N 155 
HIS HE2  H N N 156 
HIS HXT  H N N 157 
HOH O    O N N 158 
HOH H1   H N N 159 
HOH H2   H N N 160 
ILE N    N N N 161 
ILE CA   C N S 162 
ILE C    C N N 163 
ILE O    O N N 164 
ILE CB   C N S 165 
ILE CG1  C N N 166 
ILE CG2  C N N 167 
ILE CD1  C N N 168 
ILE OXT  O N N 169 
ILE H    H N N 170 
ILE H2   H N N 171 
ILE HA   H N N 172 
ILE HB   H N N 173 
ILE HG12 H N N 174 
ILE HG13 H N N 175 
ILE HG21 H N N 176 
ILE HG22 H N N 177 
ILE HG23 H N N 178 
ILE HD11 H N N 179 
ILE HD12 H N N 180 
ILE HD13 H N N 181 
ILE HXT  H N N 182 
LEU N    N N N 183 
LEU CA   C N S 184 
LEU C    C N N 185 
LEU O    O N N 186 
LEU CB   C N N 187 
LEU CG   C N N 188 
LEU CD1  C N N 189 
LEU CD2  C N N 190 
LEU OXT  O N N 191 
LEU H    H N N 192 
LEU H2   H N N 193 
LEU HA   H N N 194 
LEU HB2  H N N 195 
LEU HB3  H N N 196 
LEU HG   H N N 197 
LEU HD11 H N N 198 
LEU HD12 H N N 199 
LEU HD13 H N N 200 
LEU HD21 H N N 201 
LEU HD22 H N N 202 
LEU HD23 H N N 203 
LEU HXT  H N N 204 
LYS N    N N N 205 
LYS CA   C N S 206 
LYS C    C N N 207 
LYS O    O N N 208 
LYS CB   C N N 209 
LYS CG   C N N 210 
LYS CD   C N N 211 
LYS CE   C N N 212 
LYS NZ   N N N 213 
LYS OXT  O N N 214 
LYS H    H N N 215 
LYS H2   H N N 216 
LYS HA   H N N 217 
LYS HB2  H N N 218 
LYS HB3  H N N 219 
LYS HG2  H N N 220 
LYS HG3  H N N 221 
LYS HD2  H N N 222 
LYS HD3  H N N 223 
LYS HE2  H N N 224 
LYS HE3  H N N 225 
LYS HZ1  H N N 226 
LYS HZ2  H N N 227 
LYS HZ3  H N N 228 
LYS HXT  H N N 229 
MET N    N N N 230 
MET CA   C N S 231 
MET C    C N N 232 
MET O    O N N 233 
MET CB   C N N 234 
MET CG   C N N 235 
MET SD   S N N 236 
MET CE   C N N 237 
MET OXT  O N N 238 
MET H    H N N 239 
MET H2   H N N 240 
MET HA   H N N 241 
MET HB2  H N N 242 
MET HB3  H N N 243 
MET HG2  H N N 244 
MET HG3  H N N 245 
MET HE1  H N N 246 
MET HE2  H N N 247 
MET HE3  H N N 248 
MET HXT  H N N 249 
PHE N    N N N 250 
PHE CA   C N S 251 
PHE C    C N N 252 
PHE O    O N N 253 
PHE CB   C N N 254 
PHE CG   C Y N 255 
PHE CD1  C Y N 256 
PHE CD2  C Y N 257 
PHE CE1  C Y N 258 
PHE CE2  C Y N 259 
PHE CZ   C Y N 260 
PHE OXT  O N N 261 
PHE H    H N N 262 
PHE H2   H N N 263 
PHE HA   H N N 264 
PHE HB2  H N N 265 
PHE HB3  H N N 266 
PHE HD1  H N N 267 
PHE HD2  H N N 268 
PHE HE1  H N N 269 
PHE HE2  H N N 270 
PHE HZ   H N N 271 
PHE HXT  H N N 272 
PRO N    N N N 273 
PRO CA   C N S 274 
PRO C    C N N 275 
PRO O    O N N 276 
PRO CB   C N N 277 
PRO CG   C N N 278 
PRO CD   C N N 279 
PRO OXT  O N N 280 
PRO H    H N N 281 
PRO HA   H N N 282 
PRO HB2  H N N 283 
PRO HB3  H N N 284 
PRO HG2  H N N 285 
PRO HG3  H N N 286 
PRO HD2  H N N 287 
PRO HD3  H N N 288 
PRO HXT  H N N 289 
SER N    N N N 290 
SER CA   C N S 291 
SER C    C N N 292 
SER O    O N N 293 
SER CB   C N N 294 
SER OG   O N N 295 
SER OXT  O N N 296 
SER H    H N N 297 
SER H2   H N N 298 
SER HA   H N N 299 
SER HB2  H N N 300 
SER HB3  H N N 301 
SER HG   H N N 302 
SER HXT  H N N 303 
THR N    N N N 304 
THR CA   C N S 305 
THR C    C N N 306 
THR O    O N N 307 
THR CB   C N R 308 
THR OG1  O N N 309 
THR CG2  C N N 310 
THR OXT  O N N 311 
THR H    H N N 312 
THR H2   H N N 313 
THR HA   H N N 314 
THR HB   H N N 315 
THR HG1  H N N 316 
THR HG21 H N N 317 
THR HG22 H N N 318 
THR HG23 H N N 319 
THR HXT  H N N 320 
TYR N    N N N 321 
TYR CA   C N S 322 
TYR C    C N N 323 
TYR O    O N N 324 
TYR CB   C N N 325 
TYR CG   C Y N 326 
TYR CD1  C Y N 327 
TYR CD2  C Y N 328 
TYR CE1  C Y N 329 
TYR CE2  C Y N 330 
TYR CZ   C Y N 331 
TYR OH   O N N 332 
TYR OXT  O N N 333 
TYR H    H N N 334 
TYR H2   H N N 335 
TYR HA   H N N 336 
TYR HB2  H N N 337 
TYR HB3  H N N 338 
TYR HD1  H N N 339 
TYR HD2  H N N 340 
TYR HE1  H N N 341 
TYR HE2  H N N 342 
TYR HH   H N N 343 
TYR HXT  H N N 344 
VAL N    N N N 345 
VAL CA   C N S 346 
VAL C    C N N 347 
VAL O    O N N 348 
VAL CB   C N N 349 
VAL CG1  C N N 350 
VAL CG2  C N N 351 
VAL OXT  O N N 352 
VAL H    H N N 353 
VAL H2   H N N 354 
VAL HA   H N N 355 
VAL HB   H N N 356 
VAL HG11 H N N 357 
VAL HG12 H N N 358 
VAL HG13 H N N 359 
VAL HG21 H N N 360 
VAL HG22 H N N 361 
VAL HG23 H N N 362 
VAL HXT  H N N 363 
# 
loop_
_chem_comp_bond.comp_id 
_chem_comp_bond.atom_id_1 
_chem_comp_bond.atom_id_2 
_chem_comp_bond.value_order 
_chem_comp_bond.pdbx_aromatic_flag 
_chem_comp_bond.pdbx_stereo_config 
_chem_comp_bond.pdbx_ordinal 
ALA N   CA   sing N N 1   
ALA N   H    sing N N 2   
ALA N   H2   sing N N 3   
ALA CA  C    sing N N 4   
ALA CA  CB   sing N N 5   
ALA CA  HA   sing N N 6   
ALA C   O    doub N N 7   
ALA C   OXT  sing N N 8   
ALA CB  HB1  sing N N 9   
ALA CB  HB2  sing N N 10  
ALA CB  HB3  sing N N 11  
ALA OXT HXT  sing N N 12  
ARG N   CA   sing N N 13  
ARG N   H    sing N N 14  
ARG N   H2   sing N N 15  
ARG CA  C    sing N N 16  
ARG CA  CB   sing N N 17  
ARG CA  HA   sing N N 18  
ARG C   O    doub N N 19  
ARG C   OXT  sing N N 20  
ARG CB  CG   sing N N 21  
ARG CB  HB2  sing N N 22  
ARG CB  HB3  sing N N 23  
ARG CG  CD   sing N N 24  
ARG CG  HG2  sing N N 25  
ARG CG  HG3  sing N N 26  
ARG CD  NE   sing N N 27  
ARG CD  HD2  sing N N 28  
ARG CD  HD3  sing N N 29  
ARG NE  CZ   sing N N 30  
ARG NE  HE   sing N N 31  
ARG CZ  NH1  sing N N 32  
ARG CZ  NH2  doub N N 33  
ARG NH1 HH11 sing N N 34  
ARG NH1 HH12 sing N N 35  
ARG NH2 HH21 sing N N 36  
ARG NH2 HH22 sing N N 37  
ARG OXT HXT  sing N N 38  
ASN N   CA   sing N N 39  
ASN N   H    sing N N 40  
ASN N   H2   sing N N 41  
ASN CA  C    sing N N 42  
ASN CA  CB   sing N N 43  
ASN CA  HA   sing N N 44  
ASN C   O    doub N N 45  
ASN C   OXT  sing N N 46  
ASN CB  CG   sing N N 47  
ASN CB  HB2  sing N N 48  
ASN CB  HB3  sing N N 49  
ASN CG  OD1  doub N N 50  
ASN CG  ND2  sing N N 51  
ASN ND2 HD21 sing N N 52  
ASN ND2 HD22 sing N N 53  
ASN OXT HXT  sing N N 54  
ASP N   CA   sing N N 55  
ASP N   H    sing N N 56  
ASP N   H2   sing N N 57  
ASP CA  C    sing N N 58  
ASP CA  CB   sing N N 59  
ASP CA  HA   sing N N 60  
ASP C   O    doub N N 61  
ASP C   OXT  sing N N 62  
ASP CB  CG   sing N N 63  
ASP CB  HB2  sing N N 64  
ASP CB  HB3  sing N N 65  
ASP CG  OD1  doub N N 66  
ASP CG  OD2  sing N N 67  
ASP OD2 HD2  sing N N 68  
ASP OXT HXT  sing N N 69  
CYS N   CA   sing N N 70  
CYS N   H    sing N N 71  
CYS N   H2   sing N N 72  
CYS CA  C    sing N N 73  
CYS CA  CB   sing N N 74  
CYS CA  HA   sing N N 75  
CYS C   O    doub N N 76  
CYS C   OXT  sing N N 77  
CYS CB  SG   sing N N 78  
CYS CB  HB2  sing N N 79  
CYS CB  HB3  sing N N 80  
CYS SG  HG   sing N N 81  
CYS OXT HXT  sing N N 82  
GLN N   CA   sing N N 83  
GLN N   H    sing N N 84  
GLN N   H2   sing N N 85  
GLN CA  C    sing N N 86  
GLN CA  CB   sing N N 87  
GLN CA  HA   sing N N 88  
GLN C   O    doub N N 89  
GLN C   OXT  sing N N 90  
GLN CB  CG   sing N N 91  
GLN CB  HB2  sing N N 92  
GLN CB  HB3  sing N N 93  
GLN CG  CD   sing N N 94  
GLN CG  HG2  sing N N 95  
GLN CG  HG3  sing N N 96  
GLN CD  OE1  doub N N 97  
GLN CD  NE2  sing N N 98  
GLN NE2 HE21 sing N N 99  
GLN NE2 HE22 sing N N 100 
GLN OXT HXT  sing N N 101 
GLU N   CA   sing N N 102 
GLU N   H    sing N N 103 
GLU N   H2   sing N N 104 
GLU CA  C    sing N N 105 
GLU CA  CB   sing N N 106 
GLU CA  HA   sing N N 107 
GLU C   O    doub N N 108 
GLU C   OXT  sing N N 109 
GLU CB  CG   sing N N 110 
GLU CB  HB2  sing N N 111 
GLU CB  HB3  sing N N 112 
GLU CG  CD   sing N N 113 
GLU CG  HG2  sing N N 114 
GLU CG  HG3  sing N N 115 
GLU CD  OE1  doub N N 116 
GLU CD  OE2  sing N N 117 
GLU OE2 HE2  sing N N 118 
GLU OXT HXT  sing N N 119 
GLY N   CA   sing N N 120 
GLY N   H    sing N N 121 
GLY N   H2   sing N N 122 
GLY CA  C    sing N N 123 
GLY CA  HA2  sing N N 124 
GLY CA  HA3  sing N N 125 
GLY C   O    doub N N 126 
GLY C   OXT  sing N N 127 
GLY OXT HXT  sing N N 128 
HIS N   CA   sing N N 129 
HIS N   H    sing N N 130 
HIS N   H2   sing N N 131 
HIS CA  C    sing N N 132 
HIS CA  CB   sing N N 133 
HIS CA  HA   sing N N 134 
HIS C   O    doub N N 135 
HIS C   OXT  sing N N 136 
HIS CB  CG   sing N N 137 
HIS CB  HB2  sing N N 138 
HIS CB  HB3  sing N N 139 
HIS CG  ND1  sing Y N 140 
HIS CG  CD2  doub Y N 141 
HIS ND1 CE1  doub Y N 142 
HIS ND1 HD1  sing N N 143 
HIS CD2 NE2  sing Y N 144 
HIS CD2 HD2  sing N N 145 
HIS CE1 NE2  sing Y N 146 
HIS CE1 HE1  sing N N 147 
HIS NE2 HE2  sing N N 148 
HIS OXT HXT  sing N N 149 
HOH O   H1   sing N N 150 
HOH O   H2   sing N N 151 
ILE N   CA   sing N N 152 
ILE N   H    sing N N 153 
ILE N   H2   sing N N 154 
ILE CA  C    sing N N 155 
ILE CA  CB   sing N N 156 
ILE CA  HA   sing N N 157 
ILE C   O    doub N N 158 
ILE C   OXT  sing N N 159 
ILE CB  CG1  sing N N 160 
ILE CB  CG2  sing N N 161 
ILE CB  HB   sing N N 162 
ILE CG1 CD1  sing N N 163 
ILE CG1 HG12 sing N N 164 
ILE CG1 HG13 sing N N 165 
ILE CG2 HG21 sing N N 166 
ILE CG2 HG22 sing N N 167 
ILE CG2 HG23 sing N N 168 
ILE CD1 HD11 sing N N 169 
ILE CD1 HD12 sing N N 170 
ILE CD1 HD13 sing N N 171 
ILE OXT HXT  sing N N 172 
LEU N   CA   sing N N 173 
LEU N   H    sing N N 174 
LEU N   H2   sing N N 175 
LEU CA  C    sing N N 176 
LEU CA  CB   sing N N 177 
LEU CA  HA   sing N N 178 
LEU C   O    doub N N 179 
LEU C   OXT  sing N N 180 
LEU CB  CG   sing N N 181 
LEU CB  HB2  sing N N 182 
LEU CB  HB3  sing N N 183 
LEU CG  CD1  sing N N 184 
LEU CG  CD2  sing N N 185 
LEU CG  HG   sing N N 186 
LEU CD1 HD11 sing N N 187 
LEU CD1 HD12 sing N N 188 
LEU CD1 HD13 sing N N 189 
LEU CD2 HD21 sing N N 190 
LEU CD2 HD22 sing N N 191 
LEU CD2 HD23 sing N N 192 
LEU OXT HXT  sing N N 193 
LYS N   CA   sing N N 194 
LYS N   H    sing N N 195 
LYS N   H2   sing N N 196 
LYS CA  C    sing N N 197 
LYS CA  CB   sing N N 198 
LYS CA  HA   sing N N 199 
LYS C   O    doub N N 200 
LYS C   OXT  sing N N 201 
LYS CB  CG   sing N N 202 
LYS CB  HB2  sing N N 203 
LYS CB  HB3  sing N N 204 
LYS CG  CD   sing N N 205 
LYS CG  HG2  sing N N 206 
LYS CG  HG3  sing N N 207 
LYS CD  CE   sing N N 208 
LYS CD  HD2  sing N N 209 
LYS CD  HD3  sing N N 210 
LYS CE  NZ   sing N N 211 
LYS CE  HE2  sing N N 212 
LYS CE  HE3  sing N N 213 
LYS NZ  HZ1  sing N N 214 
LYS NZ  HZ2  sing N N 215 
LYS NZ  HZ3  sing N N 216 
LYS OXT HXT  sing N N 217 
MET N   CA   sing N N 218 
MET N   H    sing N N 219 
MET N   H2   sing N N 220 
MET CA  C    sing N N 221 
MET CA  CB   sing N N 222 
MET CA  HA   sing N N 223 
MET C   O    doub N N 224 
MET C   OXT  sing N N 225 
MET CB  CG   sing N N 226 
MET CB  HB2  sing N N 227 
MET CB  HB3  sing N N 228 
MET CG  SD   sing N N 229 
MET CG  HG2  sing N N 230 
MET CG  HG3  sing N N 231 
MET SD  CE   sing N N 232 
MET CE  HE1  sing N N 233 
MET CE  HE2  sing N N 234 
MET CE  HE3  sing N N 235 
MET OXT HXT  sing N N 236 
PHE N   CA   sing N N 237 
PHE N   H    sing N N 238 
PHE N   H2   sing N N 239 
PHE CA  C    sing N N 240 
PHE CA  CB   sing N N 241 
PHE CA  HA   sing N N 242 
PHE C   O    doub N N 243 
PHE C   OXT  sing N N 244 
PHE CB  CG   sing N N 245 
PHE CB  HB2  sing N N 246 
PHE CB  HB3  sing N N 247 
PHE CG  CD1  doub Y N 248 
PHE CG  CD2  sing Y N 249 
PHE CD1 CE1  sing Y N 250 
PHE CD1 HD1  sing N N 251 
PHE CD2 CE2  doub Y N 252 
PHE CD2 HD2  sing N N 253 
PHE CE1 CZ   doub Y N 254 
PHE CE1 HE1  sing N N 255 
PHE CE2 CZ   sing Y N 256 
PHE CE2 HE2  sing N N 257 
PHE CZ  HZ   sing N N 258 
PHE OXT HXT  sing N N 259 
PRO N   CA   sing N N 260 
PRO N   CD   sing N N 261 
PRO N   H    sing N N 262 
PRO CA  C    sing N N 263 
PRO CA  CB   sing N N 264 
PRO CA  HA   sing N N 265 
PRO C   O    doub N N 266 
PRO C   OXT  sing N N 267 
PRO CB  CG   sing N N 268 
PRO CB  HB2  sing N N 269 
PRO CB  HB3  sing N N 270 
PRO CG  CD   sing N N 271 
PRO CG  HG2  sing N N 272 
PRO CG  HG3  sing N N 273 
PRO CD  HD2  sing N N 274 
PRO CD  HD3  sing N N 275 
PRO OXT HXT  sing N N 276 
SER N   CA   sing N N 277 
SER N   H    sing N N 278 
SER N   H2   sing N N 279 
SER CA  C    sing N N 280 
SER CA  CB   sing N N 281 
SER CA  HA   sing N N 282 
SER C   O    doub N N 283 
SER C   OXT  sing N N 284 
SER CB  OG   sing N N 285 
SER CB  HB2  sing N N 286 
SER CB  HB3  sing N N 287 
SER OG  HG   sing N N 288 
SER OXT HXT  sing N N 289 
THR N   CA   sing N N 290 
THR N   H    sing N N 291 
THR N   H2   sing N N 292 
THR CA  C    sing N N 293 
THR CA  CB   sing N N 294 
THR CA  HA   sing N N 295 
THR C   O    doub N N 296 
THR C   OXT  sing N N 297 
THR CB  OG1  sing N N 298 
THR CB  CG2  sing N N 299 
THR CB  HB   sing N N 300 
THR OG1 HG1  sing N N 301 
THR CG2 HG21 sing N N 302 
THR CG2 HG22 sing N N 303 
THR CG2 HG23 sing N N 304 
THR OXT HXT  sing N N 305 
TYR N   CA   sing N N 306 
TYR N   H    sing N N 307 
TYR N   H2   sing N N 308 
TYR CA  C    sing N N 309 
TYR CA  CB   sing N N 310 
TYR CA  HA   sing N N 311 
TYR C   O    doub N N 312 
TYR C   OXT  sing N N 313 
TYR CB  CG   sing N N 314 
TYR CB  HB2  sing N N 315 
TYR CB  HB3  sing N N 316 
TYR CG  CD1  doub Y N 317 
TYR CG  CD2  sing Y N 318 
TYR CD1 CE1  sing Y N 319 
TYR CD1 HD1  sing N N 320 
TYR CD2 CE2  doub Y N 321 
TYR CD2 HD2  sing N N 322 
TYR CE1 CZ   doub Y N 323 
TYR CE1 HE1  sing N N 324 
TYR CE2 CZ   sing Y N 325 
TYR CE2 HE2  sing N N 326 
TYR CZ  OH   sing N N 327 
TYR OH  HH   sing N N 328 
TYR OXT HXT  sing N N 329 
VAL N   CA   sing N N 330 
VAL N   H    sing N N 331 
VAL N   H2   sing N N 332 
VAL CA  C    sing N N 333 
VAL CA  CB   sing N N 334 
VAL CA  HA   sing N N 335 
VAL C   O    doub N N 336 
VAL C   OXT  sing N N 337 
VAL CB  CG1  sing N N 338 
VAL CB  CG2  sing N N 339 
VAL CB  HB   sing N N 340 
VAL CG1 HG11 sing N N 341 
VAL CG1 HG12 sing N N 342 
VAL CG1 HG13 sing N N 343 
VAL CG2 HG21 sing N N 344 
VAL CG2 HG22 sing N N 345 
VAL CG2 HG23 sing N N 346 
VAL OXT HXT  sing N N 347 
# 
_pdbx_audit_support.funding_organization   'National Science Foundation (China)' 
_pdbx_audit_support.country                China 
_pdbx_audit_support.grant_number           3157110057 
_pdbx_audit_support.ordinal                1 
# 
_pdbx_entity_nonpoly.entity_id   2 
_pdbx_entity_nonpoly.name        water 
_pdbx_entity_nonpoly.comp_id     HOH 
# 
_pdbx_initial_refinement_model.id               1 
_pdbx_initial_refinement_model.entity_id_list   ? 
_pdbx_initial_refinement_model.type             'experimental model' 
_pdbx_initial_refinement_model.source_name      PDB 
_pdbx_initial_refinement_model.accession_code   3DXS 
_pdbx_initial_refinement_model.details          ? 
# 
_pdbx_struct_assembly_auth_evidence.id                     1 
_pdbx_struct_assembly_auth_evidence.assembly_id            1 
_pdbx_struct_assembly_auth_evidence.experimental_support   'gel filtration' 
_pdbx_struct_assembly_auth_evidence.details                ? 
# 
